data_1HA1
# 
_entry.id   1HA1 
# 
_audit_conform.dict_name       mmcif_pdbx.dic 
_audit_conform.dict_version    5.386 
_audit_conform.dict_location   http://mmcif.pdb.org/dictionaries/ascii/mmcif_pdbx.dic 
# 
loop_
_database_2.database_id 
_database_2.database_code 
_database_2.pdbx_database_accession 
_database_2.pdbx_DOI 
PDB   1HA1         pdb_00001ha1 10.2210/pdb1ha1/pdb 
WWPDB D_1000173739 ?            ?                   
# 
loop_
_pdbx_audit_revision_history.ordinal 
_pdbx_audit_revision_history.data_content_type 
_pdbx_audit_revision_history.major_revision 
_pdbx_audit_revision_history.minor_revision 
_pdbx_audit_revision_history.revision_date 
1 'Structure model' 1 0 1997-05-15 
2 'Structure model' 1 1 2008-03-24 
3 'Structure model' 1 2 2011-07-13 
4 'Structure model' 1 3 2024-02-07 
# 
_pdbx_audit_revision_details.ordinal             1 
_pdbx_audit_revision_details.revision_ordinal    1 
_pdbx_audit_revision_details.data_content_type   'Structure model' 
_pdbx_audit_revision_details.provider            repository 
_pdbx_audit_revision_details.type                'Initial release' 
_pdbx_audit_revision_details.description         ? 
_pdbx_audit_revision_details.details             ? 
# 
loop_
_pdbx_audit_revision_group.ordinal 
_pdbx_audit_revision_group.revision_ordinal 
_pdbx_audit_revision_group.data_content_type 
_pdbx_audit_revision_group.group 
1 2 'Structure model' 'Version format compliance' 
2 3 'Structure model' 'Version format compliance' 
3 4 'Structure model' 'Data collection'           
4 4 'Structure model' 'Database references'       
5 4 'Structure model' Other                       
# 
loop_
_pdbx_audit_revision_category.ordinal 
_pdbx_audit_revision_category.revision_ordinal 
_pdbx_audit_revision_category.data_content_type 
_pdbx_audit_revision_category.category 
1 4 'Structure model' chem_comp_atom       
2 4 'Structure model' chem_comp_bond       
3 4 'Structure model' database_2           
4 4 'Structure model' pdbx_database_status 
# 
loop_
_pdbx_audit_revision_item.ordinal 
_pdbx_audit_revision_item.revision_ordinal 
_pdbx_audit_revision_item.data_content_type 
_pdbx_audit_revision_item.item 
1 4 'Structure model' '_database_2.pdbx_DOI'                
2 4 'Structure model' '_database_2.pdbx_database_accession' 
3 4 'Structure model' '_pdbx_database_status.process_site'  
# 
_pdbx_database_status.status_code                     REL 
_pdbx_database_status.entry_id                        1HA1 
_pdbx_database_status.recvd_initial_deposition_date   1996-10-30 
_pdbx_database_status.deposit_site                    ? 
_pdbx_database_status.process_site                    BNL 
_pdbx_database_status.SG_entry                        . 
_pdbx_database_status.pdb_format_compatible           Y 
_pdbx_database_status.status_code_mr                  ? 
_pdbx_database_status.status_code_sf                  ? 
_pdbx_database_status.status_code_cs                  ? 
_pdbx_database_status.status_code_nmr_data            ? 
_pdbx_database_status.methods_development_category    ? 
# 
loop_
_audit_author.name 
_audit_author.pdbx_ordinal 
'Shamoo, Y.'     1 
'Krueger, U.'    2 
'Rice, L.'       3 
'Williams, K.R.' 4 
'Steitz, T.A.'   5 
# 
loop_
_citation.id 
_citation.title 
_citation.journal_abbrev 
_citation.journal_volume 
_citation.page_first 
_citation.page_last 
_citation.year 
_citation.journal_id_ASTM 
_citation.country 
_citation.journal_id_ISSN 
_citation.journal_id_CSD 
_citation.book_publisher 
_citation.pdbx_database_id_PubMed 
_citation.pdbx_database_id_DOI 
primary 'Crystal structure of the two RNA binding domains of human hnRNP A1 at 1.75 A resolution.' Nat.Struct.Biol. 4  215  222 
1997 NSBIEW US 1072-8368 2024 ? 9164463 10.1038/nsb0397-215 
1       
;Determination of the Secondary Structure and Folding Topology of an RNA Binding Domain of Mammalian Hnrnp A1 Protein Using Three-Dimensional Heteronuclear Magnetic Resonance Spectroscopy
;
Biochemistry     33 2852 ?   1994 BICHAW US 0006-2960 0033 ? ?       ?                   
# 
loop_
_citation_author.citation_id 
_citation_author.name 
_citation_author.ordinal 
_citation_author.identifier_ORCID 
primary 'Shamoo, Y.'       1  ? 
primary 'Krueger, U.'      2  ? 
primary 'Rice, L.M.'       3  ? 
primary 'Williams, K.R.'   4  ? 
primary 'Steitz, T.A.'     5  ? 
1       'Garrett, D.S.'    6  ? 
1       'Lodi, P.J.'       7  ? 
1       'Shamoo, Y.'       8  ? 
1       'Williams, K.R.'   9  ? 
1       'Clore, G.M.'      10 ? 
1       'Gronenborn, A.M.' 11 ? 
# 
loop_
_entity.id 
_entity.type 
_entity.src_method 
_entity.pdbx_description 
_entity.formula_weight 
_entity.pdbx_number_of_molecules 
_entity.pdbx_ec 
_entity.pdbx_mutation 
_entity.pdbx_fragment 
_entity.details 
1 polymer man 'HNRNP A1' 21052.734 1   ? ? 'HNRNP A1 (RBD1, RBD2)' ? 
2 water   nat water      18.015    170 ? ? ?                       ? 
# 
_entity_name_com.entity_id   1 
_entity_name_com.name        'HETEROGENEOUS NUCLEAR RIBONUCLEOPROTEIN A1, HNRNP A1 1-184' 
# 
_entity_poly.entity_id                      1 
_entity_poly.type                           'polypeptide(L)' 
_entity_poly.nstd_linkage                   no 
_entity_poly.nstd_monomer                   no 
_entity_poly.pdbx_seq_one_letter_code       
;MSKSESPKEPEQLRKLFIGGLSFETTDESLRSHFEQWGTLTDCVVMRDPNTKRSRGFGFVTYATVEEVDAAMNARPHKVD
GRVVEPKRAVSREDSQRPGAHLTVKKIFVGGIKEDTEEHHLRDYFEQYGKIEVIEIMTDRGSGKKRGFAFVTFDDHDSVD
KIVIQKYHTVNGHNCEVRKALSKQ
;
_entity_poly.pdbx_seq_one_letter_code_can   
;MSKSESPKEPEQLRKLFIGGLSFETTDESLRSHFEQWGTLTDCVVMRDPNTKRSRGFGFVTYATVEEVDAAMNARPHKVD
GRVVEPKRAVSREDSQRPGAHLTVKKIFVGGIKEDTEEHHLRDYFEQYGKIEVIEIMTDRGSGKKRGFAFVTFDDHDSVD
KIVIQKYHTVNGHNCEVRKALSKQ
;
_entity_poly.pdbx_strand_id                 A 
_entity_poly.pdbx_target_identifier         ? 
# 
_pdbx_entity_nonpoly.entity_id   2 
_pdbx_entity_nonpoly.name        water 
_pdbx_entity_nonpoly.comp_id     HOH 
# 
loop_
_entity_poly_seq.entity_id 
_entity_poly_seq.num 
_entity_poly_seq.mon_id 
_entity_poly_seq.hetero 
1 1   MET n 
1 2   SER n 
1 3   LYS n 
1 4   SER n 
1 5   GLU n 
1 6   SER n 
1 7   PRO n 
1 8   LYS n 
1 9   GLU n 
1 10  PRO n 
1 11  GLU n 
1 12  GLN n 
1 13  LEU n 
1 14  ARG n 
1 15  LYS n 
1 16  LEU n 
1 17  PHE n 
1 18  ILE n 
1 19  GLY n 
1 20  GLY n 
1 21  LEU n 
1 22  SER n 
1 23  PHE n 
1 24  GLU n 
1 25  THR n 
1 26  THR n 
1 27  ASP n 
1 28  GLU n 
1 29  SER n 
1 30  LEU n 
1 31  ARG n 
1 32  SER n 
1 33  HIS n 
1 34  PHE n 
1 35  GLU n 
1 36  GLN n 
1 37  TRP n 
1 38  GLY n 
1 39  THR n 
1 40  LEU n 
1 41  THR n 
1 42  ASP n 
1 43  CYS n 
1 44  VAL n 
1 45  VAL n 
1 46  MET n 
1 47  ARG n 
1 48  ASP n 
1 49  PRO n 
1 50  ASN n 
1 51  THR n 
1 52  LYS n 
1 53  ARG n 
1 54  SER n 
1 55  ARG n 
1 56  GLY n 
1 57  PHE n 
1 58  GLY n 
1 59  PHE n 
1 60  VAL n 
1 61  THR n 
1 62  TYR n 
1 63  ALA n 
1 64  THR n 
1 65  VAL n 
1 66  GLU n 
1 67  GLU n 
1 68  VAL n 
1 69  ASP n 
1 70  ALA n 
1 71  ALA n 
1 72  MET n 
1 73  ASN n 
1 74  ALA n 
1 75  ARG n 
1 76  PRO n 
1 77  HIS n 
1 78  LYS n 
1 79  VAL n 
1 80  ASP n 
1 81  GLY n 
1 82  ARG n 
1 83  VAL n 
1 84  VAL n 
1 85  GLU n 
1 86  PRO n 
1 87  LYS n 
1 88  ARG n 
1 89  ALA n 
1 90  VAL n 
1 91  SER n 
1 92  ARG n 
1 93  GLU n 
1 94  ASP n 
1 95  SER n 
1 96  GLN n 
1 97  ARG n 
1 98  PRO n 
1 99  GLY n 
1 100 ALA n 
1 101 HIS n 
1 102 LEU n 
1 103 THR n 
1 104 VAL n 
1 105 LYS n 
1 106 LYS n 
1 107 ILE n 
1 108 PHE n 
1 109 VAL n 
1 110 GLY n 
1 111 GLY n 
1 112 ILE n 
1 113 LYS n 
1 114 GLU n 
1 115 ASP n 
1 116 THR n 
1 117 GLU n 
1 118 GLU n 
1 119 HIS n 
1 120 HIS n 
1 121 LEU n 
1 122 ARG n 
1 123 ASP n 
1 124 TYR n 
1 125 PHE n 
1 126 GLU n 
1 127 GLN n 
1 128 TYR n 
1 129 GLY n 
1 130 LYS n 
1 131 ILE n 
1 132 GLU n 
1 133 VAL n 
1 134 ILE n 
1 135 GLU n 
1 136 ILE n 
1 137 MET n 
1 138 THR n 
1 139 ASP n 
1 140 ARG n 
1 141 GLY n 
1 142 SER n 
1 143 GLY n 
1 144 LYS n 
1 145 LYS n 
1 146 ARG n 
1 147 GLY n 
1 148 PHE n 
1 149 ALA n 
1 150 PHE n 
1 151 VAL n 
1 152 THR n 
1 153 PHE n 
1 154 ASP n 
1 155 ASP n 
1 156 HIS n 
1 157 ASP n 
1 158 SER n 
1 159 VAL n 
1 160 ASP n 
1 161 LYS n 
1 162 ILE n 
1 163 VAL n 
1 164 ILE n 
1 165 GLN n 
1 166 LYS n 
1 167 TYR n 
1 168 HIS n 
1 169 THR n 
1 170 VAL n 
1 171 ASN n 
1 172 GLY n 
1 173 HIS n 
1 174 ASN n 
1 175 CYS n 
1 176 GLU n 
1 177 VAL n 
1 178 ARG n 
1 179 LYS n 
1 180 ALA n 
1 181 LEU n 
1 182 SER n 
1 183 LYS n 
1 184 GLN n 
# 
_entity_src_gen.entity_id                          1 
_entity_src_gen.pdbx_src_id                        1 
_entity_src_gen.pdbx_alt_source_flag               sample 
_entity_src_gen.pdbx_seq_type                      ? 
_entity_src_gen.pdbx_beg_seq_num                   ? 
_entity_src_gen.pdbx_end_seq_num                   ? 
_entity_src_gen.gene_src_common_name               human 
_entity_src_gen.gene_src_genus                     Homo 
_entity_src_gen.pdbx_gene_src_gene                 ? 
_entity_src_gen.gene_src_species                   ? 
_entity_src_gen.gene_src_strain                    ? 
_entity_src_gen.gene_src_tissue                    ? 
_entity_src_gen.gene_src_tissue_fraction           ? 
_entity_src_gen.gene_src_details                   ? 
_entity_src_gen.pdbx_gene_src_fragment             ? 
_entity_src_gen.pdbx_gene_src_scientific_name      'Homo sapiens' 
_entity_src_gen.pdbx_gene_src_ncbi_taxonomy_id     9606 
_entity_src_gen.pdbx_gene_src_variant              ? 
_entity_src_gen.pdbx_gene_src_cell_line            ? 
_entity_src_gen.pdbx_gene_src_atcc                 ? 
_entity_src_gen.pdbx_gene_src_organ                ? 
_entity_src_gen.pdbx_gene_src_organelle            ? 
_entity_src_gen.pdbx_gene_src_cell                 ? 
_entity_src_gen.pdbx_gene_src_cellular_location    NUCLEUS 
_entity_src_gen.host_org_common_name               ? 
_entity_src_gen.pdbx_host_org_scientific_name      'Escherichia coli' 
_entity_src_gen.pdbx_host_org_ncbi_taxonomy_id     562 
_entity_src_gen.host_org_genus                     Escherichia 
_entity_src_gen.pdbx_host_org_gene                 ? 
_entity_src_gen.pdbx_host_org_organ                ? 
_entity_src_gen.host_org_species                   ? 
_entity_src_gen.pdbx_host_org_tissue               ? 
_entity_src_gen.pdbx_host_org_tissue_fraction      ? 
_entity_src_gen.pdbx_host_org_strain               ? 
_entity_src_gen.pdbx_host_org_variant              ? 
_entity_src_gen.pdbx_host_org_cell_line            ? 
_entity_src_gen.pdbx_host_org_atcc                 ? 
_entity_src_gen.pdbx_host_org_culture_collection   ? 
_entity_src_gen.pdbx_host_org_cell                 ? 
_entity_src_gen.pdbx_host_org_organelle            ? 
_entity_src_gen.pdbx_host_org_cellular_location    ? 
_entity_src_gen.pdbx_host_org_vector_type          PLASMID 
_entity_src_gen.pdbx_host_org_vector               PET15B 
_entity_src_gen.host_org_details                   ? 
_entity_src_gen.expression_system_id               ? 
_entity_src_gen.plasmid_name                       PA1_1-184 
_entity_src_gen.plasmid_details                    ? 
_entity_src_gen.pdbx_description                   ? 
# 
loop_
_chem_comp.id 
_chem_comp.type 
_chem_comp.mon_nstd_flag 
_chem_comp.name 
_chem_comp.pdbx_synonyms 
_chem_comp.formula 
_chem_comp.formula_weight 
ALA 'L-peptide linking' y ALANINE         ? 'C3 H7 N O2'     89.093  
ARG 'L-peptide linking' y ARGININE        ? 'C6 H15 N4 O2 1' 175.209 
ASN 'L-peptide linking' y ASPARAGINE      ? 'C4 H8 N2 O3'    132.118 
ASP 'L-peptide linking' y 'ASPARTIC ACID' ? 'C4 H7 N O4'     133.103 
CYS 'L-peptide linking' y CYSTEINE        ? 'C3 H7 N O2 S'   121.158 
GLN 'L-peptide linking' y GLUTAMINE       ? 'C5 H10 N2 O3'   146.144 
GLU 'L-peptide linking' y 'GLUTAMIC ACID' ? 'C5 H9 N O4'     147.129 
GLY 'peptide linking'   y GLYCINE         ? 'C2 H5 N O2'     75.067  
HIS 'L-peptide linking' y HISTIDINE       ? 'C6 H10 N3 O2 1' 156.162 
HOH non-polymer         . WATER           ? 'H2 O'           18.015  
ILE 'L-peptide linking' y ISOLEUCINE      ? 'C6 H13 N O2'    131.173 
LEU 'L-peptide linking' y LEUCINE         ? 'C6 H13 N O2'    131.173 
LYS 'L-peptide linking' y LYSINE          ? 'C6 H15 N2 O2 1' 147.195 
MET 'L-peptide linking' y METHIONINE      ? 'C5 H11 N O2 S'  149.211 
PHE 'L-peptide linking' y PHENYLALANINE   ? 'C9 H11 N O2'    165.189 
PRO 'L-peptide linking' y PROLINE         ? 'C5 H9 N O2'     115.130 
SER 'L-peptide linking' y SERINE          ? 'C3 H7 N O3'     105.093 
THR 'L-peptide linking' y THREONINE       ? 'C4 H9 N O3'     119.119 
TRP 'L-peptide linking' y TRYPTOPHAN      ? 'C11 H12 N2 O2'  204.225 
TYR 'L-peptide linking' y TYROSINE        ? 'C9 H11 N O3'    181.189 
VAL 'L-peptide linking' y VALINE          ? 'C5 H11 N O2'    117.146 
# 
loop_
_pdbx_poly_seq_scheme.asym_id 
_pdbx_poly_seq_scheme.entity_id 
_pdbx_poly_seq_scheme.seq_id 
_pdbx_poly_seq_scheme.mon_id 
_pdbx_poly_seq_scheme.ndb_seq_num 
_pdbx_poly_seq_scheme.pdb_seq_num 
_pdbx_poly_seq_scheme.auth_seq_num 
_pdbx_poly_seq_scheme.pdb_mon_id 
_pdbx_poly_seq_scheme.auth_mon_id 
_pdbx_poly_seq_scheme.pdb_strand_id 
_pdbx_poly_seq_scheme.pdb_ins_code 
_pdbx_poly_seq_scheme.hetero 
A 1 1   MET 1   0   ?   ?   ?   A . n 
A 1 2   SER 2   1   ?   ?   ?   A . n 
A 1 3   LYS 3   2   ?   ?   ?   A . n 
A 1 4   SER 4   3   ?   ?   ?   A . n 
A 1 5   GLU 5   4   ?   ?   ?   A . n 
A 1 6   SER 6   5   ?   ?   ?   A . n 
A 1 7   PRO 7   6   ?   ?   ?   A . n 
A 1 8   LYS 8   7   ?   ?   ?   A . n 
A 1 9   GLU 9   8   8   GLU GLU A . n 
A 1 10  PRO 10  9   9   PRO PRO A . n 
A 1 11  GLU 11  10  10  GLU GLU A . n 
A 1 12  GLN 12  11  11  GLN GLN A . n 
A 1 13  LEU 13  12  12  LEU LEU A . n 
A 1 14  ARG 14  13  13  ARG ARG A . n 
A 1 15  LYS 15  14  14  LYS LYS A . n 
A 1 16  LEU 16  15  15  LEU LEU A . n 
A 1 17  PHE 17  16  16  PHE PHE A . n 
A 1 18  ILE 18  17  17  ILE ILE A . n 
A 1 19  GLY 19  18  18  GLY GLY A . n 
A 1 20  GLY 20  19  19  GLY GLY A . n 
A 1 21  LEU 21  20  20  LEU LEU A . n 
A 1 22  SER 22  21  21  SER SER A . n 
A 1 23  PHE 23  22  22  PHE PHE A . n 
A 1 24  GLU 24  23  23  GLU GLU A . n 
A 1 25  THR 25  24  24  THR THR A . n 
A 1 26  THR 26  25  25  THR THR A . n 
A 1 27  ASP 27  26  26  ASP ASP A . n 
A 1 28  GLU 28  27  27  GLU GLU A . n 
A 1 29  SER 29  28  28  SER SER A . n 
A 1 30  LEU 30  29  29  LEU LEU A . n 
A 1 31  ARG 31  30  30  ARG ARG A . n 
A 1 32  SER 32  31  31  SER SER A . n 
A 1 33  HIS 33  32  32  HIS HIS A . n 
A 1 34  PHE 34  33  33  PHE PHE A . n 
A 1 35  GLU 35  34  34  GLU GLU A . n 
A 1 36  GLN 36  35  35  GLN GLN A . n 
A 1 37  TRP 37  36  36  TRP TRP A . n 
A 1 38  GLY 38  37  37  GLY GLY A . n 
A 1 39  THR 39  38  38  THR THR A . n 
A 1 40  LEU 40  39  39  LEU LEU A . n 
A 1 41  THR 41  40  40  THR THR A . n 
A 1 42  ASP 42  41  41  ASP ASP A . n 
A 1 43  CYS 43  42  42  CYS CYS A . n 
A 1 44  VAL 44  43  43  VAL VAL A . n 
A 1 45  VAL 45  44  44  VAL VAL A . n 
A 1 46  MET 46  45  45  MET MET A . n 
A 1 47  ARG 47  46  46  ARG ARG A . n 
A 1 48  ASP 48  47  47  ASP ASP A . n 
A 1 49  PRO 49  48  48  PRO PRO A . n 
A 1 50  ASN 50  49  49  ASN ASN A . n 
A 1 51  THR 51  50  50  THR THR A . n 
A 1 52  LYS 52  51  51  LYS LYS A . n 
A 1 53  ARG 53  52  52  ARG ARG A . n 
A 1 54  SER 54  53  53  SER SER A . n 
A 1 55  ARG 55  54  54  ARG ARG A . n 
A 1 56  GLY 56  55  55  GLY GLY A . n 
A 1 57  PHE 57  56  56  PHE PHE A . n 
A 1 58  GLY 58  57  57  GLY GLY A . n 
A 1 59  PHE 59  58  58  PHE PHE A . n 
A 1 60  VAL 60  59  59  VAL VAL A . n 
A 1 61  THR 61  60  60  THR THR A . n 
A 1 62  TYR 62  61  61  TYR TYR A . n 
A 1 63  ALA 63  62  62  ALA ALA A . n 
A 1 64  THR 64  63  63  THR THR A . n 
A 1 65  VAL 65  64  64  VAL VAL A . n 
A 1 66  GLU 66  65  65  GLU GLU A . n 
A 1 67  GLU 67  66  66  GLU GLU A . n 
A 1 68  VAL 68  67  67  VAL VAL A . n 
A 1 69  ASP 69  68  68  ASP ASP A . n 
A 1 70  ALA 70  69  69  ALA ALA A . n 
A 1 71  ALA 71  70  70  ALA ALA A . n 
A 1 72  MET 72  71  71  MET MET A . n 
A 1 73  ASN 73  72  72  ASN ASN A . n 
A 1 74  ALA 74  73  73  ALA ALA A . n 
A 1 75  ARG 75  74  74  ARG ARG A . n 
A 1 76  PRO 76  75  75  PRO PRO A . n 
A 1 77  HIS 77  76  76  HIS HIS A . n 
A 1 78  LYS 78  77  77  LYS LYS A . n 
A 1 79  VAL 79  78  78  VAL VAL A . n 
A 1 80  ASP 80  79  79  ASP ASP A . n 
A 1 81  GLY 81  80  80  GLY GLY A . n 
A 1 82  ARG 82  81  81  ARG ARG A . n 
A 1 83  VAL 83  82  82  VAL VAL A . n 
A 1 84  VAL 84  83  83  VAL VAL A . n 
A 1 85  GLU 85  84  84  GLU GLU A . n 
A 1 86  PRO 86  85  85  PRO PRO A . n 
A 1 87  LYS 87  86  86  LYS LYS A . n 
A 1 88  ARG 88  87  87  ARG ARG A . n 
A 1 89  ALA 89  88  88  ALA ALA A . n 
A 1 90  VAL 90  89  89  VAL VAL A . n 
A 1 91  SER 91  90  90  SER SER A . n 
A 1 92  ARG 92  91  91  ARG ARG A . n 
A 1 93  GLU 93  92  92  GLU GLU A . n 
A 1 94  ASP 94  93  ?   ?   ?   A . n 
A 1 95  SER 95  94  ?   ?   ?   A . n 
A 1 96  GLN 96  95  ?   ?   ?   A . n 
A 1 97  ARG 97  96  ?   ?   ?   A . n 
A 1 98  PRO 98  97  ?   ?   ?   A . n 
A 1 99  GLY 99  98  ?   ?   ?   A . n 
A 1 100 ALA 100 99  99  ALA ALA A . n 
A 1 101 HIS 101 100 100 HIS HIS A . n 
A 1 102 LEU 102 101 101 LEU LEU A . n 
A 1 103 THR 103 102 102 THR THR A . n 
A 1 104 VAL 104 103 103 VAL VAL A . n 
A 1 105 LYS 105 104 104 LYS LYS A . n 
A 1 106 LYS 106 105 105 LYS LYS A . n 
A 1 107 ILE 107 106 106 ILE ILE A . n 
A 1 108 PHE 108 107 107 PHE PHE A . n 
A 1 109 VAL 109 108 108 VAL VAL A . n 
A 1 110 GLY 110 109 109 GLY GLY A . n 
A 1 111 GLY 111 110 110 GLY GLY A . n 
A 1 112 ILE 112 111 111 ILE ILE A . n 
A 1 113 LYS 113 112 112 LYS LYS A . n 
A 1 114 GLU 114 113 113 GLU GLU A . n 
A 1 115 ASP 115 114 114 ASP ASP A . n 
A 1 116 THR 116 115 115 THR THR A . n 
A 1 117 GLU 117 116 116 GLU GLU A . n 
A 1 118 GLU 118 117 117 GLU GLU A . n 
A 1 119 HIS 119 118 118 HIS HIS A . n 
A 1 120 HIS 120 119 119 HIS HIS A . n 
A 1 121 LEU 121 120 120 LEU LEU A . n 
A 1 122 ARG 122 121 121 ARG ARG A . n 
A 1 123 ASP 123 122 122 ASP ASP A . n 
A 1 124 TYR 124 123 123 TYR TYR A . n 
A 1 125 PHE 125 124 124 PHE PHE A . n 
A 1 126 GLU 126 125 125 GLU GLU A . n 
A 1 127 GLN 127 126 126 GLN GLN A . n 
A 1 128 TYR 128 127 127 TYR TYR A . n 
A 1 129 GLY 129 128 128 GLY GLY A . n 
A 1 130 LYS 130 129 129 LYS LYS A . n 
A 1 131 ILE 131 130 130 ILE ILE A . n 
A 1 132 GLU 132 131 131 GLU GLU A . n 
A 1 133 VAL 133 132 132 VAL VAL A . n 
A 1 134 ILE 134 133 133 ILE ILE A . n 
A 1 135 GLU 135 134 134 GLU GLU A . n 
A 1 136 ILE 136 135 135 ILE ILE A . n 
A 1 137 MET 137 136 136 MET MET A . n 
A 1 138 THR 138 137 137 THR THR A . n 
A 1 139 ASP 139 138 138 ASP ASP A . n 
A 1 140 ARG 140 139 139 ARG ARG A . n 
A 1 141 GLY 141 140 140 GLY GLY A . n 
A 1 142 SER 142 141 141 SER SER A . n 
A 1 143 GLY 143 142 142 GLY GLY A . n 
A 1 144 LYS 144 143 143 LYS LYS A . n 
A 1 145 LYS 145 144 144 LYS LYS A . n 
A 1 146 ARG 146 145 145 ARG ARG A . n 
A 1 147 GLY 147 146 146 GLY GLY A . n 
A 1 148 PHE 148 147 147 PHE PHE A . n 
A 1 149 ALA 149 148 148 ALA ALA A . n 
A 1 150 PHE 150 149 149 PHE PHE A . n 
A 1 151 VAL 151 150 150 VAL VAL A . n 
A 1 152 THR 152 151 151 THR THR A . n 
A 1 153 PHE 153 152 152 PHE PHE A . n 
A 1 154 ASP 154 153 153 ASP ASP A . n 
A 1 155 ASP 155 154 154 ASP ASP A . n 
A 1 156 HIS 156 155 155 HIS HIS A . n 
A 1 157 ASP 157 156 156 ASP ASP A . n 
A 1 158 SER 158 157 157 SER SER A . n 
A 1 159 VAL 159 158 158 VAL VAL A . n 
A 1 160 ASP 160 159 159 ASP ASP A . n 
A 1 161 LYS 161 160 160 LYS LYS A . n 
A 1 162 ILE 162 161 161 ILE ILE A . n 
A 1 163 VAL 163 162 162 VAL VAL A . n 
A 1 164 ILE 164 163 163 ILE ILE A . n 
A 1 165 GLN 165 164 164 GLN GLN A . n 
A 1 166 LYS 166 165 165 LYS LYS A . n 
A 1 167 TYR 167 166 166 TYR TYR A . n 
A 1 168 HIS 168 167 167 HIS HIS A . n 
A 1 169 THR 169 168 168 THR THR A . n 
A 1 170 VAL 170 169 169 VAL VAL A . n 
A 1 171 ASN 171 170 170 ASN ASN A . n 
A 1 172 GLY 172 171 171 GLY GLY A . n 
A 1 173 HIS 173 172 172 HIS HIS A . n 
A 1 174 ASN 174 173 173 ASN ASN A . n 
A 1 175 CYS 175 174 174 CYS CYS A . n 
A 1 176 GLU 176 175 175 GLU GLU A . n 
A 1 177 VAL 177 176 176 VAL VAL A . n 
A 1 178 ARG 178 177 177 ARG ARG A . n 
A 1 179 LYS 179 178 178 LYS LYS A . n 
A 1 180 ALA 180 179 179 ALA ALA A . n 
A 1 181 LEU 181 180 180 LEU LEU A . n 
A 1 182 SER 182 181 ?   ?   ?   A . n 
A 1 183 LYS 183 182 ?   ?   ?   A . n 
A 1 184 GLN 184 183 ?   ?   ?   A . n 
# 
loop_
_pdbx_nonpoly_scheme.asym_id 
_pdbx_nonpoly_scheme.entity_id 
_pdbx_nonpoly_scheme.mon_id 
_pdbx_nonpoly_scheme.ndb_seq_num 
_pdbx_nonpoly_scheme.pdb_seq_num 
_pdbx_nonpoly_scheme.auth_seq_num 
_pdbx_nonpoly_scheme.pdb_mon_id 
_pdbx_nonpoly_scheme.auth_mon_id 
_pdbx_nonpoly_scheme.pdb_strand_id 
_pdbx_nonpoly_scheme.pdb_ins_code 
B 2 HOH 1   184 1   HOH HOH A . 
B 2 HOH 2   185 2   HOH HOH A . 
B 2 HOH 3   186 3   HOH HOH A . 
B 2 HOH 4   187 4   HOH HOH A . 
B 2 HOH 5   188 5   HOH HOH A . 
B 2 HOH 6   189 6   HOH HOH A . 
B 2 HOH 7   190 7   HOH HOH A . 
B 2 HOH 8   191 8   HOH HOH A . 
B 2 HOH 9   192 9   HOH HOH A . 
B 2 HOH 10  193 10  HOH HOH A . 
B 2 HOH 11  194 11  HOH HOH A . 
B 2 HOH 12  195 12  HOH HOH A . 
B 2 HOH 13  196 13  HOH HOH A . 
B 2 HOH 14  197 14  HOH HOH A . 
B 2 HOH 15  198 15  HOH HOH A . 
B 2 HOH 16  199 16  HOH HOH A . 
B 2 HOH 17  200 17  HOH HOH A . 
B 2 HOH 18  201 18  HOH HOH A . 
B 2 HOH 19  202 19  HOH HOH A . 
B 2 HOH 20  203 20  HOH HOH A . 
B 2 HOH 21  204 21  HOH HOH A . 
B 2 HOH 22  205 22  HOH HOH A . 
B 2 HOH 23  206 23  HOH HOH A . 
B 2 HOH 24  207 24  HOH HOH A . 
B 2 HOH 25  208 25  HOH HOH A . 
B 2 HOH 26  209 26  HOH HOH A . 
B 2 HOH 27  210 27  HOH HOH A . 
B 2 HOH 28  211 28  HOH HOH A . 
B 2 HOH 29  212 29  HOH HOH A . 
B 2 HOH 30  213 30  HOH HOH A . 
B 2 HOH 31  214 31  HOH HOH A . 
B 2 HOH 32  215 32  HOH HOH A . 
B 2 HOH 33  216 33  HOH HOH A . 
B 2 HOH 34  217 34  HOH HOH A . 
B 2 HOH 35  218 35  HOH HOH A . 
B 2 HOH 36  219 36  HOH HOH A . 
B 2 HOH 37  220 37  HOH HOH A . 
B 2 HOH 38  221 38  HOH HOH A . 
B 2 HOH 39  222 39  HOH HOH A . 
B 2 HOH 40  223 40  HOH HOH A . 
B 2 HOH 41  224 41  HOH HOH A . 
B 2 HOH 42  225 42  HOH HOH A . 
B 2 HOH 43  226 43  HOH HOH A . 
B 2 HOH 44  227 45  HOH HOH A . 
B 2 HOH 45  228 46  HOH HOH A . 
B 2 HOH 46  229 47  HOH HOH A . 
B 2 HOH 47  230 48  HOH HOH A . 
B 2 HOH 48  231 49  HOH HOH A . 
B 2 HOH 49  232 50  HOH HOH A . 
B 2 HOH 50  233 51  HOH HOH A . 
B 2 HOH 51  234 52  HOH HOH A . 
B 2 HOH 52  235 53  HOH HOH A . 
B 2 HOH 53  236 54  HOH HOH A . 
B 2 HOH 54  237 55  HOH HOH A . 
B 2 HOH 55  238 56  HOH HOH A . 
B 2 HOH 56  239 57  HOH HOH A . 
B 2 HOH 57  240 58  HOH HOH A . 
B 2 HOH 58  241 59  HOH HOH A . 
B 2 HOH 59  242 60  HOH HOH A . 
B 2 HOH 60  243 61  HOH HOH A . 
B 2 HOH 61  244 62  HOH HOH A . 
B 2 HOH 62  245 63  HOH HOH A . 
B 2 HOH 63  246 65  HOH HOH A . 
B 2 HOH 64  247 66  HOH HOH A . 
B 2 HOH 65  248 67  HOH HOH A . 
B 2 HOH 66  249 68  HOH HOH A . 
B 2 HOH 67  250 69  HOH HOH A . 
B 2 HOH 68  251 70  HOH HOH A . 
B 2 HOH 69  252 71  HOH HOH A . 
B 2 HOH 70  253 72  HOH HOH A . 
B 2 HOH 71  254 73  HOH HOH A . 
B 2 HOH 72  255 75  HOH HOH A . 
B 2 HOH 73  256 76  HOH HOH A . 
B 2 HOH 74  257 77  HOH HOH A . 
B 2 HOH 75  258 78  HOH HOH A . 
B 2 HOH 76  259 79  HOH HOH A . 
B 2 HOH 77  260 80  HOH HOH A . 
B 2 HOH 78  261 81  HOH HOH A . 
B 2 HOH 79  262 82  HOH HOH A . 
B 2 HOH 80  263 83  HOH HOH A . 
B 2 HOH 81  264 84  HOH HOH A . 
B 2 HOH 82  265 85  HOH HOH A . 
B 2 HOH 83  266 86  HOH HOH A . 
B 2 HOH 84  267 87  HOH HOH A . 
B 2 HOH 85  268 88  HOH HOH A . 
B 2 HOH 86  269 89  HOH HOH A . 
B 2 HOH 87  270 90  HOH HOH A . 
B 2 HOH 88  271 91  HOH HOH A . 
B 2 HOH 89  272 92  HOH HOH A . 
B 2 HOH 90  273 93  HOH HOH A . 
B 2 HOH 91  274 94  HOH HOH A . 
B 2 HOH 92  275 95  HOH HOH A . 
B 2 HOH 93  276 96  HOH HOH A . 
B 2 HOH 94  277 97  HOH HOH A . 
B 2 HOH 95  278 98  HOH HOH A . 
B 2 HOH 96  279 99  HOH HOH A . 
B 2 HOH 97  280 100 HOH HOH A . 
B 2 HOH 98  281 101 HOH HOH A . 
B 2 HOH 99  282 102 HOH HOH A . 
B 2 HOH 100 283 103 HOH HOH A . 
B 2 HOH 101 284 104 HOH HOH A . 
B 2 HOH 102 285 105 HOH HOH A . 
B 2 HOH 103 286 106 HOH HOH A . 
B 2 HOH 104 287 107 HOH HOH A . 
B 2 HOH 105 288 108 HOH HOH A . 
B 2 HOH 106 289 109 HOH HOH A . 
B 2 HOH 107 290 110 HOH HOH A . 
B 2 HOH 108 291 111 HOH HOH A . 
B 2 HOH 109 292 112 HOH HOH A . 
B 2 HOH 110 293 113 HOH HOH A . 
B 2 HOH 111 294 114 HOH HOH A . 
B 2 HOH 112 295 115 HOH HOH A . 
B 2 HOH 113 296 116 HOH HOH A . 
B 2 HOH 114 297 117 HOH HOH A . 
B 2 HOH 115 298 118 HOH HOH A . 
B 2 HOH 116 299 119 HOH HOH A . 
B 2 HOH 117 300 120 HOH HOH A . 
B 2 HOH 118 301 121 HOH HOH A . 
B 2 HOH 119 302 122 HOH HOH A . 
B 2 HOH 120 303 123 HOH HOH A . 
B 2 HOH 121 304 124 HOH HOH A . 
B 2 HOH 122 305 125 HOH HOH A . 
B 2 HOH 123 306 126 HOH HOH A . 
B 2 HOH 124 307 127 HOH HOH A . 
B 2 HOH 125 308 129 HOH HOH A . 
B 2 HOH 126 309 130 HOH HOH A . 
B 2 HOH 127 310 131 HOH HOH A . 
B 2 HOH 128 311 132 HOH HOH A . 
B 2 HOH 129 312 133 HOH HOH A . 
B 2 HOH 130 313 135 HOH HOH A . 
B 2 HOH 131 314 136 HOH HOH A . 
B 2 HOH 132 315 137 HOH HOH A . 
B 2 HOH 133 316 138 HOH HOH A . 
B 2 HOH 134 317 139 HOH HOH A . 
B 2 HOH 135 318 141 HOH HOH A . 
B 2 HOH 136 319 142 HOH HOH A . 
B 2 HOH 137 320 143 HOH HOH A . 
B 2 HOH 138 321 144 HOH HOH A . 
B 2 HOH 139 322 145 HOH HOH A . 
B 2 HOH 140 323 146 HOH HOH A . 
B 2 HOH 141 324 147 HOH HOH A . 
B 2 HOH 142 325 148 HOH HOH A . 
B 2 HOH 143 326 149 HOH HOH A . 
B 2 HOH 144 327 151 HOH HOH A . 
B 2 HOH 145 328 152 HOH HOH A . 
B 2 HOH 146 329 153 HOH HOH A . 
B 2 HOH 147 330 154 HOH HOH A . 
B 2 HOH 148 331 155 HOH HOH A . 
B 2 HOH 149 332 156 HOH HOH A . 
B 2 HOH 150 333 157 HOH HOH A . 
B 2 HOH 151 334 158 HOH HOH A . 
B 2 HOH 152 335 159 HOH HOH A . 
B 2 HOH 153 336 160 HOH HOH A . 
B 2 HOH 154 337 163 HOH HOH A . 
B 2 HOH 155 338 164 HOH HOH A . 
B 2 HOH 156 339 166 HOH HOH A . 
B 2 HOH 157 340 167 HOH HOH A . 
B 2 HOH 158 341 169 HOH HOH A . 
B 2 HOH 159 342 170 HOH HOH A . 
B 2 HOH 160 343 171 HOH HOH A . 
B 2 HOH 161 344 172 HOH HOH A . 
B 2 HOH 162 345 173 HOH HOH A . 
B 2 HOH 163 346 174 HOH HOH A . 
B 2 HOH 164 347 175 HOH HOH A . 
B 2 HOH 165 348 176 HOH HOH A . 
B 2 HOH 166 349 177 HOH HOH A . 
B 2 HOH 167 350 178 HOH HOH A . 
B 2 HOH 168 351 179 HOH HOH A . 
B 2 HOH 169 352 181 HOH HOH A . 
B 2 HOH 170 353 182 HOH HOH A . 
# 
loop_
_pdbx_unobs_or_zero_occ_atoms.id 
_pdbx_unobs_or_zero_occ_atoms.PDB_model_num 
_pdbx_unobs_or_zero_occ_atoms.polymer_flag 
_pdbx_unobs_or_zero_occ_atoms.occupancy_flag 
_pdbx_unobs_or_zero_occ_atoms.auth_asym_id 
_pdbx_unobs_or_zero_occ_atoms.auth_comp_id 
_pdbx_unobs_or_zero_occ_atoms.auth_seq_id 
_pdbx_unobs_or_zero_occ_atoms.PDB_ins_code 
_pdbx_unobs_or_zero_occ_atoms.auth_atom_id 
_pdbx_unobs_or_zero_occ_atoms.label_alt_id 
_pdbx_unobs_or_zero_occ_atoms.label_asym_id 
_pdbx_unobs_or_zero_occ_atoms.label_comp_id 
_pdbx_unobs_or_zero_occ_atoms.label_seq_id 
_pdbx_unobs_or_zero_occ_atoms.label_atom_id 
1  1 Y 1 A SER 90 ? OG  ? A SER 91 OG  
2  1 Y 1 A ARG 91 ? CG  ? A ARG 92 CG  
3  1 Y 1 A ARG 91 ? CD  ? A ARG 92 CD  
4  1 Y 1 A ARG 91 ? NE  ? A ARG 92 NE  
5  1 Y 1 A ARG 91 ? CZ  ? A ARG 92 CZ  
6  1 Y 1 A ARG 91 ? NH1 ? A ARG 92 NH1 
7  1 Y 1 A ARG 91 ? NH2 ? A ARG 92 NH2 
8  1 Y 1 A GLU 92 ? CG  ? A GLU 93 CG  
9  1 Y 1 A GLU 92 ? CD  ? A GLU 93 CD  
10 1 Y 1 A GLU 92 ? OE1 ? A GLU 93 OE1 
11 1 Y 1 A GLU 92 ? OE2 ? A GLU 93 OE2 
# 
loop_
_software.name 
_software.classification 
_software.version 
_software.citation_id 
_software.pdbx_ordinal 
X-PLOR    'model building' 3.843 ? 1 
X-PLOR    refinement       3.843 ? 2 
DENZO     'data reduction' .     ? 3 
SCALEPACK 'data scaling'   .     ? 4 
X-PLOR    phasing          3.843 ? 5 
# 
_cell.entry_id           1HA1 
_cell.length_a           37.600 
_cell.length_b           43.500 
_cell.length_c           55.500 
_cell.angle_alpha        90.00 
_cell.angle_beta         94.70 
_cell.angle_gamma        90.00 
_cell.Z_PDB              2 
_cell.pdbx_unique_axis   ? 
# 
_symmetry.entry_id                         1HA1 
_symmetry.space_group_name_H-M             'P 1 21 1' 
_symmetry.pdbx_full_space_group_name_H-M   ? 
_symmetry.cell_setting                     ? 
_symmetry.Int_Tables_number                4 
# 
_exptl.entry_id          1HA1 
_exptl.method            'X-RAY DIFFRACTION' 
_exptl.crystals_number   1 
# 
_exptl_crystal.id                    1 
_exptl_crystal.density_meas          ? 
_exptl_crystal.density_Matthews      2.15 
_exptl_crystal.density_percent_sol   40. 
_exptl_crystal.description           ? 
# 
_exptl_crystal_grow.crystal_id      1 
_exptl_crystal_grow.method          ? 
_exptl_crystal_grow.temp            ? 
_exptl_crystal_grow.temp_details    ? 
_exptl_crystal_grow.pH              8.1 
_exptl_crystal_grow.pdbx_pH_range   ? 
_exptl_crystal_grow.pdbx_details    
'PROTEIN WAS CRYSTALLIZED FROM 30% PEG 1500, 50 MM NACL, 20 MM TRIS 8.1, THEN MOVED TO 15% ETHYLENE GLYCOL FOR FREEZING.' 
# 
_diffrn.id                     1 
_diffrn.ambient_temp           100 
_diffrn.ambient_temp_details   ? 
_diffrn.crystal_id             1 
# 
_diffrn_detector.diffrn_id              1 
_diffrn_detector.detector               'IMAGE PLATE AREA DETECTOR' 
_diffrn_detector.type                   MARRESEARCH 
_diffrn_detector.pdbx_collection_date   1996-06 
_diffrn_detector.details                'BENDING MIRRORS' 
# 
_diffrn_radiation.diffrn_id                        1 
_diffrn_radiation.wavelength_id                    1 
_diffrn_radiation.pdbx_monochromatic_or_laue_m_l   M 
_diffrn_radiation.monochromator                    'SI(111)' 
_diffrn_radiation.pdbx_diffrn_protocol             ? 
_diffrn_radiation.pdbx_scattering_type             x-ray 
# 
_diffrn_radiation_wavelength.id           1 
_diffrn_radiation_wavelength.wavelength   1.35 
_diffrn_radiation_wavelength.wt           1.0 
# 
_diffrn_source.diffrn_id                   1 
_diffrn_source.source                      SYNCHROTRON 
_diffrn_source.type                        'NSLS BEAMLINE X12C' 
_diffrn_source.pdbx_synchrotron_site       NSLS 
_diffrn_source.pdbx_synchrotron_beamline   X12C 
_diffrn_source.pdbx_wavelength             1.35 
_diffrn_source.pdbx_wavelength_list        ? 
# 
_reflns.entry_id                     1HA1 
_reflns.observed_criterion_sigma_I   2. 
_reflns.observed_criterion_sigma_F   ? 
_reflns.d_resolution_low             50.0 
_reflns.d_resolution_high            1.74 
_reflns.number_obs                   18507 
_reflns.number_all                   ? 
_reflns.percent_possible_obs         97.1 
_reflns.pdbx_Rmerge_I_obs            0.0450000 
_reflns.pdbx_Rsym_value              0.0450000 
_reflns.pdbx_netI_over_sigmaI        4.3 
_reflns.B_iso_Wilson_estimate        21.0 
_reflns.pdbx_redundancy              2.3 
_reflns.pdbx_diffrn_id               1 
_reflns.pdbx_ordinal                 1 
# 
_reflns_shell.d_res_high             1.74 
_reflns_shell.d_res_low              1.77 
_reflns_shell.percent_possible_all   66.2 
_reflns_shell.Rmerge_I_obs           0.2230000 
_reflns_shell.pdbx_Rsym_value        0.2230000 
_reflns_shell.meanI_over_sigI_obs    4.1 
_reflns_shell.pdbx_redundancy        1.1 
_reflns_shell.pdbx_diffrn_id         ? 
_reflns_shell.pdbx_ordinal           1 
# 
_refine.entry_id                                 1HA1 
_refine.ls_number_reflns_obs                     15067 
_refine.ls_number_reflns_all                     ? 
_refine.pdbx_ls_sigma_I                          ? 
_refine.pdbx_ls_sigma_F                          2.0 
_refine.pdbx_data_cutoff_high_absF               100000.00 
_refine.pdbx_data_cutoff_low_absF                0.10000 
_refine.pdbx_data_cutoff_high_rms_absF           ? 
_refine.ls_d_res_low                             8.00 
_refine.ls_d_res_high                            1.75 
_refine.ls_percent_reflns_obs                    83.7 
_refine.ls_R_factor_obs                          0.1980000 
_refine.ls_R_factor_all                          ? 
_refine.ls_R_factor_R_work                       0.1980000 
_refine.ls_R_factor_R_free                       0.2750000 
_refine.ls_R_factor_R_free_error                 0.007 
_refine.ls_R_factor_R_free_error_details         ? 
_refine.ls_percent_reflns_R_free                 9.9 
_refine.ls_number_reflns_R_free                  1485 
_refine.ls_number_parameters                     ? 
_refine.ls_number_restraints                     ? 
_refine.occupancy_min                            ? 
_refine.occupancy_max                            ? 
_refine.B_iso_mean                               27.5 
_refine.aniso_B[1][1]                            -0.35 
_refine.aniso_B[2][2]                            0.23 
_refine.aniso_B[3][3]                            0.12 
_refine.aniso_B[1][2]                            0.00 
_refine.aniso_B[1][3]                            -0.15 
_refine.aniso_B[2][3]                            0.00 
_refine.solvent_model_details                    ? 
_refine.solvent_model_param_ksol                 ? 
_refine.solvent_model_param_bsol                 ? 
_refine.pdbx_ls_cross_valid_method               THROUGHOUT 
_refine.details                                  ? 
_refine.pdbx_starting_model                      ? 
_refine.pdbx_method_to_determine_struct          MIR 
_refine.pdbx_isotropic_thermal_model             RESTRAINED 
_refine.pdbx_stereochemistry_target_values       ? 
_refine.pdbx_stereochem_target_val_spec_case     ? 
_refine.pdbx_R_Free_selection_details            RANDOM 
_refine.pdbx_overall_ESU_R                       ? 
_refine.pdbx_overall_ESU_R_Free                  ? 
_refine.overall_SU_ML                            ? 
_refine.overall_SU_B                             ? 
_refine.pdbx_refine_id                           'X-RAY DIFFRACTION' 
_refine.pdbx_diffrn_id                           1 
_refine.pdbx_TLS_residual_ADP_flag               ? 
_refine.correlation_coeff_Fo_to_Fc               ? 
_refine.correlation_coeff_Fo_to_Fc_free          ? 
_refine.pdbx_solvent_vdw_probe_radii             ? 
_refine.pdbx_solvent_ion_probe_radii             ? 
_refine.pdbx_solvent_shrinkage_radii             ? 
_refine.pdbx_overall_phase_error                 ? 
_refine.overall_SU_R_Cruickshank_DPI             ? 
_refine.pdbx_overall_SU_R_free_Cruickshank_DPI   ? 
_refine.pdbx_overall_SU_R_Blow_DPI               ? 
_refine.pdbx_overall_SU_R_free_Blow_DPI          ? 
# 
_refine_analyze.entry_id                        1HA1 
_refine_analyze.Luzzati_coordinate_error_obs    0.21 
_refine_analyze.Luzzati_sigma_a_obs             0.21 
_refine_analyze.Luzzati_d_res_low_obs           5.00 
_refine_analyze.Luzzati_coordinate_error_free   0.24 
_refine_analyze.Luzzati_sigma_a_free            0.12 
_refine_analyze.Luzzati_d_res_low_free          ? 
_refine_analyze.number_disordered_residues      ? 
_refine_analyze.occupancy_sum_hydrogen          ? 
_refine_analyze.occupancy_sum_non_hydrogen      ? 
_refine_analyze.pdbx_refine_id                  'X-RAY DIFFRACTION' 
# 
_refine_hist.pdbx_refine_id                   'X-RAY DIFFRACTION' 
_refine_hist.cycle_id                         LAST 
_refine_hist.pdbx_number_atoms_protein        1338 
_refine_hist.pdbx_number_atoms_nucleic_acid   0 
_refine_hist.pdbx_number_atoms_ligand         0 
_refine_hist.number_atoms_solvent             170 
_refine_hist.number_atoms_total               1508 
_refine_hist.d_res_high                       1.75 
_refine_hist.d_res_low                        8.00 
# 
loop_
_refine_ls_restr.type 
_refine_ls_restr.dev_ideal 
_refine_ls_restr.dev_ideal_target 
_refine_ls_restr.weight 
_refine_ls_restr.number 
_refine_ls_restr.pdbx_refine_id 
_refine_ls_restr.pdbx_restraint_function 
x_bond_d                0.015 ?    ? ? 'X-RAY DIFFRACTION' ? 
x_bond_d_na             ?     ?    ? ? 'X-RAY DIFFRACTION' ? 
x_bond_d_prot           ?     ?    ? ? 'X-RAY DIFFRACTION' ? 
x_angle_d               ?     ?    ? ? 'X-RAY DIFFRACTION' ? 
x_angle_d_na            ?     ?    ? ? 'X-RAY DIFFRACTION' ? 
x_angle_d_prot          ?     ?    ? ? 'X-RAY DIFFRACTION' ? 
x_angle_deg             1.9   ?    ? ? 'X-RAY DIFFRACTION' ? 
x_angle_deg_na          ?     ?    ? ? 'X-RAY DIFFRACTION' ? 
x_angle_deg_prot        ?     ?    ? ? 'X-RAY DIFFRACTION' ? 
x_dihedral_angle_d      26.5  ?    ? ? 'X-RAY DIFFRACTION' ? 
x_dihedral_angle_d_na   ?     ?    ? ? 'X-RAY DIFFRACTION' ? 
x_dihedral_angle_d_prot ?     ?    ? ? 'X-RAY DIFFRACTION' ? 
x_improper_angle_d      1.60  ?    ? ? 'X-RAY DIFFRACTION' ? 
x_improper_angle_d_na   ?     ?    ? ? 'X-RAY DIFFRACTION' ? 
x_improper_angle_d_prot ?     ?    ? ? 'X-RAY DIFFRACTION' ? 
x_mcbond_it             1.79  1.50 ? ? 'X-RAY DIFFRACTION' ? 
x_mcangle_it            2.80  2.00 ? ? 'X-RAY DIFFRACTION' ? 
x_scbond_it             3.31  2.00 ? ? 'X-RAY DIFFRACTION' ? 
x_scangle_it            5.05  2.50 ? ? 'X-RAY DIFFRACTION' ? 
# 
_refine_ls_shell.pdbx_total_number_of_bins_used   6 
_refine_ls_shell.d_res_high                       1.75 
_refine_ls_shell.d_res_low                        1.86 
_refine_ls_shell.number_reflns_R_work             1549 
_refine_ls_shell.R_factor_R_work                  0.2960000 
_refine_ls_shell.percent_reflns_obs               57.6 
_refine_ls_shell.R_factor_R_free                  0.3200000 
_refine_ls_shell.R_factor_R_free_error            0.025 
_refine_ls_shell.percent_reflns_R_free            9.7 
_refine_ls_shell.number_reflns_R_free             167 
_refine_ls_shell.pdbx_refine_id                   'X-RAY DIFFRACTION' 
_refine_ls_shell.number_reflns_all                ? 
_refine_ls_shell.R_factor_all                     ? 
# 
loop_
_pdbx_xplor_file.serial_no 
_pdbx_xplor_file.param_file 
_pdbx_xplor_file.topol_file 
_pdbx_xplor_file.pdbx_refine_id 
1 PARHCSDX.PRO TOPHCSDX.PRO 'X-RAY DIFFRACTION' 
2 PARAM19.SOL  TOPH19.SOL   'X-RAY DIFFRACTION' 
# 
_struct.entry_id                  1HA1 
_struct.title                     'HNRNP A1 (RBD1,2) FROM HOMO SAPIENS' 
_struct.pdbx_model_details        ? 
_struct.pdbx_CASP_flag            ? 
_struct.pdbx_model_type_details   ? 
# 
_struct_keywords.entry_id        1HA1 
_struct_keywords.pdbx_keywords   'NUCLEAR PROTEIN' 
_struct_keywords.text            'NUCLEAR PROTEIN, HNRNP, RBD, RRM, RNP, RNA BINDING, RIBONUCLEOPROTEIN' 
# 
loop_
_struct_asym.id 
_struct_asym.pdbx_blank_PDB_chainid_flag 
_struct_asym.pdbx_modified 
_struct_asym.entity_id 
_struct_asym.details 
A N N 1 ? 
B N N 2 ? 
# 
_struct_ref.id                         1 
_struct_ref.db_name                    UNP 
_struct_ref.db_code                    ROA1_HUMAN 
_struct_ref.entity_id                  1 
_struct_ref.pdbx_db_accession          P09651 
_struct_ref.pdbx_align_begin           1 
_struct_ref.pdbx_seq_one_letter_code   
;SKSESPKEPEQLRKLFIGGLSFETTDESLRSHFEQWGTLTDCVVMRDPNTKRSRGFGFVTYATVEEVDAAMNARPHKVDG
RVVEPKRAVSREDSQRPGAHLTVKKIFVGGIKEDTEEHHLRDYFEQYGKIEVIEIMTDRGSGKKRGFAFVTFDDHDSVDK
IVIQKYHTVNGHNCEVRKALSKQEMASASSSQRGRSGSGNFGGGRGGGFGGNDNFGRGGNFSGRGGFGGSRGGGGYGGSG
DGYNGFGNDGGYGGGGPGYSGGSRGYGSGGQGYGNQGSGYGGSGSYDSYNNGGGRGFGGGSGSNFGGGGSYNDFGNYNNQ
SSNFGPMKGGNFGGRSSGPYGGGGQYFAKPRNQGGYGGSSSSSSYGSGRRF
;
_struct_ref.pdbx_db_isoform            ? 
# 
_struct_ref_seq.align_id                      1 
_struct_ref_seq.ref_id                        1 
_struct_ref_seq.pdbx_PDB_id_code              1HA1 
_struct_ref_seq.pdbx_strand_id                A 
_struct_ref_seq.seq_align_beg                 2 
_struct_ref_seq.pdbx_seq_align_beg_ins_code   ? 
_struct_ref_seq.seq_align_end                 184 
_struct_ref_seq.pdbx_seq_align_end_ins_code   ? 
_struct_ref_seq.pdbx_db_accession             P09651 
_struct_ref_seq.db_align_beg                  1 
_struct_ref_seq.pdbx_db_align_beg_ins_code    ? 
_struct_ref_seq.db_align_end                  183 
_struct_ref_seq.pdbx_db_align_end_ins_code    ? 
_struct_ref_seq.pdbx_auth_seq_align_beg       1 
_struct_ref_seq.pdbx_auth_seq_align_end       183 
# 
_pdbx_struct_assembly.id                   1 
_pdbx_struct_assembly.details              author_defined_assembly 
_pdbx_struct_assembly.method_details       ? 
_pdbx_struct_assembly.oligomeric_details   monomeric 
_pdbx_struct_assembly.oligomeric_count     1 
# 
_pdbx_struct_assembly_gen.assembly_id       1 
_pdbx_struct_assembly_gen.oper_expression   1 
_pdbx_struct_assembly_gen.asym_id_list      A,B 
# 
_pdbx_struct_oper_list.id                   1 
_pdbx_struct_oper_list.type                 'identity operation' 
_pdbx_struct_oper_list.name                 1_555 
_pdbx_struct_oper_list.symmetry_operation   x,y,z 
_pdbx_struct_oper_list.matrix[1][1]         1.0000000000 
_pdbx_struct_oper_list.matrix[1][2]         0.0000000000 
_pdbx_struct_oper_list.matrix[1][3]         0.0000000000 
_pdbx_struct_oper_list.vector[1]            0.0000000000 
_pdbx_struct_oper_list.matrix[2][1]         0.0000000000 
_pdbx_struct_oper_list.matrix[2][2]         1.0000000000 
_pdbx_struct_oper_list.matrix[2][3]         0.0000000000 
_pdbx_struct_oper_list.vector[2]            0.0000000000 
_pdbx_struct_oper_list.matrix[3][1]         0.0000000000 
_pdbx_struct_oper_list.matrix[3][2]         0.0000000000 
_pdbx_struct_oper_list.matrix[3][3]         1.0000000000 
_pdbx_struct_oper_list.vector[3]            0.0000000000 
# 
_struct_biol.id   1 
# 
loop_
_struct_conf.conf_type_id 
_struct_conf.id 
_struct_conf.pdbx_PDB_helix_id 
_struct_conf.beg_label_comp_id 
_struct_conf.beg_label_asym_id 
_struct_conf.beg_label_seq_id 
_struct_conf.pdbx_beg_PDB_ins_code 
_struct_conf.end_label_comp_id 
_struct_conf.end_label_asym_id 
_struct_conf.end_label_seq_id 
_struct_conf.pdbx_end_PDB_ins_code 
_struct_conf.beg_auth_comp_id 
_struct_conf.beg_auth_asym_id 
_struct_conf.beg_auth_seq_id 
_struct_conf.end_auth_comp_id 
_struct_conf.end_auth_asym_id 
_struct_conf.end_auth_seq_id 
_struct_conf.pdbx_PDB_helix_class 
_struct_conf.details 
_struct_conf.pdbx_PDB_helix_length 
HELX_P HELX_P1 1 GLU A 11  ? ARG A 14  ? GLU A 10  ARG A 13  5 ? 4  
HELX_P HELX_P2 2 ASP A 27  ? TRP A 37  ? ASP A 26  TRP A 36  1 ? 11 
HELX_P HELX_P3 3 VAL A 65  ? ASN A 73  ? VAL A 64  ASN A 72  1 ? 9  
HELX_P HELX_P4 4 LYS A 113 ? ASP A 115 ? LYS A 112 ASP A 114 5 ? 3  
HELX_P HELX_P5 5 GLU A 118 ? GLN A 127 ? GLU A 117 GLN A 126 1 ? 10 
HELX_P HELX_P6 6 HIS A 156 ? VAL A 163 ? HIS A 155 VAL A 162 1 ? 8  
# 
_struct_conf_type.id          HELX_P 
_struct_conf_type.criteria    ? 
_struct_conf_type.reference   ? 
# 
_struct_mon_prot_cis.pdbx_id                1 
_struct_mon_prot_cis.label_comp_id          ARG 
_struct_mon_prot_cis.label_seq_id           75 
_struct_mon_prot_cis.label_asym_id          A 
_struct_mon_prot_cis.label_alt_id           . 
_struct_mon_prot_cis.pdbx_PDB_ins_code      ? 
_struct_mon_prot_cis.auth_comp_id           ARG 
_struct_mon_prot_cis.auth_seq_id            74 
_struct_mon_prot_cis.auth_asym_id           A 
_struct_mon_prot_cis.pdbx_label_comp_id_2   PRO 
_struct_mon_prot_cis.pdbx_label_seq_id_2    76 
_struct_mon_prot_cis.pdbx_label_asym_id_2   A 
_struct_mon_prot_cis.pdbx_PDB_ins_code_2    ? 
_struct_mon_prot_cis.pdbx_auth_comp_id_2    PRO 
_struct_mon_prot_cis.pdbx_auth_seq_id_2     75 
_struct_mon_prot_cis.pdbx_auth_asym_id_2    A 
_struct_mon_prot_cis.pdbx_PDB_model_num     1 
_struct_mon_prot_cis.pdbx_omega_angle       -0.16 
# 
loop_
_struct_sheet.id 
_struct_sheet.type 
_struct_sheet.number_strands 
_struct_sheet.details 
A ? 4 ? 
B ? 4 ? 
# 
loop_
_struct_sheet_order.sheet_id 
_struct_sheet_order.range_id_1 
_struct_sheet_order.range_id_2 
_struct_sheet_order.offset 
_struct_sheet_order.sense 
A 1 2 ? anti-parallel 
A 2 3 ? anti-parallel 
A 3 4 ? anti-parallel 
B 1 2 ? anti-parallel 
B 2 3 ? anti-parallel 
B 3 4 ? anti-parallel 
# 
loop_
_struct_sheet_range.sheet_id 
_struct_sheet_range.id 
_struct_sheet_range.beg_label_comp_id 
_struct_sheet_range.beg_label_asym_id 
_struct_sheet_range.beg_label_seq_id 
_struct_sheet_range.pdbx_beg_PDB_ins_code 
_struct_sheet_range.end_label_comp_id 
_struct_sheet_range.end_label_asym_id 
_struct_sheet_range.end_label_seq_id 
_struct_sheet_range.pdbx_end_PDB_ins_code 
_struct_sheet_range.beg_auth_comp_id 
_struct_sheet_range.beg_auth_asym_id 
_struct_sheet_range.beg_auth_seq_id 
_struct_sheet_range.end_auth_comp_id 
_struct_sheet_range.end_auth_asym_id 
_struct_sheet_range.end_auth_seq_id 
A 1 GLU A 85  ? ARG A 88  ? GLU A 84  ARG A 87  
A 2 LYS A 15  ? GLY A 19  ? LYS A 14  GLY A 18  
A 3 GLY A 58  ? TYR A 62  ? GLY A 57  TYR A 61  
A 4 LEU A 40  ? VAL A 45  ? LEU A 39  VAL A 44  
B 1 GLU A 176 ? LYS A 179 ? GLU A 175 LYS A 178 
B 2 LYS A 106 ? LYS A 113 ? LYS A 105 LYS A 112 
B 3 GLY A 147 ? PHE A 153 ? GLY A 146 PHE A 152 
B 4 ILE A 131 ? ILE A 136 ? ILE A 130 ILE A 135 
# 
loop_
_pdbx_struct_sheet_hbond.sheet_id 
_pdbx_struct_sheet_hbond.range_id_1 
_pdbx_struct_sheet_hbond.range_id_2 
_pdbx_struct_sheet_hbond.range_1_label_atom_id 
_pdbx_struct_sheet_hbond.range_1_label_comp_id 
_pdbx_struct_sheet_hbond.range_1_label_asym_id 
_pdbx_struct_sheet_hbond.range_1_label_seq_id 
_pdbx_struct_sheet_hbond.range_1_PDB_ins_code 
_pdbx_struct_sheet_hbond.range_1_auth_atom_id 
_pdbx_struct_sheet_hbond.range_1_auth_comp_id 
_pdbx_struct_sheet_hbond.range_1_auth_asym_id 
_pdbx_struct_sheet_hbond.range_1_auth_seq_id 
_pdbx_struct_sheet_hbond.range_2_label_atom_id 
_pdbx_struct_sheet_hbond.range_2_label_comp_id 
_pdbx_struct_sheet_hbond.range_2_label_asym_id 
_pdbx_struct_sheet_hbond.range_2_label_seq_id 
_pdbx_struct_sheet_hbond.range_2_PDB_ins_code 
_pdbx_struct_sheet_hbond.range_2_auth_atom_id 
_pdbx_struct_sheet_hbond.range_2_auth_comp_id 
_pdbx_struct_sheet_hbond.range_2_auth_asym_id 
_pdbx_struct_sheet_hbond.range_2_auth_seq_id 
A 1 2 O GLU A 85  ? O GLU A 84  N GLY A 19  ? N GLY A 18  
A 2 3 O LEU A 16  ? O LEU A 15  N VAL A 60  ? N VAL A 59  
A 3 4 O PHE A 59  ? O PHE A 58  N VAL A 44  ? N VAL A 43  
B 1 2 O GLU A 176 ? O GLU A 175 N GLY A 110 ? N GLY A 109 
B 2 3 O ILE A 107 ? O ILE A 106 N VAL A 151 ? N VAL A 150 
B 3 4 O PHE A 150 ? O PHE A 149 N GLU A 135 ? N GLU A 134 
# 
_pdbx_validate_rmsd_angle.id                         1 
_pdbx_validate_rmsd_angle.PDB_model_num              1 
_pdbx_validate_rmsd_angle.auth_atom_id_1             N 
_pdbx_validate_rmsd_angle.auth_asym_id_1             A 
_pdbx_validate_rmsd_angle.auth_comp_id_1             SER 
_pdbx_validate_rmsd_angle.auth_seq_id_1              90 
_pdbx_validate_rmsd_angle.PDB_ins_code_1             ? 
_pdbx_validate_rmsd_angle.label_alt_id_1             ? 
_pdbx_validate_rmsd_angle.auth_atom_id_2             CA 
_pdbx_validate_rmsd_angle.auth_asym_id_2             A 
_pdbx_validate_rmsd_angle.auth_comp_id_2             SER 
_pdbx_validate_rmsd_angle.auth_seq_id_2              90 
_pdbx_validate_rmsd_angle.PDB_ins_code_2             ? 
_pdbx_validate_rmsd_angle.label_alt_id_2             ? 
_pdbx_validate_rmsd_angle.auth_atom_id_3             C 
_pdbx_validate_rmsd_angle.auth_asym_id_3             A 
_pdbx_validate_rmsd_angle.auth_comp_id_3             SER 
_pdbx_validate_rmsd_angle.auth_seq_id_3              90 
_pdbx_validate_rmsd_angle.PDB_ins_code_3             ? 
_pdbx_validate_rmsd_angle.label_alt_id_3             ? 
_pdbx_validate_rmsd_angle.angle_value                90.46 
_pdbx_validate_rmsd_angle.angle_target_value         111.00 
_pdbx_validate_rmsd_angle.angle_deviation            -20.54 
_pdbx_validate_rmsd_angle.angle_standard_deviation   2.70 
_pdbx_validate_rmsd_angle.linker_flag                N 
# 
loop_
_pdbx_validate_torsion.id 
_pdbx_validate_torsion.PDB_model_num 
_pdbx_validate_torsion.auth_comp_id 
_pdbx_validate_torsion.auth_asym_id 
_pdbx_validate_torsion.auth_seq_id 
_pdbx_validate_torsion.PDB_ins_code 
_pdbx_validate_torsion.label_alt_id 
_pdbx_validate_torsion.phi 
_pdbx_validate_torsion.psi 
1 1 CYS A 42  ? ? -165.82 118.05  
2 1 SER A 90  ? ? -80.39  -72.44  
3 1 HIS A 100 ? ? -179.98 127.44  
4 1 LYS A 112 ? ? 65.20   -164.05 
# 
loop_
_pdbx_unobs_or_zero_occ_residues.id 
_pdbx_unobs_or_zero_occ_residues.PDB_model_num 
_pdbx_unobs_or_zero_occ_residues.polymer_flag 
_pdbx_unobs_or_zero_occ_residues.occupancy_flag 
_pdbx_unobs_or_zero_occ_residues.auth_asym_id 
_pdbx_unobs_or_zero_occ_residues.auth_comp_id 
_pdbx_unobs_or_zero_occ_residues.auth_seq_id 
_pdbx_unobs_or_zero_occ_residues.PDB_ins_code 
_pdbx_unobs_or_zero_occ_residues.label_asym_id 
_pdbx_unobs_or_zero_occ_residues.label_comp_id 
_pdbx_unobs_or_zero_occ_residues.label_seq_id 
1  1 Y 1 A MET 0   ? A MET 1   
2  1 Y 1 A SER 1   ? A SER 2   
3  1 Y 1 A LYS 2   ? A LYS 3   
4  1 Y 1 A SER 3   ? A SER 4   
5  1 Y 1 A GLU 4   ? A GLU 5   
6  1 Y 1 A SER 5   ? A SER 6   
7  1 Y 1 A PRO 6   ? A PRO 7   
8  1 Y 1 A LYS 7   ? A LYS 8   
9  1 Y 1 A ASP 93  ? A ASP 94  
10 1 Y 1 A SER 94  ? A SER 95  
11 1 Y 1 A GLN 95  ? A GLN 96  
12 1 Y 1 A ARG 96  ? A ARG 97  
13 1 Y 1 A PRO 97  ? A PRO 98  
14 1 Y 1 A GLY 98  ? A GLY 99  
15 1 Y 1 A SER 181 ? A SER 182 
16 1 Y 1 A LYS 182 ? A LYS 183 
17 1 Y 1 A GLN 183 ? A GLN 184 
# 
loop_
_chem_comp_atom.comp_id 
_chem_comp_atom.atom_id 
_chem_comp_atom.type_symbol 
_chem_comp_atom.pdbx_aromatic_flag 
_chem_comp_atom.pdbx_stereo_config 
_chem_comp_atom.pdbx_ordinal 
ALA N    N N N 1   
ALA CA   C N S 2   
ALA C    C N N 3   
ALA O    O N N 4   
ALA CB   C N N 5   
ALA OXT  O N N 6   
ALA H    H N N 7   
ALA H2   H N N 8   
ALA HA   H N N 9   
ALA HB1  H N N 10  
ALA HB2  H N N 11  
ALA HB3  H N N 12  
ALA HXT  H N N 13  
ARG N    N N N 14  
ARG CA   C N S 15  
ARG C    C N N 16  
ARG O    O N N 17  
ARG CB   C N N 18  
ARG CG   C N N 19  
ARG CD   C N N 20  
ARG NE   N N N 21  
ARG CZ   C N N 22  
ARG NH1  N N N 23  
ARG NH2  N N N 24  
ARG OXT  O N N 25  
ARG H    H N N 26  
ARG H2   H N N 27  
ARG HA   H N N 28  
ARG HB2  H N N 29  
ARG HB3  H N N 30  
ARG HG2  H N N 31  
ARG HG3  H N N 32  
ARG HD2  H N N 33  
ARG HD3  H N N 34  
ARG HE   H N N 35  
ARG HH11 H N N 36  
ARG HH12 H N N 37  
ARG HH21 H N N 38  
ARG HH22 H N N 39  
ARG HXT  H N N 40  
ASN N    N N N 41  
ASN CA   C N S 42  
ASN C    C N N 43  
ASN O    O N N 44  
ASN CB   C N N 45  
ASN CG   C N N 46  
ASN OD1  O N N 47  
ASN ND2  N N N 48  
ASN OXT  O N N 49  
ASN H    H N N 50  
ASN H2   H N N 51  
ASN HA   H N N 52  
ASN HB2  H N N 53  
ASN HB3  H N N 54  
ASN HD21 H N N 55  
ASN HD22 H N N 56  
ASN HXT  H N N 57  
ASP N    N N N 58  
ASP CA   C N S 59  
ASP C    C N N 60  
ASP O    O N N 61  
ASP CB   C N N 62  
ASP CG   C N N 63  
ASP OD1  O N N 64  
ASP OD2  O N N 65  
ASP OXT  O N N 66  
ASP H    H N N 67  
ASP H2   H N N 68  
ASP HA   H N N 69  
ASP HB2  H N N 70  
ASP HB3  H N N 71  
ASP HD2  H N N 72  
ASP HXT  H N N 73  
CYS N    N N N 74  
CYS CA   C N R 75  
CYS C    C N N 76  
CYS O    O N N 77  
CYS CB   C N N 78  
CYS SG   S N N 79  
CYS OXT  O N N 80  
CYS H    H N N 81  
CYS H2   H N N 82  
CYS HA   H N N 83  
CYS HB2  H N N 84  
CYS HB3  H N N 85  
CYS HG   H N N 86  
CYS HXT  H N N 87  
GLN N    N N N 88  
GLN CA   C N S 89  
GLN C    C N N 90  
GLN O    O N N 91  
GLN CB   C N N 92  
GLN CG   C N N 93  
GLN CD   C N N 94  
GLN OE1  O N N 95  
GLN NE2  N N N 96  
GLN OXT  O N N 97  
GLN H    H N N 98  
GLN H2   H N N 99  
GLN HA   H N N 100 
GLN HB2  H N N 101 
GLN HB3  H N N 102 
GLN HG2  H N N 103 
GLN HG3  H N N 104 
GLN HE21 H N N 105 
GLN HE22 H N N 106 
GLN HXT  H N N 107 
GLU N    N N N 108 
GLU CA   C N S 109 
GLU C    C N N 110 
GLU O    O N N 111 
GLU CB   C N N 112 
GLU CG   C N N 113 
GLU CD   C N N 114 
GLU OE1  O N N 115 
GLU OE2  O N N 116 
GLU OXT  O N N 117 
GLU H    H N N 118 
GLU H2   H N N 119 
GLU HA   H N N 120 
GLU HB2  H N N 121 
GLU HB3  H N N 122 
GLU HG2  H N N 123 
GLU HG3  H N N 124 
GLU HE2  H N N 125 
GLU HXT  H N N 126 
GLY N    N N N 127 
GLY CA   C N N 128 
GLY C    C N N 129 
GLY O    O N N 130 
GLY OXT  O N N 131 
GLY H    H N N 132 
GLY H2   H N N 133 
GLY HA2  H N N 134 
GLY HA3  H N N 135 
GLY HXT  H N N 136 
HIS N    N N N 137 
HIS CA   C N S 138 
HIS C    C N N 139 
HIS O    O N N 140 
HIS CB   C N N 141 
HIS CG   C Y N 142 
HIS ND1  N Y N 143 
HIS CD2  C Y N 144 
HIS CE1  C Y N 145 
HIS NE2  N Y N 146 
HIS OXT  O N N 147 
HIS H    H N N 148 
HIS H2   H N N 149 
HIS HA   H N N 150 
HIS HB2  H N N 151 
HIS HB3  H N N 152 
HIS HD1  H N N 153 
HIS HD2  H N N 154 
HIS HE1  H N N 155 
HIS HE2  H N N 156 
HIS HXT  H N N 157 
HOH O    O N N 158 
HOH H1   H N N 159 
HOH H2   H N N 160 
ILE N    N N N 161 
ILE CA   C N S 162 
ILE C    C N N 163 
ILE O    O N N 164 
ILE CB   C N S 165 
ILE CG1  C N N 166 
ILE CG2  C N N 167 
ILE CD1  C N N 168 
ILE OXT  O N N 169 
ILE H    H N N 170 
ILE H2   H N N 171 
ILE HA   H N N 172 
ILE HB   H N N 173 
ILE HG12 H N N 174 
ILE HG13 H N N 175 
ILE HG21 H N N 176 
ILE HG22 H N N 177 
ILE HG23 H N N 178 
ILE HD11 H N N 179 
ILE HD12 H N N 180 
ILE HD13 H N N 181 
ILE HXT  H N N 182 
LEU N    N N N 183 
LEU CA   C N S 184 
LEU C    C N N 185 
LEU O    O N N 186 
LEU CB   C N N 187 
LEU CG   C N N 188 
LEU CD1  C N N 189 
LEU CD2  C N N 190 
LEU OXT  O N N 191 
LEU H    H N N 192 
LEU H2   H N N 193 
LEU HA   H N N 194 
LEU HB2  H N N 195 
LEU HB3  H N N 196 
LEU HG   H N N 197 
LEU HD11 H N N 198 
LEU HD12 H N N 199 
LEU HD13 H N N 200 
LEU HD21 H N N 201 
LEU HD22 H N N 202 
LEU HD23 H N N 203 
LEU HXT  H N N 204 
LYS N    N N N 205 
LYS CA   C N S 206 
LYS C    C N N 207 
LYS O    O N N 208 
LYS CB   C N N 209 
LYS CG   C N N 210 
LYS CD   C N N 211 
LYS CE   C N N 212 
LYS NZ   N N N 213 
LYS OXT  O N N 214 
LYS H    H N N 215 
LYS H2   H N N 216 
LYS HA   H N N 217 
LYS HB2  H N N 218 
LYS HB3  H N N 219 
LYS HG2  H N N 220 
LYS HG3  H N N 221 
LYS HD2  H N N 222 
LYS HD3  H N N 223 
LYS HE2  H N N 224 
LYS HE3  H N N 225 
LYS HZ1  H N N 226 
LYS HZ2  H N N 227 
LYS HZ3  H N N 228 
LYS HXT  H N N 229 
MET N    N N N 230 
MET CA   C N S 231 
MET C    C N N 232 
MET O    O N N 233 
MET CB   C N N 234 
MET CG   C N N 235 
MET SD   S N N 236 
MET CE   C N N 237 
MET OXT  O N N 238 
MET H    H N N 239 
MET H2   H N N 240 
MET HA   H N N 241 
MET HB2  H N N 242 
MET HB3  H N N 243 
MET HG2  H N N 244 
MET HG3  H N N 245 
MET HE1  H N N 246 
MET HE2  H N N 247 
MET HE3  H N N 248 
MET HXT  H N N 249 
PHE N    N N N 250 
PHE CA   C N S 251 
PHE C    C N N 252 
PHE O    O N N 253 
PHE CB   C N N 254 
PHE CG   C Y N 255 
PHE CD1  C Y N 256 
PHE CD2  C Y N 257 
PHE CE1  C Y N 258 
PHE CE2  C Y N 259 
PHE CZ   C Y N 260 
PHE OXT  O N N 261 
PHE H    H N N 262 
PHE H2   H N N 263 
PHE HA   H N N 264 
PHE HB2  H N N 265 
PHE HB3  H N N 266 
PHE HD1  H N N 267 
PHE HD2  H N N 268 
PHE HE1  H N N 269 
PHE HE2  H N N 270 
PHE HZ   H N N 271 
PHE HXT  H N N 272 
PRO N    N N N 273 
PRO CA   C N S 274 
PRO C    C N N 275 
PRO O    O N N 276 
PRO CB   C N N 277 
PRO CG   C N N 278 
PRO CD   C N N 279 
PRO OXT  O N N 280 
PRO H    H N N 281 
PRO HA   H N N 282 
PRO HB2  H N N 283 
PRO HB3  H N N 284 
PRO HG2  H N N 285 
PRO HG3  H N N 286 
PRO HD2  H N N 287 
PRO HD3  H N N 288 
PRO HXT  H N N 289 
SER N    N N N 290 
SER CA   C N S 291 
SER C    C N N 292 
SER O    O N N 293 
SER CB   C N N 294 
SER OG   O N N 295 
SER OXT  O N N 296 
SER H    H N N 297 
SER H2   H N N 298 
SER HA   H N N 299 
SER HB2  H N N 300 
SER HB3  H N N 301 
SER HG   H N N 302 
SER HXT  H N N 303 
THR N    N N N 304 
THR CA   C N S 305 
THR C    C N N 306 
THR O    O N N 307 
THR CB   C N R 308 
THR OG1  O N N 309 
THR CG2  C N N 310 
THR OXT  O N N 311 
THR H    H N N 312 
THR H2   H N N 313 
THR HA   H N N 314 
THR HB   H N N 315 
THR HG1  H N N 316 
THR HG21 H N N 317 
THR HG22 H N N 318 
THR HG23 H N N 319 
THR HXT  H N N 320 
TRP N    N N N 321 
TRP CA   C N S 322 
TRP C    C N N 323 
TRP O    O N N 324 
TRP CB   C N N 325 
TRP CG   C Y N 326 
TRP CD1  C Y N 327 
TRP CD2  C Y N 328 
TRP NE1  N Y N 329 
TRP CE2  C Y N 330 
TRP CE3  C Y N 331 
TRP CZ2  C Y N 332 
TRP CZ3  C Y N 333 
TRP CH2  C Y N 334 
TRP OXT  O N N 335 
TRP H    H N N 336 
TRP H2   H N N 337 
TRP HA   H N N 338 
TRP HB2  H N N 339 
TRP HB3  H N N 340 
TRP HD1  H N N 341 
TRP HE1  H N N 342 
TRP HE3  H N N 343 
TRP HZ2  H N N 344 
TRP HZ3  H N N 345 
TRP HH2  H N N 346 
TRP HXT  H N N 347 
TYR N    N N N 348 
TYR CA   C N S 349 
TYR C    C N N 350 
TYR O    O N N 351 
TYR CB   C N N 352 
TYR CG   C Y N 353 
TYR CD1  C Y N 354 
TYR CD2  C Y N 355 
TYR CE1  C Y N 356 
TYR CE2  C Y N 357 
TYR CZ   C Y N 358 
TYR OH   O N N 359 
TYR OXT  O N N 360 
TYR H    H N N 361 
TYR H2   H N N 362 
TYR HA   H N N 363 
TYR HB2  H N N 364 
TYR HB3  H N N 365 
TYR HD1  H N N 366 
TYR HD2  H N N 367 
TYR HE1  H N N 368 
TYR HE2  H N N 369 
TYR HH   H N N 370 
TYR HXT  H N N 371 
VAL N    N N N 372 
VAL CA   C N S 373 
VAL C    C N N 374 
VAL O    O N N 375 
VAL CB   C N N 376 
VAL CG1  C N N 377 
VAL CG2  C N N 378 
VAL OXT  O N N 379 
VAL H    H N N 380 
VAL H2   H N N 381 
VAL HA   H N N 382 
VAL HB   H N N 383 
VAL HG11 H N N 384 
VAL HG12 H N N 385 
VAL HG13 H N N 386 
VAL HG21 H N N 387 
VAL HG22 H N N 388 
VAL HG23 H N N 389 
VAL HXT  H N N 390 
# 
loop_
_chem_comp_bond.comp_id 
_chem_comp_bond.atom_id_1 
_chem_comp_bond.atom_id_2 
_chem_comp_bond.value_order 
_chem_comp_bond.pdbx_aromatic_flag 
_chem_comp_bond.pdbx_stereo_config 
_chem_comp_bond.pdbx_ordinal 
ALA N   CA   sing N N 1   
ALA N   H    sing N N 2   
ALA N   H2   sing N N 3   
ALA CA  C    sing N N 4   
ALA CA  CB   sing N N 5   
ALA CA  HA   sing N N 6   
ALA C   O    doub N N 7   
ALA C   OXT  sing N N 8   
ALA CB  HB1  sing N N 9   
ALA CB  HB2  sing N N 10  
ALA CB  HB3  sing N N 11  
ALA OXT HXT  sing N N 12  
ARG N   CA   sing N N 13  
ARG N   H    sing N N 14  
ARG N   H2   sing N N 15  
ARG CA  C    sing N N 16  
ARG CA  CB   sing N N 17  
ARG CA  HA   sing N N 18  
ARG C   O    doub N N 19  
ARG C   OXT  sing N N 20  
ARG CB  CG   sing N N 21  
ARG CB  HB2  sing N N 22  
ARG CB  HB3  sing N N 23  
ARG CG  CD   sing N N 24  
ARG CG  HG2  sing N N 25  
ARG CG  HG3  sing N N 26  
ARG CD  NE   sing N N 27  
ARG CD  HD2  sing N N 28  
ARG CD  HD3  sing N N 29  
ARG NE  CZ   sing N N 30  
ARG NE  HE   sing N N 31  
ARG CZ  NH1  sing N N 32  
ARG CZ  NH2  doub N N 33  
ARG NH1 HH11 sing N N 34  
ARG NH1 HH12 sing N N 35  
ARG NH2 HH21 sing N N 36  
ARG NH2 HH22 sing N N 37  
ARG OXT HXT  sing N N 38  
ASN N   CA   sing N N 39  
ASN N   H    sing N N 40  
ASN N   H2   sing N N 41  
ASN CA  C    sing N N 42  
ASN CA  CB   sing N N 43  
ASN CA  HA   sing N N 44  
ASN C   O    doub N N 45  
ASN C   OXT  sing N N 46  
ASN CB  CG   sing N N 47  
ASN CB  HB2  sing N N 48  
ASN CB  HB3  sing N N 49  
ASN CG  OD1  doub N N 50  
ASN CG  ND2  sing N N 51  
ASN ND2 HD21 sing N N 52  
ASN ND2 HD22 sing N N 53  
ASN OXT HXT  sing N N 54  
ASP N   CA   sing N N 55  
ASP N   H    sing N N 56  
ASP N   H2   sing N N 57  
ASP CA  C    sing N N 58  
ASP CA  CB   sing N N 59  
ASP CA  HA   sing N N 60  
ASP C   O    doub N N 61  
ASP C   OXT  sing N N 62  
ASP CB  CG   sing N N 63  
ASP CB  HB2  sing N N 64  
ASP CB  HB3  sing N N 65  
ASP CG  OD1  doub N N 66  
ASP CG  OD2  sing N N 67  
ASP OD2 HD2  sing N N 68  
ASP OXT HXT  sing N N 69  
CYS N   CA   sing N N 70  
CYS N   H    sing N N 71  
CYS N   H2   sing N N 72  
CYS CA  C    sing N N 73  
CYS CA  CB   sing N N 74  
CYS CA  HA   sing N N 75  
CYS C   O    doub N N 76  
CYS C   OXT  sing N N 77  
CYS CB  SG   sing N N 78  
CYS CB  HB2  sing N N 79  
CYS CB  HB3  sing N N 80  
CYS SG  HG   sing N N 81  
CYS OXT HXT  sing N N 82  
GLN N   CA   sing N N 83  
GLN N   H    sing N N 84  
GLN N   H2   sing N N 85  
GLN CA  C    sing N N 86  
GLN CA  CB   sing N N 87  
GLN CA  HA   sing N N 88  
GLN C   O    doub N N 89  
GLN C   OXT  sing N N 90  
GLN CB  CG   sing N N 91  
GLN CB  HB2  sing N N 92  
GLN CB  HB3  sing N N 93  
GLN CG  CD   sing N N 94  
GLN CG  HG2  sing N N 95  
GLN CG  HG3  sing N N 96  
GLN CD  OE1  doub N N 97  
GLN CD  NE2  sing N N 98  
GLN NE2 HE21 sing N N 99  
GLN NE2 HE22 sing N N 100 
GLN OXT HXT  sing N N 101 
GLU N   CA   sing N N 102 
GLU N   H    sing N N 103 
GLU N   H2   sing N N 104 
GLU CA  C    sing N N 105 
GLU CA  CB   sing N N 106 
GLU CA  HA   sing N N 107 
GLU C   O    doub N N 108 
GLU C   OXT  sing N N 109 
GLU CB  CG   sing N N 110 
GLU CB  HB2  sing N N 111 
GLU CB  HB3  sing N N 112 
GLU CG  CD   sing N N 113 
GLU CG  HG2  sing N N 114 
GLU CG  HG3  sing N N 115 
GLU CD  OE1  doub N N 116 
GLU CD  OE2  sing N N 117 
GLU OE2 HE2  sing N N 118 
GLU OXT HXT  sing N N 119 
GLY N   CA   sing N N 120 
GLY N   H    sing N N 121 
GLY N   H2   sing N N 122 
GLY CA  C    sing N N 123 
GLY CA  HA2  sing N N 124 
GLY CA  HA3  sing N N 125 
GLY C   O    doub N N 126 
GLY C   OXT  sing N N 127 
GLY OXT HXT  sing N N 128 
HIS N   CA   sing N N 129 
HIS N   H    sing N N 130 
HIS N   H2   sing N N 131 
HIS CA  C    sing N N 132 
HIS CA  CB   sing N N 133 
HIS CA  HA   sing N N 134 
HIS C   O    doub N N 135 
HIS C   OXT  sing N N 136 
HIS CB  CG   sing N N 137 
HIS CB  HB2  sing N N 138 
HIS CB  HB3  sing N N 139 
HIS CG  ND1  sing Y N 140 
HIS CG  CD2  doub Y N 141 
HIS ND1 CE1  doub Y N 142 
HIS ND1 HD1  sing N N 143 
HIS CD2 NE2  sing Y N 144 
HIS CD2 HD2  sing N N 145 
HIS CE1 NE2  sing Y N 146 
HIS CE1 HE1  sing N N 147 
HIS NE2 HE2  sing N N 148 
HIS OXT HXT  sing N N 149 
HOH O   H1   sing N N 150 
HOH O   H2   sing N N 151 
ILE N   CA   sing N N 152 
ILE N   H    sing N N 153 
ILE N   H2   sing N N 154 
ILE CA  C    sing N N 155 
ILE CA  CB   sing N N 156 
ILE CA  HA   sing N N 157 
ILE C   O    doub N N 158 
ILE C   OXT  sing N N 159 
ILE CB  CG1  sing N N 160 
ILE CB  CG2  sing N N 161 
ILE CB  HB   sing N N 162 
ILE CG1 CD1  sing N N 163 
ILE CG1 HG12 sing N N 164 
ILE CG1 HG13 sing N N 165 
ILE CG2 HG21 sing N N 166 
ILE CG2 HG22 sing N N 167 
ILE CG2 HG23 sing N N 168 
ILE CD1 HD11 sing N N 169 
ILE CD1 HD12 sing N N 170 
ILE CD1 HD13 sing N N 171 
ILE OXT HXT  sing N N 172 
LEU N   CA   sing N N 173 
LEU N   H    sing N N 174 
LEU N   H2   sing N N 175 
LEU CA  C    sing N N 176 
LEU CA  CB   sing N N 177 
LEU CA  HA   sing N N 178 
LEU C   O    doub N N 179 
LEU C   OXT  sing N N 180 
LEU CB  CG   sing N N 181 
LEU CB  HB2  sing N N 182 
LEU CB  HB3  sing N N 183 
LEU CG  CD1  sing N N 184 
LEU CG  CD2  sing N N 185 
LEU CG  HG   sing N N 186 
LEU CD1 HD11 sing N N 187 
LEU CD1 HD12 sing N N 188 
LEU CD1 HD13 sing N N 189 
LEU CD2 HD21 sing N N 190 
LEU CD2 HD22 sing N N 191 
LEU CD2 HD23 sing N N 192 
LEU OXT HXT  sing N N 193 
LYS N   CA   sing N N 194 
LYS N   H    sing N N 195 
LYS N   H2   sing N N 196 
LYS CA  C    sing N N 197 
LYS CA  CB   sing N N 198 
LYS CA  HA   sing N N 199 
LYS C   O    doub N N 200 
LYS C   OXT  sing N N 201 
LYS CB  CG   sing N N 202 
LYS CB  HB2  sing N N 203 
LYS CB  HB3  sing N N 204 
LYS CG  CD   sing N N 205 
LYS CG  HG2  sing N N 206 
LYS CG  HG3  sing N N 207 
LYS CD  CE   sing N N 208 
LYS CD  HD2  sing N N 209 
LYS CD  HD3  sing N N 210 
LYS CE  NZ   sing N N 211 
LYS CE  HE2  sing N N 212 
LYS CE  HE3  sing N N 213 
LYS NZ  HZ1  sing N N 214 
LYS NZ  HZ2  sing N N 215 
LYS NZ  HZ3  sing N N 216 
LYS OXT HXT  sing N N 217 
MET N   CA   sing N N 218 
MET N   H    sing N N 219 
MET N   H2   sing N N 220 
MET CA  C    sing N N 221 
MET CA  CB   sing N N 222 
MET CA  HA   sing N N 223 
MET C   O    doub N N 224 
MET C   OXT  sing N N 225 
MET CB  CG   sing N N 226 
MET CB  HB2  sing N N 227 
MET CB  HB3  sing N N 228 
MET CG  SD   sing N N 229 
MET CG  HG2  sing N N 230 
MET CG  HG3  sing N N 231 
MET SD  CE   sing N N 232 
MET CE  HE1  sing N N 233 
MET CE  HE2  sing N N 234 
MET CE  HE3  sing N N 235 
MET OXT HXT  sing N N 236 
PHE N   CA   sing N N 237 
PHE N   H    sing N N 238 
PHE N   H2   sing N N 239 
PHE CA  C    sing N N 240 
PHE CA  CB   sing N N 241 
PHE CA  HA   sing N N 242 
PHE C   O    doub N N 243 
PHE C   OXT  sing N N 244 
PHE CB  CG   sing N N 245 
PHE CB  HB2  sing N N 246 
PHE CB  HB3  sing N N 247 
PHE CG  CD1  doub Y N 248 
PHE CG  CD2  sing Y N 249 
PHE CD1 CE1  sing Y N 250 
PHE CD1 HD1  sing N N 251 
PHE CD2 CE2  doub Y N 252 
PHE CD2 HD2  sing N N 253 
PHE CE1 CZ   doub Y N 254 
PHE CE1 HE1  sing N N 255 
PHE CE2 CZ   sing Y N 256 
PHE CE2 HE2  sing N N 257 
PHE CZ  HZ   sing N N 258 
PHE OXT HXT  sing N N 259 
PRO N   CA   sing N N 260 
PRO N   CD   sing N N 261 
PRO N   H    sing N N 262 
PRO CA  C    sing N N 263 
PRO CA  CB   sing N N 264 
PRO CA  HA   sing N N 265 
PRO C   O    doub N N 266 
PRO C   OXT  sing N N 267 
PRO CB  CG   sing N N 268 
PRO CB  HB2  sing N N 269 
PRO CB  HB3  sing N N 270 
PRO CG  CD   sing N N 271 
PRO CG  HG2  sing N N 272 
PRO CG  HG3  sing N N 273 
PRO CD  HD2  sing N N 274 
PRO CD  HD3  sing N N 275 
PRO OXT HXT  sing N N 276 
SER N   CA   sing N N 277 
SER N   H    sing N N 278 
SER N   H2   sing N N 279 
SER CA  C    sing N N 280 
SER CA  CB   sing N N 281 
SER CA  HA   sing N N 282 
SER C   O    doub N N 283 
SER C   OXT  sing N N 284 
SER CB  OG   sing N N 285 
SER CB  HB2  sing N N 286 
SER CB  HB3  sing N N 287 
SER OG  HG   sing N N 288 
SER OXT HXT  sing N N 289 
THR N   CA   sing N N 290 
THR N   H    sing N N 291 
THR N   H2   sing N N 292 
THR CA  C    sing N N 293 
THR CA  CB   sing N N 294 
THR CA  HA   sing N N 295 
THR C   O    doub N N 296 
THR C   OXT  sing N N 297 
THR CB  OG1  sing N N 298 
THR CB  CG2  sing N N 299 
THR CB  HB   sing N N 300 
THR OG1 HG1  sing N N 301 
THR CG2 HG21 sing N N 302 
THR CG2 HG22 sing N N 303 
THR CG2 HG23 sing N N 304 
THR OXT HXT  sing N N 305 
TRP N   CA   sing N N 306 
TRP N   H    sing N N 307 
TRP N   H2   sing N N 308 
TRP CA  C    sing N N 309 
TRP CA  CB   sing N N 310 
TRP CA  HA   sing N N 311 
TRP C   O    doub N N 312 
TRP C   OXT  sing N N 313 
TRP CB  CG   sing N N 314 
TRP CB  HB2  sing N N 315 
TRP CB  HB3  sing N N 316 
TRP CG  CD1  doub Y N 317 
TRP CG  CD2  sing Y N 318 
TRP CD1 NE1  sing Y N 319 
TRP CD1 HD1  sing N N 320 
TRP CD2 CE2  doub Y N 321 
TRP CD2 CE3  sing Y N 322 
TRP NE1 CE2  sing Y N 323 
TRP NE1 HE1  sing N N 324 
TRP CE2 CZ2  sing Y N 325 
TRP CE3 CZ3  doub Y N 326 
TRP CE3 HE3  sing N N 327 
TRP CZ2 CH2  doub Y N 328 
TRP CZ2 HZ2  sing N N 329 
TRP CZ3 CH2  sing Y N 330 
TRP CZ3 HZ3  sing N N 331 
TRP CH2 HH2  sing N N 332 
TRP OXT HXT  sing N N 333 
TYR N   CA   sing N N 334 
TYR N   H    sing N N 335 
TYR N   H2   sing N N 336 
TYR CA  C    sing N N 337 
TYR CA  CB   sing N N 338 
TYR CA  HA   sing N N 339 
TYR C   O    doub N N 340 
TYR C   OXT  sing N N 341 
TYR CB  CG   sing N N 342 
TYR CB  HB2  sing N N 343 
TYR CB  HB3  sing N N 344 
TYR CG  CD1  doub Y N 345 
TYR CG  CD2  sing Y N 346 
TYR CD1 CE1  sing Y N 347 
TYR CD1 HD1  sing N N 348 
TYR CD2 CE2  doub Y N 349 
TYR CD2 HD2  sing N N 350 
TYR CE1 CZ   doub Y N 351 
TYR CE1 HE1  sing N N 352 
TYR CE2 CZ   sing Y N 353 
TYR CE2 HE2  sing N N 354 
TYR CZ  OH   sing N N 355 
TYR OH  HH   sing N N 356 
TYR OXT HXT  sing N N 357 
VAL N   CA   sing N N 358 
VAL N   H    sing N N 359 
VAL N   H2   sing N N 360 
VAL CA  C    sing N N 361 
VAL CA  CB   sing N N 362 
VAL CA  HA   sing N N 363 
VAL C   O    doub N N 364 
VAL C   OXT  sing N N 365 
VAL CB  CG1  sing N N 366 
VAL CB  CG2  sing N N 367 
VAL CB  HB   sing N N 368 
VAL CG1 HG11 sing N N 369 
VAL CG1 HG12 sing N N 370 
VAL CG1 HG13 sing N N 371 
VAL CG2 HG21 sing N N 372 
VAL CG2 HG22 sing N N 373 
VAL CG2 HG23 sing N N 374 
VAL OXT HXT  sing N N 375 
# 
_atom_sites.entry_id                    1HA1 
_atom_sites.fract_transf_matrix[1][1]   -0.00535714 
_atom_sites.fract_transf_matrix[1][2]   -0.01422780 
_atom_sites.fract_transf_matrix[1][3]   -0.02193173 
_atom_sites.fract_transf_matrix[2][1]   -0.01538659 
_atom_sites.fract_transf_matrix[2][2]   -0.01236716 
_atom_sites.fract_transf_matrix[2][3]   0.01178136 
_atom_sites.fract_transf_matrix[3][1]   -0.01318686 
_atom_sites.fract_transf_matrix[3][2]   0.01097496 
_atom_sites.fract_transf_matrix[3][3]   -0.00570153 
_atom_sites.fract_transf_vector[1]      0.685065 
_atom_sites.fract_transf_vector[2]      0.636053 
_atom_sites.fract_transf_vector[3]      0.785739 
# 
loop_
_atom_type.symbol 
C 
N 
O 
S 
# 
loop_
_atom_site.group_PDB 
_atom_site.id 
_atom_site.type_symbol 
_atom_site.label_atom_id 
_atom_site.label_alt_id 
_atom_site.label_comp_id 
_atom_site.label_asym_id 
_atom_site.label_entity_id 
_atom_site.label_seq_id 
_atom_site.pdbx_PDB_ins_code 
_atom_site.Cartn_x 
_atom_site.Cartn_y 
_atom_site.Cartn_z 
_atom_site.occupancy 
_atom_site.B_iso_or_equiv 
_atom_site.pdbx_formal_charge 
_atom_site.auth_seq_id 
_atom_site.auth_comp_id 
_atom_site.auth_asym_id 
_atom_site.auth_atom_id 
_atom_site.pdbx_PDB_model_num 
ATOM   1    N N   . GLU A 1 9   ? -8.307  12.333  -1.765  1.00 26.40 ? 8   GLU A N   1 
ATOM   2    C CA  . GLU A 1 9   ? -8.872  13.112  -2.892  1.00 28.31 ? 8   GLU A CA  1 
ATOM   3    C C   . GLU A 1 9   ? -8.273  12.943  -4.299  1.00 25.04 ? 8   GLU A C   1 
ATOM   4    O O   . GLU A 1 9   ? -9.034  12.781  -5.227  1.00 25.32 ? 8   GLU A O   1 
ATOM   5    C CB  . GLU A 1 9   ? -9.033  14.580  -2.507  1.00 37.56 ? 8   GLU A CB  1 
ATOM   6    C CG  . GLU A 1 9   ? -9.658  15.473  -3.559  1.00 42.63 ? 8   GLU A CG  1 
ATOM   7    C CD  . GLU A 1 9   ? -8.623  16.373  -4.197  1.00 49.24 ? 8   GLU A CD  1 
ATOM   8    O OE1 . GLU A 1 9   ? -7.936  17.124  -3.454  1.00 53.24 ? 8   GLU A OE1 1 
ATOM   9    O OE2 . GLU A 1 9   ? -8.474  16.311  -5.438  1.00 54.81 ? 8   GLU A OE2 1 
ATOM   10   N N   . PRO A 1 10  ? -6.954  13.097  -4.516  1.00 23.14 ? 9   PRO A N   1 
ATOM   11   C CA  . PRO A 1 10  ? -6.604  12.871  -5.925  1.00 21.40 ? 9   PRO A CA  1 
ATOM   12   C C   . PRO A 1 10  ? -7.004  11.457  -6.394  1.00 22.12 ? 9   PRO A C   1 
ATOM   13   O O   . PRO A 1 10  ? -6.838  10.465  -5.674  1.00 20.46 ? 9   PRO A O   1 
ATOM   14   C CB  . PRO A 1 10  ? -5.089  13.050  -5.935  1.00 19.78 ? 9   PRO A CB  1 
ATOM   15   C CG  . PRO A 1 10  ? -4.919  14.144  -5.004  1.00 22.99 ? 9   PRO A CG  1 
ATOM   16   C CD  . PRO A 1 10  ? -5.849  13.781  -3.834  1.00 21.28 ? 9   PRO A CD  1 
ATOM   17   N N   . GLU A 1 11  ? -7.569  11.393  -7.593  1.00 21.41 ? 10  GLU A N   1 
ATOM   18   C CA  . GLU A 1 11  ? -7.996  10.143  -8.182  1.00 23.25 ? 10  GLU A CA  1 
ATOM   19   C C   . GLU A 1 11  ? -6.944  9.040   -8.070  1.00 21.51 ? 10  GLU A C   1 
ATOM   20   O O   . GLU A 1 11  ? -7.266  7.923   -7.757  1.00 22.06 ? 10  GLU A O   1 
ATOM   21   C CB  . GLU A 1 11  ? -8.373  10.349  -9.664  1.00 26.77 ? 10  GLU A CB  1 
ATOM   22   C CG  . GLU A 1 11  ? -8.864  9.081   -10.357 1.00 33.01 ? 10  GLU A CG  1 
ATOM   23   C CD  . GLU A 1 11  ? -9.412  9.315   -11.769 1.00 37.17 ? 10  GLU A CD  1 
ATOM   24   O OE1 . GLU A 1 11  ? -10.251 10.231  -11.935 1.00 36.30 ? 10  GLU A OE1 1 
ATOM   25   O OE2 . GLU A 1 11  ? -9.019  8.559   -12.697 1.00 40.91 ? 10  GLU A OE2 1 
ATOM   26   N N   . GLN A 1 12  ? -5.684  9.352   -8.328  1.00 20.85 ? 11  GLN A N   1 
ATOM   27   C CA  . GLN A 1 12  ? -4.632  8.337   -8.279  1.00 18.07 ? 11  GLN A CA  1 
ATOM   28   C C   . GLN A 1 12  ? -4.563  7.616   -6.946  1.00 18.47 ? 11  GLN A C   1 
ATOM   29   O O   . GLN A 1 12  ? -4.254  6.429   -6.890  1.00 17.33 ? 11  GLN A O   1 
ATOM   30   C CB  . GLN A 1 12  ? -3.290  8.986   -8.585  1.00 17.66 ? 11  GLN A CB  1 
ATOM   31   C CG  . GLN A 1 12  ? -2.124  8.009   -8.885  1.00 19.56 ? 11  GLN A CG  1 
ATOM   32   C CD  . GLN A 1 12  ? -2.369  7.161   -10.130 1.00 18.14 ? 11  GLN A CD  1 
ATOM   33   O OE1 . GLN A 1 12  ? -3.347  7.349   -10.862 1.00 20.94 ? 11  GLN A OE1 1 
ATOM   34   N NE2 . GLN A 1 12  ? -1.484  6.201   -10.354 1.00 21.91 ? 11  GLN A NE2 1 
ATOM   35   N N   . LEU A 1 13  ? -4.910  8.337   -5.881  1.00 20.12 ? 12  LEU A N   1 
ATOM   36   C CA  . LEU A 1 13  ? -4.878  7.793   -4.537  1.00 18.55 ? 12  LEU A CA  1 
ATOM   37   C C   . LEU A 1 13  ? -6.164  7.061   -4.184  1.00 18.88 ? 12  LEU A C   1 
ATOM   38   O O   . LEU A 1 13  ? -6.292  6.490   -3.088  1.00 20.58 ? 12  LEU A O   1 
ATOM   39   C CB  . LEU A 1 13  ? -4.618  8.905   -3.532  1.00 15.88 ? 12  LEU A CB  1 
ATOM   40   C CG  . LEU A 1 13  ? -3.408  9.772   -3.896  1.00 17.86 ? 12  LEU A CG  1 
ATOM   41   C CD1 . LEU A 1 13  ? -3.198  10.863  -2.868  1.00 19.81 ? 12  LEU A CD1 1 
ATOM   42   C CD2 . LEU A 1 13  ? -2.189  8.951   -4.023  1.00 19.46 ? 12  LEU A CD2 1 
ATOM   43   N N   . ARG A 1 14  ? -7.126  7.045   -5.097  1.00 17.83 ? 13  ARG A N   1 
ATOM   44   C CA  . ARG A 1 14  ? -8.387  6.378   -4.806  1.00 16.61 ? 13  ARG A CA  1 
ATOM   45   C C   . ARG A 1 14  ? -8.563  5.199   -5.738  1.00 18.87 ? 13  ARG A C   1 
ATOM   46   O O   . ARG A 1 14  ? -9.632  4.609   -5.773  1.00 18.85 ? 13  ARG A O   1 
ATOM   47   C CB  . ARG A 1 14  ? -9.539  7.375   -5.010  1.00 16.73 ? 13  ARG A CB  1 
ATOM   48   C CG  . ARG A 1 14  ? -9.636  8.489   -3.931  1.00 17.98 ? 13  ARG A CG  1 
ATOM   49   C CD  . ARG A 1 14  ? -10.347 9.747   -4.409  1.00 17.82 ? 13  ARG A CD  1 
ATOM   50   N NE  . ARG A 1 14  ? -11.328 9.388   -5.400  1.00 23.72 ? 13  ARG A NE  1 
ATOM   51   C CZ  . ARG A 1 14  ? -11.577 10.047  -6.512  1.00 20.86 ? 13  ARG A CZ  1 
ATOM   52   N NH1 . ARG A 1 14  ? -10.936 11.168  -6.817  1.00 20.98 ? 13  ARG A NH1 1 
ATOM   53   N NH2 . ARG A 1 14  ? -12.387 9.492   -7.386  1.00 26.47 ? 13  ARG A NH2 1 
ATOM   54   N N   . LYS A 1 15  ? -7.496  4.828   -6.446  1.00 17.76 ? 14  LYS A N   1 
ATOM   55   C CA  . LYS A 1 15  ? -7.526  3.785   -7.462  1.00 16.53 ? 14  LYS A CA  1 
ATOM   56   C C   . LYS A 1 15  ? -6.809  2.524   -7.026  1.00 17.60 ? 14  LYS A C   1 
ATOM   57   O O   . LYS A 1 15  ? -5.759  2.598   -6.407  1.00 22.61 ? 14  LYS A O   1 
ATOM   58   C CB  . LYS A 1 15  ? -6.850  4.354   -8.705  1.00 17.15 ? 14  LYS A CB  1 
ATOM   59   C CG  . LYS A 1 15  ? -7.152  3.715   -10.010 1.00 21.62 ? 14  LYS A CG  1 
ATOM   60   C CD  . LYS A 1 15  ? -6.372  4.431   -11.097 1.00 23.74 ? 14  LYS A CD  1 
ATOM   61   C CE  . LYS A 1 15  ? -6.686  5.936   -11.154 1.00 27.64 ? 14  LYS A CE  1 
ATOM   62   N NZ  . LYS A 1 15  ? -5.829  6.705   -12.146 1.00 28.94 ? 14  LYS A NZ  1 
ATOM   63   N N   . LEU A 1 16  ? -7.357  1.361   -7.348  1.00 18.07 ? 15  LEU A N   1 
ATOM   64   C CA  . LEU A 1 16  ? -6.719  0.095   -7.006  1.00 17.62 ? 15  LEU A CA  1 
ATOM   65   C C   . LEU A 1 16  ? -6.548  -0.714  -8.238  1.00 18.31 ? 15  LEU A C   1 
ATOM   66   O O   . LEU A 1 16  ? -7.507  -0.904  -8.976  1.00 18.58 ? 15  LEU A O   1 
ATOM   67   C CB  . LEU A 1 16  ? -7.558  -0.776  -6.081  1.00 17.50 ? 15  LEU A CB  1 
ATOM   68   C CG  . LEU A 1 16  ? -7.644  -0.475  -4.597  1.00 18.34 ? 15  LEU A CG  1 
ATOM   69   C CD1 . LEU A 1 16  ? -8.562  -1.500  -3.968  1.00 18.90 ? 15  LEU A CD1 1 
ATOM   70   C CD2 . LEU A 1 16  ? -6.263  -0.498  -3.943  1.00 19.88 ? 15  LEU A CD2 1 
ATOM   71   N N   . PHE A 1 17  ? -5.319  -1.165  -8.461  1.00 20.91 ? 16  PHE A N   1 
ATOM   72   C CA  . PHE A 1 17  ? -4.999  -2.060  -9.554  1.00 20.05 ? 16  PHE A CA  1 
ATOM   73   C C   . PHE A 1 17  ? -5.345  -3.439  -8.972  1.00 18.84 ? 16  PHE A C   1 
ATOM   74   O O   . PHE A 1 17  ? -4.907  -3.805  -7.875  1.00 18.76 ? 16  PHE A O   1 
ATOM   75   C CB  . PHE A 1 17  ? -3.504  -1.993  -9.923  1.00 27.85 ? 16  PHE A CB  1 
ATOM   76   C CG  . PHE A 1 17  ? -2.864  -3.378  -10.208 1.00 38.41 ? 16  PHE A CG  1 
ATOM   77   C CD1 . PHE A 1 17  ? -2.455  -4.231  -9.134  1.00 39.42 ? 16  PHE A CD1 1 
ATOM   78   C CD2 . PHE A 1 17  ? -2.732  -3.854  -11.529 1.00 37.16 ? 16  PHE A CD2 1 
ATOM   79   C CE1 . PHE A 1 17  ? -1.937  -5.507  -9.368  1.00 35.61 ? 16  PHE A CE1 1 
ATOM   80   C CE2 . PHE A 1 17  ? -2.207  -5.150  -11.782 1.00 37.71 ? 16  PHE A CE2 1 
ATOM   81   C CZ  . PHE A 1 17  ? -1.815  -5.974  -10.700 1.00 39.27 ? 16  PHE A CZ  1 
ATOM   82   N N   . ILE A 1 18  ? -6.116  -4.214  -9.723  1.00 20.09 ? 17  ILE A N   1 
ATOM   83   C CA  . ILE A 1 18  ? -6.525  -5.525  -9.287  1.00 18.64 ? 17  ILE A CA  1 
ATOM   84   C C   . ILE A 1 18  ? -6.070  -6.543  -10.287 1.00 18.09 ? 17  ILE A C   1 
ATOM   85   O O   . ILE A 1 18  ? -6.667  -6.679  -11.353 1.00 18.15 ? 17  ILE A O   1 
ATOM   86   C CB  . ILE A 1 18  ? -8.035  -5.672  -9.179  1.00 17.61 ? 17  ILE A CB  1 
ATOM   87   C CG1 . ILE A 1 18  ? -8.678  -4.430  -8.519  1.00 19.77 ? 17  ILE A CG1 1 
ATOM   88   C CG2 . ILE A 1 18  ? -8.349  -6.972  -8.446  1.00 17.20 ? 17  ILE A CG2 1 
ATOM   89   C CD1 . ILE A 1 18  ? -8.326  -4.179  -7.123  1.00 15.00 ? 17  ILE A CD1 1 
ATOM   90   N N   . GLY A 1 19  ? -5.008  -7.250  -9.924  1.00 18.47 ? 18  GLY A N   1 
ATOM   91   C CA  . GLY A 1 19  ? -4.452  -8.270  -10.773 1.00 19.29 ? 18  GLY A CA  1 
ATOM   92   C C   . GLY A 1 19  ? -4.970  -9.620  -10.366 1.00 18.95 ? 18  GLY A C   1 
ATOM   93   O O   . GLY A 1 19  ? -5.710  -9.727  -9.380  1.00 19.67 ? 18  GLY A O   1 
ATOM   94   N N   . GLY A 1 20  ? -4.614  -10.645 -11.146 1.00 20.29 ? 19  GLY A N   1 
ATOM   95   C CA  . GLY A 1 20  ? -5.031  -12.016 -10.854 1.00 20.22 ? 19  GLY A CA  1 
ATOM   96   C C   . GLY A 1 20  ? -6.516  -12.305 -11.036 1.00 22.34 ? 19  GLY A C   1 
ATOM   97   O O   . GLY A 1 20  ? -7.083  -13.259 -10.489 1.00 21.47 ? 19  GLY A O   1 
ATOM   98   N N   . LEU A 1 21  ? -7.148  -11.442 -11.816 1.00 22.57 ? 20  LEU A N   1 
ATOM   99   C CA  . LEU A 1 21  ? -8.556  -11.555 -12.112 1.00 23.00 ? 20  LEU A CA  1 
ATOM   100  C C   . LEU A 1 21  ? -8.900  -12.849 -12.867 1.00 21.77 ? 20  LEU A C   1 
ATOM   101  O O   . LEU A 1 21  ? -8.083  -13.407 -13.627 1.00 22.43 ? 20  LEU A O   1 
ATOM   102  C CB  . LEU A 1 21  ? -8.979  -10.342 -12.951 1.00 20.61 ? 20  LEU A CB  1 
ATOM   103  C CG  . LEU A 1 21  ? -9.766  -9.202  -12.326 1.00 20.69 ? 20  LEU A CG  1 
ATOM   104  C CD1 . LEU A 1 21  ? -9.702  -9.113  -10.822 1.00 17.00 ? 20  LEU A CD1 1 
ATOM   105  C CD2 . LEU A 1 21  ? -9.350  -7.952  -12.994 1.00 20.88 ? 20  LEU A CD2 1 
ATOM   106  N N   . SER A 1 22  ? -10.092 -13.360 -12.597 1.00 19.81 ? 21  SER A N   1 
ATOM   107  C CA  . SER A 1 22  ? -10.565 -14.520 -13.315 1.00 20.19 ? 21  SER A CA  1 
ATOM   108  C C   . SER A 1 22  ? -10.901 -13.915 -14.671 1.00 18.94 ? 21  SER A C   1 
ATOM   109  O O   . SER A 1 22  ? -11.391 -12.791 -14.754 1.00 17.53 ? 21  SER A O   1 
ATOM   110  C CB  . SER A 1 22  ? -11.841 -15.074 -12.694 1.00 18.54 ? 21  SER A CB  1 
ATOM   111  O OG  . SER A 1 22  ? -12.465 -15.959 -13.615 1.00 22.25 ? 21  SER A OG  1 
ATOM   112  N N   . PHE A 1 23  ? -10.573 -14.626 -15.729 1.00 20.04 ? 22  PHE A N   1 
ATOM   113  C CA  . PHE A 1 23  ? -10.872 -14.158 -17.062 1.00 21.67 ? 22  PHE A CA  1 
ATOM   114  C C   . PHE A 1 23  ? -12.407 -13.951 -17.238 1.00 25.44 ? 22  PHE A C   1 
ATOM   115  O O   . PHE A 1 23  ? -12.847 -13.259 -18.182 1.00 25.85 ? 22  PHE A O   1 
ATOM   116  C CB  . PHE A 1 23  ? -10.298 -15.152 -18.099 1.00 20.11 ? 22  PHE A CB  1 
ATOM   117  C CG  . PHE A 1 23  ? -8.792  -15.110 -18.221 1.00 20.47 ? 22  PHE A CG  1 
ATOM   118  C CD1 . PHE A 1 23  ? -8.028  -14.275 -17.406 1.00 23.10 ? 22  PHE A CD1 1 
ATOM   119  C CD2 . PHE A 1 23  ? -8.128  -15.908 -19.155 1.00 20.73 ? 22  PHE A CD2 1 
ATOM   120  C CE1 . PHE A 1 23  ? -6.616  -14.239 -17.515 1.00 21.60 ? 22  PHE A CE1 1 
ATOM   121  C CE2 . PHE A 1 23  ? -6.726  -15.862 -19.259 1.00 21.88 ? 22  PHE A CE2 1 
ATOM   122  C CZ  . PHE A 1 23  ? -5.979  -15.027 -18.434 1.00 19.10 ? 22  PHE A CZ  1 
ATOM   123  N N   . GLU A 1 24  ? -13.212 -14.552 -16.348 1.00 24.89 ? 23  GLU A N   1 
ATOM   124  C CA  . GLU A 1 24  ? -14.685 -14.428 -16.381 1.00 25.45 ? 23  GLU A CA  1 
ATOM   125  C C   . GLU A 1 24  ? -15.147 -13.100 -15.775 1.00 23.39 ? 23  GLU A C   1 
ATOM   126  O O   . GLU A 1 24  ? -16.293 -12.673 -15.991 1.00 24.02 ? 23  GLU A O   1 
ATOM   127  C CB  . GLU A 1 24  ? -15.391 -15.584 -15.609 1.00 31.99 ? 23  GLU A CB  1 
ATOM   128  C CG  . GLU A 1 24  ? -15.823 -15.261 -14.095 1.00 37.17 ? 23  GLU A CG  1 
ATOM   129  C CD  . GLU A 1 24  ? -16.808 -16.279 -13.460 1.00 38.64 ? 23  GLU A CD  1 
ATOM   130  O OE1 . GLU A 1 24  ? -17.172 -17.283 -14.117 1.00 40.93 ? 23  GLU A OE1 1 
ATOM   131  O OE2 . GLU A 1 24  ? -17.237 -16.067 -12.304 1.00 37.97 ? 23  GLU A OE2 1 
ATOM   132  N N   . THR A 1 25  ? -14.268 -12.466 -15.002 1.00 21.15 ? 24  THR A N   1 
ATOM   133  C CA  . THR A 1 25  ? -14.608 -11.214 -14.361 1.00 17.65 ? 24  THR A CA  1 
ATOM   134  C C   . THR A 1 25  ? -14.898 -10.107 -15.357 1.00 18.41 ? 24  THR A C   1 
ATOM   135  O O   . THR A 1 25  ? -14.195 -9.934  -16.357 1.00 19.43 ? 24  THR A O   1 
ATOM   136  C CB  . THR A 1 25  ? -13.523 -10.802 -13.354 1.00 13.47 ? 24  THR A CB  1 
ATOM   137  O OG1 . THR A 1 25  ? -13.485 -11.768 -12.292 1.00 15.00 ? 24  THR A OG1 1 
ATOM   138  C CG2 . THR A 1 25  ? -13.827 -9.444  -12.763 1.00 16.95 ? 24  THR A CG2 1 
ATOM   139  N N   . THR A 1 26  ? -15.981 -9.395  -15.111 1.00 18.32 ? 25  THR A N   1 
ATOM   140  C CA  . THR A 1 26  ? -16.373 -8.300  -15.968 1.00 18.59 ? 25  THR A CA  1 
ATOM   141  C C   . THR A 1 26  ? -16.347 -6.989  -15.165 1.00 19.09 ? 25  THR A C   1 
ATOM   142  O O   . THR A 1 26  ? -16.173 -6.973  -13.936 1.00 16.35 ? 25  THR A O   1 
ATOM   143  C CB  . THR A 1 26  ? -17.777 -8.551  -16.495 1.00 17.20 ? 25  THR A CB  1 
ATOM   144  O OG1 . THR A 1 26  ? -18.686 -8.609  -15.395 1.00 22.90 ? 25  THR A OG1 1 
ATOM   145  C CG2 . THR A 1 26  ? -17.859 -9.891  -17.211 1.00 18.60 ? 25  THR A CG2 1 
ATOM   146  N N   . ASP A 1 27  ? -16.512 -5.879  -15.863 1.00 20.59 ? 26  ASP A N   1 
ATOM   147  C CA  . ASP A 1 27  ? -16.549 -4.591  -15.178 1.00 22.55 ? 26  ASP A CA  1 
ATOM   148  C C   . ASP A 1 27  ? -17.645 -4.666  -14.112 1.00 22.92 ? 26  ASP A C   1 
ATOM   149  O O   . ASP A 1 27  ? -17.459 -4.217  -12.968 1.00 21.17 ? 26  ASP A O   1 
ATOM   150  C CB  . ASP A 1 27  ? -16.958 -3.463  -16.123 1.00 20.92 ? 26  ASP A CB  1 
ATOM   151  C CG  . ASP A 1 27  ? -15.994 -3.243  -17.248 1.00 20.97 ? 26  ASP A CG  1 
ATOM   152  O OD1 . ASP A 1 27  ? -14.877 -3.784  -17.271 1.00 19.68 ? 26  ASP A OD1 1 
ATOM   153  O OD2 . ASP A 1 27  ? -16.378 -2.477  -18.135 1.00 26.15 ? 26  ASP A OD2 1 
ATOM   154  N N   . GLU A 1 28  ? -18.796 -5.213  -14.527 1.00 23.39 ? 27  GLU A N   1 
ATOM   155  C CA  . GLU A 1 28  ? -19.966 -5.347  -13.664 1.00 22.38 ? 27  GLU A CA  1 
ATOM   156  C C   . GLU A 1 28  ? -19.701 -6.224  -12.465 1.00 19.22 ? 27  GLU A C   1 
ATOM   157  O O   . GLU A 1 28  ? -19.944 -5.804  -11.364 1.00 18.61 ? 27  GLU A O   1 
ATOM   158  C CB  . GLU A 1 28  ? -21.182 -5.870  -14.434 1.00 23.63 ? 27  GLU A CB  1 
ATOM   159  C CG  . GLU A 1 28  ? -21.718 -4.915  -15.499 1.00 27.38 ? 27  GLU A CG  1 
ATOM   160  C CD  . GLU A 1 28  ? -20.915 -4.871  -16.814 1.00 29.79 ? 27  GLU A CD  1 
ATOM   161  O OE1 . GLU A 1 28  ? -20.217 -5.879  -17.173 1.00 26.21 ? 27  GLU A OE1 1 
ATOM   162  O OE2 . GLU A 1 28  ? -20.966 -3.847  -17.509 1.00 31.00 ? 27  GLU A OE2 1 
ATOM   163  N N   . SER A 1 29  ? -19.194 -7.436  -12.660 1.00 19.91 ? 28  SER A N   1 
ATOM   164  C CA  . SER A 1 29  ? -18.914 -8.312  -11.522 1.00 17.96 ? 28  SER A CA  1 
ATOM   165  C C   . SER A 1 29  ? -17.788 -7.763  -10.671 1.00 18.47 ? 28  SER A C   1 
ATOM   166  O O   . SER A 1 29  ? -17.795 -7.937  -9.452  1.00 21.32 ? 28  SER A O   1 
ATOM   167  C CB  . SER A 1 29  ? -18.616 -9.763  -11.953 1.00 16.21 ? 28  SER A CB  1 
ATOM   168  O OG  . SER A 1 29  ? -17.348 -9.930  -12.587 1.00 18.65 ? 28  SER A OG  1 
ATOM   169  N N   . LEU A 1 30  ? -16.817 -7.099  -11.288 1.00 17.23 ? 29  LEU A N   1 
ATOM   170  C CA  . LEU A 1 30  ? -15.730 -6.532  -10.513 1.00 17.12 ? 29  LEU A CA  1 
ATOM   171  C C   . LEU A 1 30  ? -16.290 -5.389  -9.680  1.00 16.12 ? 29  LEU A C   1 
ATOM   172  O O   . LEU A 1 30  ? -15.965 -5.264  -8.498  1.00 15.29 ? 29  LEU A O   1 
ATOM   173  C CB  . LEU A 1 30  ? -14.605 -6.043  -11.424 1.00 20.98 ? 29  LEU A CB  1 
ATOM   174  C CG  . LEU A 1 30  ? -13.369 -5.457  -10.720 1.00 20.31 ? 29  LEU A CG  1 
ATOM   175  C CD1 . LEU A 1 30  ? -12.617 -6.587  -9.969  1.00 18.75 ? 29  LEU A CD1 1 
ATOM   176  C CD2 . LEU A 1 30  ? -12.488 -4.815  -11.778 1.00 20.43 ? 29  LEU A CD2 1 
ATOM   177  N N   . ARG A 1 31  ? -17.163 -4.586  -10.301 1.00 14.81 ? 30  ARG A N   1 
ATOM   178  C CA  . ARG A 1 31  ? -17.832 -3.460  -9.634  1.00 15.53 ? 30  ARG A CA  1 
ATOM   179  C C   . ARG A 1 31  ? -18.729 -3.941  -8.488  1.00 15.70 ? 30  ARG A C   1 
ATOM   180  O O   . ARG A 1 31  ? -18.642 -3.433  -7.398  1.00 16.99 ? 30  ARG A O   1 
ATOM   181  C CB  . ARG A 1 31  ? -18.651 -2.648  -10.631 1.00 15.87 ? 30  ARG A CB  1 
ATOM   182  C CG  . ARG A 1 31  ? -19.485 -1.560  -9.979  1.00 15.73 ? 30  ARG A CG  1 
ATOM   183  C CD  . ARG A 1 31  ? -20.275 -0.704  -10.983 1.00 19.46 ? 30  ARG A CD  1 
ATOM   184  N NE  . ARG A 1 31  ? -19.478 0.333   -11.640 1.00 18.83 ? 30  ARG A NE  1 
ATOM   185  C CZ  . ARG A 1 31  ? -19.129 1.485   -11.081 1.00 22.28 ? 30  ARG A CZ  1 
ATOM   186  N NH1 . ARG A 1 31  ? -19.513 1.747   -9.843  1.00 27.92 ? 30  ARG A NH1 1 
ATOM   187  N NH2 . ARG A 1 31  ? -18.359 2.360   -11.731 1.00 20.85 ? 30  ARG A NH2 1 
ATOM   188  N N   . SER A 1 32  ? -19.558 -4.955  -8.749  1.00 18.18 ? 31  SER A N   1 
ATOM   189  C CA  . SER A 1 32  ? -20.482 -5.525  -7.758  1.00 18.60 ? 31  SER A CA  1 
ATOM   190  C C   . SER A 1 32  ? -19.674 -6.007  -6.592  1.00 18.44 ? 31  SER A C   1 
ATOM   191  O O   . SER A 1 32  ? -20.033 -5.763  -5.452  1.00 20.56 ? 31  SER A O   1 
ATOM   192  C CB  . SER A 1 32  ? -21.293 -6.687  -8.343  1.00 20.85 ? 31  SER A CB  1 
ATOM   193  O OG  . SER A 1 32  ? -22.255 -6.210  -9.277  1.00 22.46 ? 31  SER A OG  1 
ATOM   194  N N   . HIS A 1 33  ? -18.539 -6.629  -6.869  1.00 18.39 ? 32  HIS A N   1 
ATOM   195  C CA  . HIS A 1 33  ? -17.707 -7.075  -5.776  1.00 18.62 ? 32  HIS A CA  1 
ATOM   196  C C   . HIS A 1 33  ? -17.185 -5.890  -4.939  1.00 19.07 ? 32  HIS A C   1 
ATOM   197  O O   . HIS A 1 33  ? -17.538 -5.740  -3.760  1.00 18.77 ? 32  HIS A O   1 
ATOM   198  C CB  . HIS A 1 33  ? -16.526 -7.937  -6.257  1.00 15.96 ? 32  HIS A CB  1 
ATOM   199  C CG  . HIS A 1 33  ? -15.638 -8.399  -5.133  1.00 16.16 ? 32  HIS A CG  1 
ATOM   200  N ND1 . HIS A 1 33  ? -15.849 -9.565  -4.444  1.00 19.48 ? 32  HIS A ND1 1 
ATOM   201  C CD2 . HIS A 1 33  ? -14.561 -7.813  -4.549  1.00 14.67 ? 32  HIS A CD2 1 
ATOM   202  C CE1 . HIS A 1 33  ? -14.956 -9.687  -3.481  1.00 19.48 ? 32  HIS A CE1 1 
ATOM   203  N NE2 . HIS A 1 33  ? -14.160 -8.635  -3.530  1.00 18.71 ? 32  HIS A NE2 1 
ATOM   204  N N   . PHE A 1 34  ? -16.432 -5.003  -5.575  1.00 18.26 ? 33  PHE A N   1 
ATOM   205  C CA  . PHE A 1 34  ? -15.789 -3.902  -4.876  1.00 15.92 ? 33  PHE A CA  1 
ATOM   206  C C   . PHE A 1 34  ? -16.642 -2.824  -4.307  1.00 14.86 ? 33  PHE A C   1 
ATOM   207  O O   . PHE A 1 34  ? -16.219 -2.099  -3.407  1.00 15.38 ? 33  PHE A O   1 
ATOM   208  C CB  . PHE A 1 34  ? -14.594 -3.387  -5.700  1.00 18.38 ? 33  PHE A CB  1 
ATOM   209  C CG  . PHE A 1 34  ? -13.373 -4.300  -5.586  1.00 18.09 ? 33  PHE A CG  1 
ATOM   210  C CD1 . PHE A 1 34  ? -12.660 -4.365  -4.392  1.00 16.72 ? 33  PHE A CD1 1 
ATOM   211  C CD2 . PHE A 1 34  ? -13.020 -5.172  -6.628  1.00 17.05 ? 33  PHE A CD2 1 
ATOM   212  C CE1 . PHE A 1 34  ? -11.616 -5.291  -4.243  1.00 21.68 ? 33  PHE A CE1 1 
ATOM   213  C CE2 . PHE A 1 34  ? -11.987 -6.099  -6.497  1.00 17.73 ? 33  PHE A CE2 1 
ATOM   214  C CZ  . PHE A 1 34  ? -11.283 -6.171  -5.318  1.00 19.80 ? 33  PHE A CZ  1 
ATOM   215  N N   . GLU A 1 35  ? -17.879 -2.778  -4.774  1.00 17.37 ? 34  GLU A N   1 
ATOM   216  C CA  . GLU A 1 35  ? -18.824 -1.800  -4.274  1.00 20.19 ? 34  GLU A CA  1 
ATOM   217  C C   . GLU A 1 35  ? -19.204 -2.093  -2.843  1.00 20.07 ? 34  GLU A C   1 
ATOM   218  O O   . GLU A 1 35  ? -19.797 -1.264  -2.156  1.00 21.12 ? 34  GLU A O   1 
ATOM   219  C CB  . GLU A 1 35  ? -20.058 -1.762  -5.140  1.00 21.47 ? 34  GLU A CB  1 
ATOM   220  C CG  . GLU A 1 35  ? -19.888 -0.799  -6.275  1.00 24.31 ? 34  GLU A CG  1 
ATOM   221  C CD  . GLU A 1 35  ? -21.100 -0.708  -7.139  1.00 23.00 ? 34  GLU A CD  1 
ATOM   222  O OE1 . GLU A 1 35  ? -21.941 -1.629  -7.103  1.00 26.38 ? 34  GLU A OE1 1 
ATOM   223  O OE2 . GLU A 1 35  ? -21.202 0.284   -7.864  1.00 24.15 ? 34  GLU A OE2 1 
ATOM   224  N N   . GLN A 1 36  ? -18.889 -3.293  -2.391  1.00 19.63 ? 35  GLN A N   1 
ATOM   225  C CA  . GLN A 1 36  ? -19.192 -3.626  -1.035  1.00 20.63 ? 35  GLN A CA  1 
ATOM   226  C C   . GLN A 1 36  ? -18.405 -2.760  -0.065  1.00 23.00 ? 35  GLN A C   1 
ATOM   227  O O   . GLN A 1 36  ? -18.846 -2.600  1.065   1.00 24.51 ? 35  GLN A O   1 
ATOM   228  C CB  . GLN A 1 36  ? -18.935 -5.081  -0.766  1.00 20.41 ? 35  GLN A CB  1 
ATOM   229  C CG  . GLN A 1 36  ? -18.987 -5.360  0.677   1.00 22.98 ? 35  GLN A CG  1 
ATOM   230  C CD  . GLN A 1 36  ? -18.922 -6.812  0.988   1.00 26.23 ? 35  GLN A CD  1 
ATOM   231  O OE1 . GLN A 1 36  ? -18.871 -7.190  2.172   1.00 26.12 ? 35  GLN A OE1 1 
ATOM   232  N NE2 . GLN A 1 36  ? -18.953 -7.658  -0.052  1.00 21.33 ? 35  GLN A NE2 1 
ATOM   233  N N   . TRP A 1 37  ? -17.287 -2.160  -0.511  1.00 23.39 ? 36  TRP A N   1 
ATOM   234  C CA  . TRP A 1 37  ? -16.442 -1.317  0.375   1.00 22.17 ? 36  TRP A CA  1 
ATOM   235  C C   . TRP A 1 37  ? -16.475 0.160   0.099   1.00 19.19 ? 36  TRP A C   1 
ATOM   236  O O   . TRP A 1 37  ? -15.675 0.906   0.615   1.00 20.39 ? 36  TRP A O   1 
ATOM   237  C CB  . TRP A 1 37  ? -14.995 -1.823  0.406   1.00 21.55 ? 36  TRP A CB  1 
ATOM   238  C CG  . TRP A 1 37  ? -14.960 -3.205  0.990   1.00 22.51 ? 36  TRP A CG  1 
ATOM   239  C CD1 . TRP A 1 37  ? -15.036 -3.535  2.320   1.00 18.20 ? 36  TRP A CD1 1 
ATOM   240  C CD2 . TRP A 1 37  ? -15.056 -4.439  0.252   1.00 21.68 ? 36  TRP A CD2 1 
ATOM   241  N NE1 . TRP A 1 37  ? -15.206 -4.893  2.446   1.00 21.84 ? 36  TRP A NE1 1 
ATOM   242  C CE2 . TRP A 1 37  ? -15.212 -5.471  1.215   1.00 21.78 ? 36  TRP A CE2 1 
ATOM   243  C CE3 . TRP A 1 37  ? -15.038 -4.765  -1.108  1.00 19.26 ? 36  TRP A CE3 1 
ATOM   244  C CZ2 . TRP A 1 37  ? -15.351 -6.827  0.828   1.00 20.43 ? 36  TRP A CZ2 1 
ATOM   245  C CZ3 . TRP A 1 37  ? -15.182 -6.105  -1.481  1.00 17.45 ? 36  TRP A CZ3 1 
ATOM   246  C CH2 . TRP A 1 37  ? -15.329 -7.117  -0.512  1.00 18.97 ? 36  TRP A CH2 1 
ATOM   247  N N   . GLY A 1 38  ? -17.388 0.582   -0.748  1.00 18.67 ? 37  GLY A N   1 
ATOM   248  C CA  . GLY A 1 38  ? -17.483 1.988   -1.040  1.00 18.00 ? 37  GLY A CA  1 
ATOM   249  C C   . GLY A 1 38  ? -18.088 2.304   -2.386  1.00 19.15 ? 37  GLY A C   1 
ATOM   250  O O   . GLY A 1 38  ? -18.462 1.432   -3.185  1.00 18.72 ? 37  GLY A O   1 
ATOM   251  N N   . THR A 1 39  ? -18.216 3.590   -2.637  1.00 18.82 ? 38  THR A N   1 
ATOM   252  C CA  . THR A 1 39  ? -18.736 4.037   -3.895  1.00 18.18 ? 38  THR A CA  1 
ATOM   253  C C   . THR A 1 39  ? -17.597 3.931   -4.923  1.00 18.76 ? 38  THR A C   1 
ATOM   254  O O   . THR A 1 39  ? -16.485 4.412   -4.688  1.00 19.24 ? 38  THR A O   1 
ATOM   255  C CB  . THR A 1 39  ? -19.225 5.480   -3.751  1.00 19.77 ? 38  THR A CB  1 
ATOM   256  O OG1 . THR A 1 39  ? -20.285 5.523   -2.781  1.00 19.98 ? 38  THR A OG1 1 
ATOM   257  C CG2 . THR A 1 39  ? -19.700 6.044   -5.092  1.00 21.26 ? 38  THR A CG2 1 
ATOM   258  N N   . LEU A 1 40  ? -17.863 3.254   -6.033  1.00 17.73 ? 39  LEU A N   1 
ATOM   259  C CA  . LEU A 1 40  ? -16.883 3.119   -7.095  1.00 19.72 ? 39  LEU A CA  1 
ATOM   260  C C   . LEU A 1 40  ? -17.217 4.121   -8.174  1.00 19.36 ? 39  LEU A C   1 
ATOM   261  O O   . LEU A 1 40  ? -18.335 4.133   -8.679  1.00 18.22 ? 39  LEU A O   1 
ATOM   262  C CB  . LEU A 1 40  ? -16.929 1.710   -7.695  1.00 20.86 ? 39  LEU A CB  1 
ATOM   263  C CG  . LEU A 1 40  ? -16.234 0.628   -6.883  1.00 18.90 ? 39  LEU A CG  1 
ATOM   264  C CD1 . LEU A 1 40  ? -16.267 -0.705  -7.627  1.00 14.93 ? 39  LEU A CD1 1 
ATOM   265  C CD2 . LEU A 1 40  ? -14.834 1.083   -6.626  1.00 15.66 ? 39  LEU A CD2 1 
ATOM   266  N N   . THR A 1 41  ? -16.270 5.004   -8.491  1.00 22.33 ? 40  THR A N   1 
ATOM   267  C CA  . THR A 1 41  ? -16.485 6.008   -9.530  1.00 21.88 ? 40  THR A CA  1 
ATOM   268  C C   . THR A 1 41  ? -16.018 5.419   -10.833 1.00 22.30 ? 40  THR A C   1 
ATOM   269  O O   . THR A 1 41  ? -16.330 5.926   -11.898 1.00 24.49 ? 40  THR A O   1 
ATOM   270  C CB  . THR A 1 41  ? -15.693 7.318   -9.299  1.00 21.78 ? 40  THR A CB  1 
ATOM   271  O OG1 . THR A 1 41  ? -14.285 7.034   -9.256  1.00 23.47 ? 40  THR A OG1 1 
ATOM   272  C CG2 . THR A 1 41  ? -16.140 8.014   -8.014  1.00 17.50 ? 40  THR A CG2 1 
ATOM   273  N N   . ASP A 1 42  ? -15.241 4.360   -10.762 1.00 20.52 ? 41  ASP A N   1 
ATOM   274  C CA  . ASP A 1 42  ? -14.772 3.753   -11.985 1.00 21.86 ? 41  ASP A CA  1 
ATOM   275  C C   . ASP A 1 42  ? -14.442 2.332   -11.719 1.00 18.20 ? 41  ASP A C   1 
ATOM   276  O O   . ASP A 1 42  ? -14.067 1.975   -10.611 1.00 18.16 ? 41  ASP A O   1 
ATOM   277  C CB  . ASP A 1 42  ? -13.521 4.447   -12.494 1.00 25.66 ? 41  ASP A CB  1 
ATOM   278  C CG  . ASP A 1 42  ? -13.642 4.870   -13.926 1.00 32.21 ? 41  ASP A CG  1 
ATOM   279  O OD1 . ASP A 1 42  ? -13.895 4.019   -14.820 1.00 33.70 ? 41  ASP A OD1 1 
ATOM   280  O OD2 . ASP A 1 42  ? -13.496 6.085   -14.147 1.00 38.78 ? 41  ASP A OD2 1 
ATOM   281  N N   . CYS A 1 43  ? -14.544 1.516   -12.752 1.00 19.75 ? 42  CYS A N   1 
ATOM   282  C CA  . CYS A 1 43  ? -14.244 0.107   -12.586 1.00 21.29 ? 42  CYS A CA  1 
ATOM   283  C C   . CYS A 1 43  ? -14.107 -0.466  -13.976 1.00 20.85 ? 42  CYS A C   1 
ATOM   284  O O   . CYS A 1 43  ? -15.044 -0.455  -14.763 1.00 24.16 ? 42  CYS A O   1 
ATOM   285  C CB  . CYS A 1 43  ? -15.368 -0.579  -11.799 1.00 18.93 ? 42  CYS A CB  1 
ATOM   286  S SG  . CYS A 1 43  ? -15.137 -2.340  -11.645 1.00 21.13 ? 42  CYS A SG  1 
ATOM   287  N N   . VAL A 1 44  ? -12.926 -0.966  -14.275 1.00 20.34 ? 43  VAL A N   1 
ATOM   288  C CA  . VAL A 1 44  ? -12.650 -1.479  -15.590 1.00 20.13 ? 43  VAL A CA  1 
ATOM   289  C C   . VAL A 1 44  ? -11.834 -2.747  -15.540 1.00 20.72 ? 43  VAL A C   1 
ATOM   290  O O   . VAL A 1 44  ? -10.906 -2.851  -14.761 1.00 19.29 ? 43  VAL A O   1 
ATOM   291  C CB  . VAL A 1 44  ? -11.833 -0.435  -16.358 1.00 18.77 ? 43  VAL A CB  1 
ATOM   292  C CG1 . VAL A 1 44  ? -11.291 -0.992  -17.669 1.00 16.57 ? 43  VAL A CG1 1 
ATOM   293  C CG2 . VAL A 1 44  ? -12.672 0.826   -16.548 1.00 20.36 ? 43  VAL A CG2 1 
ATOM   294  N N   . VAL A 1 45  ? -12.206 -3.717  -16.365 1.00 19.18 ? 44  VAL A N   1 
ATOM   295  C CA  . VAL A 1 45  ? -11.455 -4.960  -16.498 1.00 19.64 ? 44  VAL A CA  1 
ATOM   296  C C   . VAL A 1 45  ? -10.648 -4.742  -17.783 1.00 19.09 ? 44  VAL A C   1 
ATOM   297  O O   . VAL A 1 45  ? -11.217 -4.308  -18.790 1.00 19.79 ? 44  VAL A O   1 
ATOM   298  C CB  . VAL A 1 45  ? -12.406 -6.158  -16.680 1.00 18.71 ? 44  VAL A CB  1 
ATOM   299  C CG1 . VAL A 1 45  ? -11.651 -7.388  -17.228 1.00 15.81 ? 44  VAL A CG1 1 
ATOM   300  C CG2 . VAL A 1 45  ? -13.112 -6.437  -15.339 1.00 17.93 ? 44  VAL A CG2 1 
ATOM   301  N N   . MET A 1 46  ? -9.326  -4.887  -17.723 1.00 18.74 ? 45  MET A N   1 
ATOM   302  C CA  . MET A 1 46  ? -8.509  -4.720  -18.923 1.00 21.57 ? 45  MET A CA  1 
ATOM   303  C C   . MET A 1 46  ? -8.745  -5.904  -19.880 1.00 21.09 ? 45  MET A C   1 
ATOM   304  O O   . MET A 1 46  ? -8.541  -7.046  -19.505 1.00 21.57 ? 45  MET A O   1 
ATOM   305  C CB  . MET A 1 46  ? -7.012  -4.627  -18.583 1.00 22.49 ? 45  MET A CB  1 
ATOM   306  C CG  . MET A 1 46  ? -6.605  -3.353  -17.898 1.00 25.15 ? 45  MET A CG  1 
ATOM   307  S SD  . MET A 1 46  ? -7.069  -1.877  -18.830 1.00 29.06 ? 45  MET A SD  1 
ATOM   308  C CE  . MET A 1 46  ? -6.744  -0.647  -17.506 1.00 36.85 ? 45  MET A CE  1 
ATOM   309  N N   . ARG A 1 47  ? -9.206  -5.621  -21.096 1.00 22.51 ? 46  ARG A N   1 
ATOM   310  C CA  . ARG A 1 47  ? -9.459  -6.661  -22.100 1.00 24.36 ? 46  ARG A CA  1 
ATOM   311  C C   . ARG A 1 47  ? -8.576  -6.436  -23.345 1.00 22.65 ? 46  ARG A C   1 
ATOM   312  O O   . ARG A 1 47  ? -8.100  -5.335  -23.611 1.00 24.78 ? 46  ARG A O   1 
ATOM   313  C CB  . ARG A 1 47  ? -10.949 -6.690  -22.504 1.00 22.41 ? 46  ARG A CB  1 
ATOM   314  C CG  . ARG A 1 47  ? -11.886 -6.820  -21.308 1.00 24.91 ? 46  ARG A CG  1 
ATOM   315  C CD  . ARG A 1 47  ? -13.336 -7.240  -21.601 1.00 25.13 ? 46  ARG A CD  1 
ATOM   316  N NE  . ARG A 1 47  ? -13.505 -8.648  -21.224 1.00 30.82 ? 46  ARG A NE  1 
ATOM   317  C CZ  . ARG A 1 47  ? -14.087 -9.058  -20.107 1.00 33.39 ? 46  ARG A CZ  1 
ATOM   318  N NH1 . ARG A 1 47  ? -14.592 -8.173  -19.267 1.00 36.59 ? 46  ARG A NH1 1 
ATOM   319  N NH2 . ARG A 1 47  ? -14.021 -10.336 -19.743 1.00 38.01 ? 46  ARG A NH2 1 
ATOM   320  N N   . ASP A 1 48  ? -8.300  -7.499  -24.073 1.00 19.89 ? 47  ASP A N   1 
ATOM   321  C CA  . ASP A 1 48  ? -7.518  -7.371  -25.274 1.00 19.55 ? 47  ASP A CA  1 
ATOM   322  C C   . ASP A 1 48  ? -8.378  -6.533  -26.211 1.00 18.61 ? 47  ASP A C   1 
ATOM   323  O O   . ASP A 1 48  ? -9.589  -6.701  -26.272 1.00 20.34 ? 47  ASP A O   1 
ATOM   324  C CB  . ASP A 1 48  ? -7.251  -8.749  -25.860 1.00 18.20 ? 47  ASP A CB  1 
ATOM   325  C CG  . ASP A 1 48  ? -6.330  -8.699  -27.036 1.00 20.34 ? 47  ASP A CG  1 
ATOM   326  O OD1 . ASP A 1 48  ? -5.123  -8.629  -26.807 1.00 22.37 ? 47  ASP A OD1 1 
ATOM   327  O OD2 . ASP A 1 48  ? -6.801  -8.694  -28.191 1.00 22.29 ? 47  ASP A OD2 1 
ATOM   328  N N   . PRO A 1 49  ? -7.758  -5.622  -26.965 1.00 19.86 ? 48  PRO A N   1 
ATOM   329  C CA  . PRO A 1 49  ? -8.494  -4.767  -27.893 1.00 20.03 ? 48  PRO A CA  1 
ATOM   330  C C   . PRO A 1 49  ? -9.133  -5.481  -29.082 1.00 20.21 ? 48  PRO A C   1 
ATOM   331  O O   . PRO A 1 49  ? -10.119 -5.009  -29.623 1.00 21.28 ? 48  PRO A O   1 
ATOM   332  C CB  . PRO A 1 49  ? -7.438  -3.748  -28.316 1.00 20.57 ? 48  PRO A CB  1 
ATOM   333  C CG  . PRO A 1 49  ? -6.148  -4.551  -28.223 1.00 23.96 ? 48  PRO A CG  1 
ATOM   334  C CD  . PRO A 1 49  ? -6.320  -5.287  -26.943 1.00 18.99 ? 48  PRO A CD  1 
ATOM   335  N N   . ASN A 1 50  ? -8.598  -6.630  -29.468 1.00 18.76 ? 49  ASN A N   1 
ATOM   336  C CA  . ASN A 1 50  ? -9.129  -7.363  -30.600 1.00 21.58 ? 49  ASN A CA  1 
ATOM   337  C C   . ASN A 1 50  ? -10.034 -8.536  -30.225 1.00 22.31 ? 49  ASN A C   1 
ATOM   338  O O   . ASN A 1 50  ? -11.158 -8.657  -30.735 1.00 21.00 ? 49  ASN A O   1 
ATOM   339  C CB  . ASN A 1 50  ? -7.976  -7.866  -31.465 1.00 22.93 ? 49  ASN A CB  1 
ATOM   340  C CG  . ASN A 1 50  ? -7.066  -6.749  -31.930 1.00 28.75 ? 49  ASN A CG  1 
ATOM   341  O OD1 . ASN A 1 50  ? -5.881  -6.721  -31.608 1.00 33.32 ? 49  ASN A OD1 1 
ATOM   342  N ND2 . ASN A 1 50  ? -7.625  -5.804  -32.671 1.00 29.13 ? 49  ASN A ND2 1 
ATOM   343  N N   . THR A 1 51  ? -9.532  -9.398  -29.335 1.00 22.56 ? 50  THR A N   1 
ATOM   344  C CA  . THR A 1 51  ? -10.245 -10.605 -28.895 1.00 20.19 ? 50  THR A CA  1 
ATOM   345  C C   . THR A 1 51  ? -11.232 -10.354 -27.788 1.00 19.47 ? 50  THR A C   1 
ATOM   346  O O   . THR A 1 51  ? -12.132 -11.151 -27.583 1.00 20.60 ? 50  THR A O   1 
ATOM   347  C CB  . THR A 1 51  ? -9.285  -11.661 -28.293 1.00 21.08 ? 50  THR A CB  1 
ATOM   348  O OG1 . THR A 1 51  ? -8.782  -11.177 -27.039 1.00 20.48 ? 50  THR A OG1 1 
ATOM   349  C CG2 . THR A 1 51  ? -8.104  -11.952 -29.221 1.00 19.33 ? 50  THR A CG2 1 
ATOM   350  N N   . LYS A 1 52  ? -11.002 -9.272  -27.055 1.00 18.53 ? 51  LYS A N   1 
ATOM   351  C CA  . LYS A 1 52  ? -11.778 -8.873  -25.892 1.00 22.02 ? 51  LYS A CA  1 
ATOM   352  C C   . LYS A 1 52  ? -11.575 -9.840  -24.727 1.00 20.58 ? 51  LYS A C   1 
ATOM   353  O O   . LYS A 1 52  ? -12.244 -9.760  -23.695 1.00 20.95 ? 51  LYS A O   1 
ATOM   354  C CB  . LYS A 1 52  ? -13.254 -8.638  -26.229 1.00 23.86 ? 51  LYS A CB  1 
ATOM   355  C CG  . LYS A 1 52  ? -13.433 -7.464  -27.207 1.00 29.45 ? 51  LYS A CG  1 
ATOM   356  C CD  . LYS A 1 52  ? -12.726 -6.178  -26.713 1.00 36.78 ? 51  LYS A CD  1 
ATOM   357  C CE  . LYS A 1 52  ? -12.616 -5.130  -27.833 1.00 41.34 ? 51  LYS A CE  1 
ATOM   358  N NZ  . LYS A 1 52  ? -12.045 -3.833  -27.362 1.00 44.92 ? 51  LYS A NZ  1 
ATOM   359  N N   . ARG A 1 53  ? -10.615 -10.736 -24.888 1.00 18.32 ? 52  ARG A N   1 
ATOM   360  C CA  . ARG A 1 53  ? -10.333 -11.686 -23.843 1.00 19.28 ? 52  ARG A CA  1 
ATOM   361  C C   . ARG A 1 53  ? -9.692  -10.870 -22.745 1.00 20.70 ? 52  ARG A C   1 
ATOM   362  O O   . ARG A 1 53  ? -8.876  -10.000 -23.023 1.00 20.00 ? 52  ARG A O   1 
ATOM   363  C CB  . ARG A 1 53  ? -9.345  -12.755 -24.338 1.00 18.77 ? 52  ARG A CB  1 
ATOM   364  C CG  . ARG A 1 53  ? -9.037  -13.849 -23.326 1.00 20.72 ? 52  ARG A CG  1 
ATOM   365  C CD  . ARG A 1 53  ? -8.242  -15.017 -23.900 1.00 24.51 ? 52  ARG A CD  1 
ATOM   366  N NE  . ARG A 1 53  ? -8.997  -15.737 -24.928 1.00 29.29 ? 52  ARG A NE  1 
ATOM   367  C CZ  . ARG A 1 53  ? -8.685  -15.709 -26.233 1.00 42.81 ? 52  ARG A CZ  1 
ATOM   368  N NH1 . ARG A 1 53  ? -7.599  -14.996 -26.690 1.00 39.94 ? 52  ARG A NH1 1 
ATOM   369  N NH2 . ARG A 1 53  ? -9.500  -16.321 -27.113 1.00 41.10 ? 52  ARG A NH2 1 
ATOM   370  N N   . SER A 1 54  ? -10.099 -11.122 -21.504 1.00 21.00 ? 53  SER A N   1 
ATOM   371  C CA  . SER A 1 54  ? -9.548  -10.443 -20.343 1.00 19.68 ? 53  SER A CA  1 
ATOM   372  C C   . SER A 1 54  ? -8.016  -10.538 -20.243 1.00 20.54 ? 53  SER A C   1 
ATOM   373  O O   . SER A 1 54  ? -7.426  -11.590 -20.532 1.00 21.22 ? 53  SER A O   1 
ATOM   374  C CB  . SER A 1 54  ? -10.142 -11.054 -19.087 1.00 20.08 ? 53  SER A CB  1 
ATOM   375  O OG  . SER A 1 54  ? -9.546  -10.480 -17.949 1.00 20.21 ? 53  SER A OG  1 
ATOM   376  N N   . ARG A 1 55  ? -7.398  -9.454  -19.769 1.00 17.29 ? 54  ARG A N   1 
ATOM   377  C CA  . ARG A 1 55  ? -5.975  -9.383  -19.576 1.00 14.92 ? 54  ARG A CA  1 
ATOM   378  C C   . ARG A 1 55  ? -5.635  -9.891  -18.168 1.00 16.47 ? 54  ARG A C   1 
ATOM   379  O O   . ARG A 1 55  ? -4.466  -10.004 -17.785 1.00 14.13 ? 54  ARG A O   1 
ATOM   380  C CB  . ARG A 1 55  ? -5.514  -7.948  -19.763 1.00 18.30 ? 54  ARG A CB  1 
ATOM   381  C CG  . ARG A 1 55  ? -5.429  -7.562  -21.197 1.00 20.87 ? 54  ARG A CG  1 
ATOM   382  C CD  . ARG A 1 55  ? -4.311  -6.621  -21.373 1.00 26.06 ? 54  ARG A CD  1 
ATOM   383  N NE  . ARG A 1 55  ? -4.757  -5.351  -21.889 1.00 28.78 ? 54  ARG A NE  1 
ATOM   384  C CZ  . ARG A 1 55  ? -4.023  -4.249  -21.863 1.00 30.61 ? 54  ARG A CZ  1 
ATOM   385  N NH1 . ARG A 1 55  ? -2.803  -4.268  -21.326 1.00 27.71 ? 54  ARG A NH1 1 
ATOM   386  N NH2 . ARG A 1 55  ? -4.501  -3.143  -22.420 1.00 33.25 ? 54  ARG A NH2 1 
ATOM   387  N N   . GLY A 1 56  ? -6.673  -10.236 -17.417 1.00 16.02 ? 55  GLY A N   1 
ATOM   388  C CA  . GLY A 1 56  ? -6.483  -10.732 -16.076 1.00 17.29 ? 55  GLY A CA  1 
ATOM   389  C C   . GLY A 1 56  ? -6.311  -9.641  -15.031 1.00 17.42 ? 55  GLY A C   1 
ATOM   390  O O   . GLY A 1 56  ? -5.940  -9.941  -13.892 1.00 18.69 ? 55  GLY A O   1 
ATOM   391  N N   . PHE A 1 57  ? -6.554  -8.382  -15.381 1.00 15.17 ? 56  PHE A N   1 
ATOM   392  C CA  . PHE A 1 57  ? -6.433  -7.332  -14.381 1.00 15.35 ? 56  PHE A CA  1 
ATOM   393  C C   . PHE A 1 57  ? -7.341  -6.154  -14.741 1.00 18.31 ? 56  PHE A C   1 
ATOM   394  O O   . PHE A 1 57  ? -7.880  -6.064  -15.856 1.00 16.26 ? 56  PHE A O   1 
ATOM   395  C CB  . PHE A 1 57  ? -4.970  -6.887  -14.177 1.00 18.33 ? 56  PHE A CB  1 
ATOM   396  C CG  . PHE A 1 57  ? -4.410  -6.059  -15.306 1.00 17.88 ? 56  PHE A CG  1 
ATOM   397  C CD1 . PHE A 1 57  ? -3.939  -6.667  -16.465 1.00 19.99 ? 56  PHE A CD1 1 
ATOM   398  C CD2 . PHE A 1 57  ? -4.336  -4.675  -15.198 1.00 18.96 ? 56  PHE A CD2 1 
ATOM   399  C CE1 . PHE A 1 57  ? -3.409  -5.916  -17.483 1.00 20.35 ? 56  PHE A CE1 1 
ATOM   400  C CE2 . PHE A 1 57  ? -3.806  -3.911  -16.210 1.00 17.64 ? 56  PHE A CE2 1 
ATOM   401  C CZ  . PHE A 1 57  ? -3.339  -4.523  -17.354 1.00 20.48 ? 56  PHE A CZ  1 
ATOM   402  N N   . GLY A 1 58  ? -7.547  -5.278  -13.783 1.00 14.78 ? 57  GLY A N   1 
ATOM   403  C CA  . GLY A 1 58  ? -8.394  -4.159  -14.049 1.00 17.02 ? 57  GLY A CA  1 
ATOM   404  C C   . GLY A 1 58  ? -8.126  -3.188  -12.947 1.00 18.37 ? 57  GLY A C   1 
ATOM   405  O O   . GLY A 1 58  ? -7.174  -3.358  -12.203 1.00 16.78 ? 57  GLY A O   1 
ATOM   406  N N   . PHE A 1 59  ? -8.965  -2.178  -12.841 1.00 19.12 ? 58  PHE A N   1 
ATOM   407  C CA  . PHE A 1 59  ? -8.802  -1.185  -11.811 1.00 22.35 ? 58  PHE A CA  1 
ATOM   408  C C   . PHE A 1 59  ? -10.186 -0.755  -11.357 1.00 20.59 ? 58  PHE A C   1 
ATOM   409  O O   . PHE A 1 59  ? -11.148 -0.767  -12.110 1.00 23.15 ? 58  PHE A O   1 
ATOM   410  C CB  . PHE A 1 59  ? -8.011  0.014   -12.331 1.00 25.66 ? 58  PHE A CB  1 
ATOM   411  C CG  . PHE A 1 59  ? -8.843  1.003   -13.063 1.00 29.79 ? 58  PHE A CG  1 
ATOM   412  C CD1 . PHE A 1 59  ? -9.481  2.037   -12.370 1.00 30.96 ? 58  PHE A CD1 1 
ATOM   413  C CD2 . PHE A 1 59  ? -9.039  0.879   -14.431 1.00 33.16 ? 58  PHE A CD2 1 
ATOM   414  C CE1 . PHE A 1 59  ? -10.295 2.921   -13.017 1.00 32.82 ? 58  PHE A CE1 1 
ATOM   415  C CE2 . PHE A 1 59  ? -9.866  1.778   -15.100 1.00 35.39 ? 58  PHE A CE2 1 
ATOM   416  C CZ  . PHE A 1 59  ? -10.494 2.798   -14.389 1.00 35.36 ? 58  PHE A CZ  1 
ATOM   417  N N   . VAL A 1 60  ? -10.235 -0.262  -10.143 1.00 21.22 ? 59  VAL A N   1 
ATOM   418  C CA  . VAL A 1 60  ? -11.452 0.175   -9.526  1.00 18.77 ? 59  VAL A CA  1 
ATOM   419  C C   . VAL A 1 60  ? -11.037 1.497   -8.870  1.00 18.97 ? 59  VAL A C   1 
ATOM   420  O O   . VAL A 1 60  ? -9.916  1.613   -8.379  1.00 15.68 ? 59  VAL A O   1 
ATOM   421  C CB  . VAL A 1 60  ? -11.813 -0.939  -8.505  1.00 21.08 ? 59  VAL A CB  1 
ATOM   422  C CG1 . VAL A 1 60  ? -12.058 -0.422  -7.118  1.00 23.46 ? 59  VAL A CG1 1 
ATOM   423  C CG2 . VAL A 1 60  ? -12.897 -1.825  -9.059  1.00 23.53 ? 59  VAL A CG2 1 
ATOM   424  N N   . THR A 1 61  ? -11.878 2.514   -8.961  1.00 17.43 ? 60  THR A N   1 
ATOM   425  C CA  . THR A 1 61  ? -11.563 3.787   -8.348  1.00 16.18 ? 60  THR A CA  1 
ATOM   426  C C   . THR A 1 61  ? -12.671 4.123   -7.342  1.00 19.68 ? 60  THR A C   1 
ATOM   427  O O   . THR A 1 61  ? -13.837 4.259   -7.747  1.00 20.89 ? 60  THR A O   1 
ATOM   428  C CB  . THR A 1 61  ? -11.534 4.880   -9.392  1.00 16.90 ? 60  THR A CB  1 
ATOM   429  O OG1 . THR A 1 61  ? -10.672 4.494   -10.468 1.00 16.48 ? 60  THR A OG1 1 
ATOM   430  C CG2 . THR A 1 61  ? -11.086 6.222   -8.772  1.00 17.88 ? 60  THR A CG2 1 
ATOM   431  N N   . TYR A 1 62  ? -12.325 4.272   -6.055  1.00 17.25 ? 61  TYR A N   1 
ATOM   432  C CA  . TYR A 1 62  ? -13.303 4.606   -5.017  1.00 16.94 ? 61  TYR A CA  1 
ATOM   433  C C   . TYR A 1 62  ? -13.565 6.081   -4.908  1.00 18.65 ? 61  TYR A C   1 
ATOM   434  O O   . TYR A 1 62  ? -12.772 6.885   -5.375  1.00 21.10 ? 61  TYR A O   1 
ATOM   435  C CB  . TYR A 1 62  ? -12.840 4.100   -3.664  1.00 16.46 ? 61  TYR A CB  1 
ATOM   436  C CG  . TYR A 1 62  ? -13.039 2.607   -3.495  1.00 18.40 ? 61  TYR A CG  1 
ATOM   437  C CD1 . TYR A 1 62  ? -14.298 2.095   -3.218  1.00 16.93 ? 61  TYR A CD1 1 
ATOM   438  C CD2 . TYR A 1 62  ? -11.962 1.696   -3.646  1.00 19.03 ? 61  TYR A CD2 1 
ATOM   439  C CE1 . TYR A 1 62  ? -14.508 0.734   -3.096  1.00 15.73 ? 61  TYR A CE1 1 
ATOM   440  C CE2 . TYR A 1 62  ? -12.168 0.319   -3.518  1.00 18.87 ? 61  TYR A CE2 1 
ATOM   441  C CZ  . TYR A 1 62  ? -13.457 -0.145  -3.242  1.00 16.57 ? 61  TYR A CZ  1 
ATOM   442  O OH  . TYR A 1 62  ? -13.714 -1.479  -3.125  1.00 18.03 ? 61  TYR A OH  1 
ATOM   443  N N   . ALA A 1 63  ? -14.684 6.446   -4.303  1.00 18.88 ? 62  ALA A N   1 
ATOM   444  C CA  . ALA A 1 63  ? -14.998 7.849   -4.126  1.00 19.77 ? 62  ALA A CA  1 
ATOM   445  C C   . ALA A 1 63  ? -14.040 8.482   -3.107  1.00 22.38 ? 62  ALA A C   1 
ATOM   446  O O   . ALA A 1 63  ? -13.849 9.698   -3.133  1.00 23.88 ? 62  ALA A O   1 
ATOM   447  C CB  . ALA A 1 63  ? -16.432 8.030   -3.676  1.00 19.85 ? 62  ALA A CB  1 
ATOM   448  N N   . THR A 1 64  ? -13.459 7.681   -2.209  1.00 20.54 ? 63  THR A N   1 
ATOM   449  C CA  . THR A 1 64  ? -12.521 8.198   -1.201  1.00 21.38 ? 63  THR A CA  1 
ATOM   450  C C   . THR A 1 64  ? -11.372 7.219   -0.873  1.00 22.79 ? 63  THR A C   1 
ATOM   451  O O   . THR A 1 64  ? -11.477 6.011   -1.131  1.00 21.65 ? 63  THR A O   1 
ATOM   452  C CB  . THR A 1 64  ? -13.211 8.569   0.168   1.00 22.19 ? 63  THR A CB  1 
ATOM   453  O OG1 . THR A 1 64  ? -13.648 7.377   0.845   1.00 20.80 ? 63  THR A OG1 1 
ATOM   454  C CG2 . THR A 1 64  ? -14.380 9.584   -0.003  1.00 20.05 ? 63  THR A CG2 1 
ATOM   455  N N   . VAL A 1 65  ? -10.315 7.752   -0.250  1.00 21.31 ? 64  VAL A N   1 
ATOM   456  C CA  . VAL A 1 65  ? -9.138  6.980   0.182   1.00 19.68 ? 64  VAL A CA  1 
ATOM   457  C C   . VAL A 1 65  ? -9.554  6.065   1.332   1.00 18.63 ? 64  VAL A C   1 
ATOM   458  O O   . VAL A 1 65  ? -9.012  4.974   1.471   1.00 19.59 ? 64  VAL A O   1 
ATOM   459  C CB  . VAL A 1 65  ? -7.948  7.924   0.626   1.00 17.71 ? 64  VAL A CB  1 
ATOM   460  C CG1 . VAL A 1 65  ? -6.781  7.134   1.252   1.00 13.58 ? 64  VAL A CG1 1 
ATOM   461  C CG2 . VAL A 1 65  ? -7.475  8.721   -0.551  1.00 17.07 ? 64  VAL A CG2 1 
ATOM   462  N N   . GLU A 1 66  ? -10.503 6.511   2.157   1.00 18.56 ? 65  GLU A N   1 
ATOM   463  C CA  . GLU A 1 66  ? -11.001 5.683   3.252   1.00 18.59 ? 65  GLU A CA  1 
ATOM   464  C C   . GLU A 1 66  ? -11.652 4.426   2.721   1.00 19.84 ? 65  GLU A C   1 
ATOM   465  O O   . GLU A 1 66  ? -11.539 3.365   3.311   1.00 17.92 ? 65  GLU A O   1 
ATOM   466  C CB  . GLU A 1 66  ? -12.006 6.435   4.083   1.00 21.55 ? 65  GLU A CB  1 
ATOM   467  C CG  . GLU A 1 66  ? -11.348 7.240   5.157   1.00 26.25 ? 65  GLU A CG  1 
ATOM   468  C CD  . GLU A 1 66  ? -12.326 7.723   6.184   1.00 28.66 ? 65  GLU A CD  1 
ATOM   469  O OE1 . GLU A 1 66  ? -13.529 7.458   6.027   1.00 33.85 ? 65  GLU A OE1 1 
ATOM   470  O OE2 . GLU A 1 66  ? -11.896 8.384   7.147   1.00 34.39 ? 65  GLU A OE2 1 
ATOM   471  N N   . GLU A 1 67  ? -12.305 4.541   1.568   1.00 20.33 ? 66  GLU A N   1 
ATOM   472  C CA  . GLU A 1 67  ? -12.937 3.405   0.954   1.00 18.33 ? 66  GLU A CA  1 
ATOM   473  C C   . GLU A 1 67  ? -11.861 2.501   0.412   1.00 16.61 ? 66  GLU A C   1 
ATOM   474  O O   . GLU A 1 67  ? -11.995 1.283   0.469   1.00 15.27 ? 66  GLU A O   1 
ATOM   475  C CB  . GLU A 1 67  ? -13.868 3.847   -0.141  1.00 16.75 ? 66  GLU A CB  1 
ATOM   476  C CG  . GLU A 1 67  ? -15.109 4.499   0.375   1.00 17.03 ? 66  GLU A CG  1 
ATOM   477  C CD  . GLU A 1 67  ? -15.861 5.237   -0.718  1.00 16.18 ? 66  GLU A CD  1 
ATOM   478  O OE1 . GLU A 1 67  ? -15.259 5.626   -1.725  1.00 23.86 ? 66  GLU A OE1 1 
ATOM   479  O OE2 . GLU A 1 67  ? -17.058 5.449   -0.586  1.00 18.86 ? 66  GLU A OE2 1 
ATOM   480  N N   . VAL A 1 68  ? -10.786 3.090   -0.104  1.00 18.63 ? 67  VAL A N   1 
ATOM   481  C CA  . VAL A 1 68  ? -9.667  2.283   -0.630  1.00 17.81 ? 67  VAL A CA  1 
ATOM   482  C C   . VAL A 1 68  ? -9.121  1.442   0.536   1.00 18.77 ? 67  VAL A C   1 
ATOM   483  O O   . VAL A 1 68  ? -8.927  0.235   0.406   1.00 17.73 ? 67  VAL A O   1 
ATOM   484  C CB  . VAL A 1 68  ? -8.514  3.161   -1.231  1.00 15.37 ? 67  VAL A CB  1 
ATOM   485  C CG1 . VAL A 1 68  ? -7.423  2.287   -1.820  1.00 15.15 ? 67  VAL A CG1 1 
ATOM   486  C CG2 . VAL A 1 68  ? -9.028  4.051   -2.293  1.00 16.37 ? 67  VAL A CG2 1 
ATOM   487  N N   . ASP A 1 69  ? -8.952  2.090   1.688   1.00 17.88 ? 68  ASP A N   1 
ATOM   488  C CA  . ASP A 1 69  ? -8.442  1.456   2.908   1.00 18.13 ? 68  ASP A CA  1 
ATOM   489  C C   . ASP A 1 69  ? -9.331  0.304   3.304   1.00 19.58 ? 68  ASP A C   1 
ATOM   490  O O   . ASP A 1 69  ? -8.832  -0.758  3.695   1.00 21.02 ? 68  ASP A O   1 
ATOM   491  C CB  . ASP A 1 69  ? -8.390  2.455   4.081   1.00 17.75 ? 68  ASP A CB  1 
ATOM   492  C CG  . ASP A 1 69  ? -7.336  3.554   3.915   1.00 18.43 ? 68  ASP A CG  1 
ATOM   493  O OD1 . ASP A 1 69  ? -6.476  3.523   3.013   1.00 18.55 ? 68  ASP A OD1 1 
ATOM   494  O OD2 . ASP A 1 69  ? -7.375  4.482   4.736   1.00 19.34 ? 68  ASP A OD2 1 
ATOM   495  N N   . ALA A 1 70  ? -10.650 0.524   3.222   1.00 21.27 ? 69  ALA A N   1 
ATOM   496  C CA  . ALA A 1 70  ? -11.679 -0.490  3.534   1.00 20.37 ? 69  ALA A CA  1 
ATOM   497  C C   . ALA A 1 70  ? -11.572 -1.693  2.585   1.00 18.56 ? 69  ALA A C   1 
ATOM   498  O O   . ALA A 1 70  ? -11.694 -2.838  3.024   1.00 20.01 ? 69  ALA A O   1 
ATOM   499  C CB  . ALA A 1 70  ? -13.086 0.130   3.460   1.00 19.07 ? 69  ALA A CB  1 
ATOM   500  N N   . ALA A 1 71  ? -11.331 -1.443  1.300   1.00 18.28 ? 70  ALA A N   1 
ATOM   501  C CA  . ALA A 1 71  ? -11.149 -2.526  0.330   1.00 19.14 ? 70  ALA A CA  1 
ATOM   502  C C   . ALA A 1 71  ? -9.855  -3.290  0.635   1.00 18.31 ? 70  ALA A C   1 
ATOM   503  O O   . ALA A 1 71  ? -9.816  -4.516  0.596   1.00 19.58 ? 70  ALA A O   1 
ATOM   504  C CB  . ALA A 1 71  ? -11.106 -1.985  -1.074  1.00 13.89 ? 70  ALA A CB  1 
ATOM   505  N N   . MET A 1 72  ? -8.788  -2.585  0.983   1.00 18.98 ? 71  MET A N   1 
ATOM   506  C CA  . MET A 1 72  ? -7.553  -3.289  1.303   1.00 18.52 ? 71  MET A CA  1 
ATOM   507  C C   . MET A 1 72  ? -7.675  -4.057  2.621   1.00 19.86 ? 71  MET A C   1 
ATOM   508  O O   . MET A 1 72  ? -7.161  -5.159  2.742   1.00 19.24 ? 71  MET A O   1 
ATOM   509  C CB  . MET A 1 72  ? -6.366  -2.339  1.322   1.00 17.54 ? 71  MET A CB  1 
ATOM   510  C CG  . MET A 1 72  ? -6.078  -1.745  -0.019  1.00 17.60 ? 71  MET A CG  1 
ATOM   511  S SD  . MET A 1 72  ? -5.813  -2.941  -1.319  1.00 19.81 ? 71  MET A SD  1 
ATOM   512  C CE  . MET A 1 72  ? -4.103  -3.369  -0.950  1.00 18.08 ? 71  MET A CE  1 
ATOM   513  N N   . ASN A 1 73  ? -8.405  -3.506  3.583   1.00 19.38 ? 72  ASN A N   1 
ATOM   514  C CA  . ASN A 1 73  ? -8.590  -4.161  4.861   1.00 21.61 ? 72  ASN A CA  1 
ATOM   515  C C   . ASN A 1 73  ? -9.436  -5.408  4.680   1.00 23.15 ? 72  ASN A C   1 
ATOM   516  O O   . ASN A 1 73  ? -9.389  -6.301  5.521   1.00 23.99 ? 72  ASN A O   1 
ATOM   517  C CB  . ASN A 1 73  ? -9.273  -3.233  5.882   1.00 21.92 ? 72  ASN A CB  1 
ATOM   518  C CG  . ASN A 1 73  ? -8.375  -2.120  6.340   1.00 22.91 ? 72  ASN A CG  1 
ATOM   519  O OD1 . ASN A 1 73  ? -7.170  -2.208  6.205   1.00 25.67 ? 72  ASN A OD1 1 
ATOM   520  N ND2 . ASN A 1 73  ? -8.964  -1.036  6.852   1.00 27.60 ? 72  ASN A ND2 1 
ATOM   521  N N   . ALA A 1 74  ? -10.228 -5.446  3.605   1.00 21.11 ? 73  ALA A N   1 
ATOM   522  C CA  . ALA A 1 74  ? -11.104 -6.574  3.308   1.00 22.39 ? 73  ALA A CA  1 
ATOM   523  C C   . ALA A 1 74  ? -10.443 -7.672  2.474   1.00 25.42 ? 73  ALA A C   1 
ATOM   524  O O   . ALA A 1 74  ? -11.128 -8.542  1.942   1.00 29.99 ? 73  ALA A O   1 
ATOM   525  C CB  . ALA A 1 74  ? -12.346 -6.102  2.631   1.00 17.72 ? 73  ALA A CB  1 
ATOM   526  N N   . ARG A 1 75  ? -9.122  -7.640  2.330   1.00 25.53 ? 74  ARG A N   1 
ATOM   527  C CA  . ARG A 1 75  ? -8.421  -8.680  1.580   1.00 25.22 ? 74  ARG A CA  1 
ATOM   528  C C   . ARG A 1 75  ? -8.305  -9.881  2.548   1.00 24.90 ? 74  ARG A C   1 
ATOM   529  O O   . ARG A 1 75  ? -8.247  -9.660  3.774   1.00 22.26 ? 74  ARG A O   1 
ATOM   530  C CB  . ARG A 1 75  ? -7.017  -8.203  1.183   1.00 22.67 ? 74  ARG A CB  1 
ATOM   531  C CG  . ARG A 1 75  ? -6.942  -7.283  -0.001  1.00 18.12 ? 74  ARG A CG  1 
ATOM   532  C CD  . ARG A 1 75  ? -5.510  -6.774  -0.113  1.00 19.95 ? 74  ARG A CD  1 
ATOM   533  N NE  . ARG A 1 75  ? -5.149  -6.066  1.115   1.00 20.35 ? 74  ARG A NE  1 
ATOM   534  C CZ  . ARG A 1 75  ? -3.917  -5.860  1.569   1.00 22.94 ? 74  ARG A CZ  1 
ATOM   535  N NH1 . ARG A 1 75  ? -2.852  -6.300  0.911   1.00 20.66 ? 74  ARG A NH1 1 
ATOM   536  N NH2 . ARG A 1 75  ? -3.755  -5.193  2.702   1.00 23.25 ? 74  ARG A NH2 1 
ATOM   537  N N   . PRO A 1 76  ? -8.104  -11.119 2.027   1.00 23.90 ? 75  PRO A N   1 
ATOM   538  C CA  . PRO A 1 76  ? -7.985  -11.449 0.596   1.00 21.60 ? 75  PRO A CA  1 
ATOM   539  C C   . PRO A 1 76  ? -9.333  -11.393 -0.063  1.00 20.87 ? 75  PRO A C   1 
ATOM   540  O O   . PRO A 1 76  ? -10.319 -11.796 0.544   1.00 21.45 ? 75  PRO A O   1 
ATOM   541  C CB  . PRO A 1 76  ? -7.451  -12.884 0.622   1.00 22.85 ? 75  PRO A CB  1 
ATOM   542  C CG  . PRO A 1 76  ? -6.714  -12.956 1.870   1.00 22.76 ? 75  PRO A CG  1 
ATOM   543  C CD  . PRO A 1 76  ? -7.674  -12.287 2.815   1.00 22.67 ? 75  PRO A CD  1 
ATOM   544  N N   . HIS A 1 77  ? -9.371  -10.880 -1.299  1.00 17.57 ? 76  HIS A N   1 
ATOM   545  C CA  . HIS A 1 77  ? -10.600 -10.782 -2.056  1.00 17.34 ? 76  HIS A CA  1 
ATOM   546  C C   . HIS A 1 77  ? -10.692 -11.928 -2.991  1.00 18.55 ? 76  HIS A C   1 
ATOM   547  O O   . HIS A 1 77  ? -9.746  -12.209 -3.730  1.00 19.86 ? 76  HIS A O   1 
ATOM   548  C CB  . HIS A 1 77  ? -10.660 -9.506  -2.881  1.00 14.77 ? 76  HIS A CB  1 
ATOM   549  C CG  . HIS A 1 77  ? -10.831 -8.281  -2.050  1.00 17.46 ? 76  HIS A CG  1 
ATOM   550  N ND1 . HIS A 1 77  ? -12.057 -7.891  -1.539  1.00 21.52 ? 76  HIS A ND1 1 
ATOM   551  C CD2 . HIS A 1 77  ? -9.926  -7.406  -1.569  1.00 17.62 ? 76  HIS A CD2 1 
ATOM   552  C CE1 . HIS A 1 77  ? -11.891 -6.816  -0.780  1.00 16.51 ? 76  HIS A CE1 1 
ATOM   553  N NE2 . HIS A 1 77  ? -10.609 -6.507  -0.782  1.00 20.70 ? 76  HIS A NE2 1 
ATOM   554  N N   . LYS A 1 78  ? -11.840 -12.586 -2.977  1.00 20.20 ? 77  LYS A N   1 
ATOM   555  C CA  . LYS A 1 78  ? -12.079 -13.690 -3.890  1.00 21.93 ? 77  LYS A CA  1 
ATOM   556  C C   . LYS A 1 78  ? -13.171 -13.135 -4.805  1.00 20.65 ? 77  LYS A C   1 
ATOM   557  O O   . LYS A 1 78  ? -14.290 -12.894 -4.380  1.00 20.88 ? 77  LYS A O   1 
ATOM   558  C CB  . LYS A 1 78  ? -12.525 -14.967 -3.160  1.00 21.86 ? 77  LYS A CB  1 
ATOM   559  C CG  . LYS A 1 78  ? -12.649 -16.181 -4.079  1.00 27.40 ? 77  LYS A CG  1 
ATOM   560  C CD  . LYS A 1 78  ? -13.088 -17.445 -3.341  1.00 33.63 ? 77  LYS A CD  1 
ATOM   561  C CE  . LYS A 1 78  ? -14.537 -17.342 -2.771  1.00 37.46 ? 77  LYS A CE  1 
ATOM   562  N NZ  . LYS A 1 78  ? -15.683 -17.436 -3.783  1.00 41.95 ? 77  LYS A NZ  1 
ATOM   563  N N   . VAL A 1 79  ? -12.787 -12.820 -6.029  1.00 17.99 ? 78  VAL A N   1 
ATOM   564  C CA  . VAL A 1 79  ? -13.683 -12.258 -7.020  1.00 19.83 ? 78  VAL A CA  1 
ATOM   565  C C   . VAL A 1 79  ? -13.924 -13.307 -8.110  1.00 20.13 ? 78  VAL A C   1 
ATOM   566  O O   . VAL A 1 79  ? -12.982 -13.752 -8.803  1.00 20.73 ? 78  VAL A O   1 
ATOM   567  C CB  . VAL A 1 79  ? -13.056 -10.994 -7.665  1.00 20.42 ? 78  VAL A CB  1 
ATOM   568  C CG1 . VAL A 1 79  ? -14.069 -10.311 -8.588  1.00 18.56 ? 78  VAL A CG1 1 
ATOM   569  C CG2 . VAL A 1 79  ? -12.560 -10.045 -6.586  1.00 16.51 ? 78  VAL A CG2 1 
ATOM   570  N N   . ASP A 1 80  ? -15.177 -13.711 -8.249  1.00 21.14 ? 79  ASP A N   1 
ATOM   571  C CA  . ASP A 1 80  ? -15.545 -14.716 -9.233  1.00 22.04 ? 79  ASP A CA  1 
ATOM   572  C C   . ASP A 1 80  ? -14.714 -15.993 -9.038  1.00 22.93 ? 79  ASP A C   1 
ATOM   573  O O   . ASP A 1 80  ? -14.183 -16.612 -9.988  1.00 21.15 ? 79  ASP A O   1 
ATOM   574  C CB  . ASP A 1 80  ? -15.463 -14.138 -10.643 1.00 24.86 ? 79  ASP A CB  1 
ATOM   575  C CG  . ASP A 1 80  ? -16.392 -12.971 -10.817 1.00 23.54 ? 79  ASP A CG  1 
ATOM   576  O OD1 . ASP A 1 80  ? -17.539 -13.033 -10.320 1.00 27.01 ? 79  ASP A OD1 1 
ATOM   577  O OD2 . ASP A 1 80  ? -15.959 -11.960 -11.385 1.00 23.81 ? 79  ASP A OD2 1 
ATOM   578  N N   . GLY A 1 81  ? -14.606 -16.341 -7.749  1.00 24.49 ? 80  GLY A N   1 
ATOM   579  C CA  . GLY A 1 81  ? -13.908 -17.523 -7.296  1.00 24.95 ? 80  GLY A CA  1 
ATOM   580  C C   . GLY A 1 81  ? -12.401 -17.452 -7.272  1.00 28.31 ? 80  GLY A C   1 
ATOM   581  O O   . GLY A 1 81  ? -11.736 -18.419 -6.889  1.00 30.28 ? 80  GLY A O   1 
ATOM   582  N N   . ARG A 1 82  ? -11.851 -16.292 -7.597  1.00 26.59 ? 81  ARG A N   1 
ATOM   583  C CA  . ARG A 1 82  ? -10.410 -16.177 -7.668  1.00 25.99 ? 81  ARG A CA  1 
ATOM   584  C C   . ARG A 1 82  ? -9.890  -15.149 -6.714  1.00 22.85 ? 81  ARG A C   1 
ATOM   585  O O   . ARG A 1 82  ? -10.491 -14.093 -6.558  1.00 20.43 ? 81  ARG A O   1 
ATOM   586  C CB  . ARG A 1 82  ? -10.024 -15.797 -9.088  1.00 25.77 ? 81  ARG A CB  1 
ATOM   587  C CG  . ARG A 1 82  ? -8.618  -16.119 -9.423  1.00 31.55 ? 81  ARG A CG  1 
ATOM   588  C CD  . ARG A 1 82  ? -8.474  -16.042 -10.916 1.00 34.87 ? 81  ARG A CD  1 
ATOM   589  N NE  . ARG A 1 82  ? -7.564  -17.043 -11.438 1.00 40.82 ? 81  ARG A NE  1 
ATOM   590  C CZ  . ARG A 1 82  ? -6.253  -17.029 -11.239 1.00 44.79 ? 81  ARG A CZ  1 
ATOM   591  N NH1 . ARG A 1 82  ? -5.676  -16.056 -10.507 1.00 45.22 ? 81  ARG A NH1 1 
ATOM   592  N NH2 . ARG A 1 82  ? -5.518  -17.972 -11.815 1.00 43.99 ? 81  ARG A NH2 1 
ATOM   593  N N   . VAL A 1 83  ? -8.816  -15.491 -6.017  1.00 22.68 ? 82  VAL A N   1 
ATOM   594  C CA  . VAL A 1 83  ? -8.193  -14.562 -5.088  1.00 21.26 ? 82  VAL A CA  1 
ATOM   595  C C   . VAL A 1 83  ? -7.382  -13.661 -5.987  1.00 20.57 ? 82  VAL A C   1 
ATOM   596  O O   . VAL A 1 83  ? -6.502  -14.108 -6.755  1.00 19.02 ? 82  VAL A O   1 
ATOM   597  C CB  . VAL A 1 83  ? -7.274  -15.259 -4.071  1.00 22.29 ? 82  VAL A CB  1 
ATOM   598  C CG1 . VAL A 1 83  ? -6.409  -14.228 -3.342  1.00 25.85 ? 82  VAL A CG1 1 
ATOM   599  C CG2 . VAL A 1 83  ? -8.111  -15.999 -3.082  1.00 23.26 ? 82  VAL A CG2 1 
ATOM   600  N N   . VAL A 1 84  ? -7.757  -12.394 -5.952  1.00 21.54 ? 83  VAL A N   1 
ATOM   601  C CA  . VAL A 1 84  ? -7.127  -11.379 -6.781  1.00 19.91 ? 83  VAL A CA  1 
ATOM   602  C C   . VAL A 1 84  ? -6.088  -10.602 -5.983  1.00 19.86 ? 83  VAL A C   1 
ATOM   603  O O   . VAL A 1 84  ? -5.946  -10.771 -4.759  1.00 20.20 ? 83  VAL A O   1 
ATOM   604  C CB  . VAL A 1 84  ? -8.201  -10.438 -7.401  1.00 16.06 ? 83  VAL A CB  1 
ATOM   605  C CG1 . VAL A 1 84  ? -9.271  -11.276 -8.113  1.00 16.59 ? 83  VAL A CG1 1 
ATOM   606  C CG2 . VAL A 1 84  ? -8.841  -9.561  -6.323  1.00 16.46 ? 83  VAL A CG2 1 
ATOM   607  N N   . GLU A 1 85  ? -5.351  -9.758  -6.683  1.00 20.59 ? 84  GLU A N   1 
ATOM   608  C CA  . GLU A 1 85  ? -4.330  -8.978  -6.026  1.00 22.59 ? 84  GLU A CA  1 
ATOM   609  C C   . GLU A 1 85  ? -4.449  -7.461  -6.165  1.00 18.42 ? 84  GLU A C   1 
ATOM   610  O O   . GLU A 1 85  ? -3.979  -6.874  -7.149  1.00 17.33 ? 84  GLU A O   1 
ATOM   611  C CB  . GLU A 1 85  ? -2.970  -9.415  -6.516  1.00 23.60 ? 84  GLU A CB  1 
ATOM   612  C CG  . GLU A 1 85  ? -1.888  -9.154  -5.537  1.00 30.83 ? 84  GLU A CG  1 
ATOM   613  C CD  . GLU A 1 85  ? -0.562  -9.483  -6.120  1.00 36.73 ? 84  GLU A CD  1 
ATOM   614  O OE1 . GLU A 1 85  ? -0.360  -9.102  -7.288  1.00 40.54 ? 84  GLU A OE1 1 
ATOM   615  O OE2 . GLU A 1 85  ? 0.270   -10.116 -5.434  1.00 43.34 ? 84  GLU A OE2 1 
ATOM   616  N N   . PRO A 1 86  ? -5.139  -6.822  -5.211  1.00 19.17 ? 85  PRO A N   1 
ATOM   617  C CA  . PRO A 1 86  ? -5.335  -5.364  -5.179  1.00 19.46 ? 85  PRO A CA  1 
ATOM   618  C C   . PRO A 1 86  ? -4.053  -4.637  -4.688  1.00 19.41 ? 85  PRO A C   1 
ATOM   619  O O   . PRO A 1 86  ? -3.399  -5.083  -3.741  1.00 19.10 ? 85  PRO A O   1 
ATOM   620  C CB  . PRO A 1 86  ? -6.468  -5.185  -4.148  1.00 17.96 ? 85  PRO A CB  1 
ATOM   621  C CG  . PRO A 1 86  ? -7.153  -6.479  -4.110  1.00 18.03 ? 85  PRO A CG  1 
ATOM   622  C CD  . PRO A 1 86  ? -6.014  -7.475  -4.225  1.00 19.37 ? 85  PRO A CD  1 
ATOM   623  N N   . LYS A 1 87  ? -3.677  -3.560  -5.372  1.00 18.07 ? 86  LYS A N   1 
ATOM   624  C CA  . LYS A 1 87  ? -2.531  -2.736  -5.002  1.00 19.41 ? 86  LYS A CA  1 
ATOM   625  C C   . LYS A 1 87  ? -2.965  -1.315  -5.367  1.00 21.75 ? 86  LYS A C   1 
ATOM   626  O O   . LYS A 1 87  ? -3.647  -1.112  -6.371  1.00 20.10 ? 86  LYS A O   1 
ATOM   627  C CB  . LYS A 1 87  ? -1.279  -3.056  -5.828  1.00 20.45 ? 86  LYS A CB  1 
ATOM   628  C CG  . LYS A 1 87  ? -0.719  -4.442  -5.660  1.00 23.69 ? 86  LYS A CG  1 
ATOM   629  C CD  . LYS A 1 87  ? 0.588   -4.548  -6.409  1.00 26.63 ? 86  LYS A CD  1 
ATOM   630  C CE  . LYS A 1 87  ? 1.145   -5.964  -6.356  1.00 31.46 ? 86  LYS A CE  1 
ATOM   631  N NZ  . LYS A 1 87  ? 0.967   -6.598  -5.001  1.00 34.46 ? 86  LYS A NZ  1 
ATOM   632  N N   . ARG A 1 88  ? -2.597  -0.345  -4.542  1.00 21.30 ? 87  ARG A N   1 
ATOM   633  C CA  . ARG A 1 88  ? -2.909  1.053   -4.803  1.00 24.27 ? 87  ARG A CA  1 
ATOM   634  C C   . ARG A 1 88  ? -2.069  1.508   -6.011  1.00 27.16 ? 87  ARG A C   1 
ATOM   635  O O   . ARG A 1 88  ? -0.924  1.089   -6.170  1.00 26.54 ? 87  ARG A O   1 
ATOM   636  C CB  . ARG A 1 88  ? -2.563  1.906   -3.602  1.00 21.33 ? 87  ARG A CB  1 
ATOM   637  C CG  . ARG A 1 88  ? -3.221  1.378   -2.351  1.00 18.79 ? 87  ARG A CG  1 
ATOM   638  C CD  . ARG A 1 88  ? -2.979  2.258   -1.148  1.00 20.02 ? 87  ARG A CD  1 
ATOM   639  N NE  . ARG A 1 88  ? -3.638  1.645   0.005   1.00 18.40 ? 87  ARG A NE  1 
ATOM   640  C CZ  . ARG A 1 88  ? -4.570  2.214   0.757   1.00 17.72 ? 87  ARG A CZ  1 
ATOM   641  N NH1 . ARG A 1 88  ? -4.977  3.454   0.500   1.00 15.48 ? 87  ARG A NH1 1 
ATOM   642  N NH2 . ARG A 1 88  ? -5.117  1.502   1.742   1.00 16.22 ? 87  ARG A NH2 1 
ATOM   643  N N   . ALA A 1 89  ? -2.677  2.354   -6.845  1.00 32.56 ? 88  ALA A N   1 
ATOM   644  C CA  . ALA A 1 89  ? -2.050  2.903   -8.064  1.00 37.68 ? 88  ALA A CA  1 
ATOM   645  C C   . ALA A 1 89  ? -0.876  3.797   -7.724  1.00 42.95 ? 88  ALA A C   1 
ATOM   646  O O   . ALA A 1 89  ? -0.982  4.667   -6.875  1.00 46.21 ? 88  ALA A O   1 
ATOM   647  C CB  . ALA A 1 89  ? -3.075  3.690   -8.890  1.00 32.58 ? 88  ALA A CB  1 
ATOM   648  N N   . VAL A 1 90  ? 0.179   3.660   -8.519  1.00 49.67 ? 89  VAL A N   1 
ATOM   649  C CA  . VAL A 1 90  ? 1.407   4.441   -8.320  1.00 52.60 ? 89  VAL A CA  1 
ATOM   650  C C   . VAL A 1 90  ? 1.342   5.966   -8.241  1.00 55.04 ? 89  VAL A C   1 
ATOM   651  O O   . VAL A 1 90  ? 1.204   6.673   -9.257  1.00 56.45 ? 89  VAL A O   1 
ATOM   652  C CB  . VAL A 1 90  ? 2.513   4.024   -9.291  1.00 52.73 ? 89  VAL A CB  1 
ATOM   653  C CG1 . VAL A 1 90  ? 2.748   2.533   -9.185  1.00 50.68 ? 89  VAL A CG1 1 
ATOM   654  C CG2 . VAL A 1 90  ? 2.175   4.415   -10.685 1.00 50.07 ? 89  VAL A CG2 1 
ATOM   655  N N   . SER A 1 91  ? 1.624   6.442   -7.043  1.00 58.58 ? 90  SER A N   1 
ATOM   656  C CA  . SER A 1 91  ? 1.664   7.837   -6.693  1.00 62.82 ? 90  SER A CA  1 
ATOM   657  C C   . SER A 1 91  ? 3.052   7.959   -7.289  1.00 65.32 ? 90  SER A C   1 
ATOM   658  O O   . SER A 1 91  ? 3.265   8.617   -8.294  1.00 68.82 ? 90  SER A O   1 
ATOM   659  C CB  . SER A 1 91  ? 1.682   8.030   -5.115  1.00 62.87 ? 90  SER A CB  1 
ATOM   660  N N   . ARG A 1 92  ? 4.042   7.392   -6.601  1.00 64.24 ? 91  ARG A N   1 
ATOM   661  C CA  . ARG A 1 92  ? 5.395   7.373   -7.220  1.00 64.38 ? 91  ARG A CA  1 
ATOM   662  C C   . ARG A 1 92  ? 5.665   6.386   -8.355  1.00 64.21 ? 91  ARG A C   1 
ATOM   663  O O   . ARG A 1 92  ? 5.593   5.176   -8.215  1.00 65.01 ? 91  ARG A O   1 
ATOM   664  C CB  . ARG A 1 92  ? 6.472   7.142   -6.041  1.00 63.14 ? 91  ARG A CB  1 
ATOM   665  N N   . GLU A 1 93  ? 5.945   6.954   -9.571  1.00 62.81 ? 92  GLU A N   1 
ATOM   666  C CA  . GLU A 1 93  ? 6.289   6.118   -10.697 1.00 62.54 ? 92  GLU A CA  1 
ATOM   667  C C   . GLU A 1 93  ? 7.783   6.015   -10.464 1.00 62.90 ? 92  GLU A C   1 
ATOM   668  O O   . GLU A 1 93  ? 8.436   7.014   -10.838 1.00 64.57 ? 92  GLU A O   1 
ATOM   669  C CB  . GLU A 1 93  ? 6.068   6.870   -11.988 1.00 60.31 ? 92  GLU A CB  1 
ATOM   670  N N   . ALA A 1 100 ? 3.827   0.989   -13.196 1.00 50.40 ? 99  ALA A N   1 
ATOM   671  C CA  . ALA A 1 100 ? 4.571   -0.111  -12.467 1.00 54.38 ? 99  ALA A CA  1 
ATOM   672  C C   . ALA A 1 100 ? 4.182   -0.235  -10.955 1.00 53.80 ? 99  ALA A C   1 
ATOM   673  O O   . ALA A 1 100 ? 3.063   0.140   -10.582 1.00 58.13 ? 99  ALA A O   1 
ATOM   674  C CB  . ALA A 1 100 ? 6.083   0.112   -12.623 1.00 53.83 ? 99  ALA A CB  1 
ATOM   675  N N   . HIS A 1 101 ? 5.043   -0.829  -10.116 1.00 47.85 ? 100 HIS A N   1 
ATOM   676  C CA  . HIS A 1 101 ? 4.783   -0.947  -8.667  1.00 42.87 ? 100 HIS A CA  1 
ATOM   677  C C   . HIS A 1 101 ? 5.933   -1.667  -7.964  1.00 40.57 ? 100 HIS A C   1 
ATOM   678  O O   . HIS A 1 101 ? 6.349   -2.746  -8.399  1.00 40.66 ? 100 HIS A O   1 
ATOM   679  C CB  . HIS A 1 101 ? 3.456   -1.688  -8.345  1.00 40.85 ? 100 HIS A CB  1 
ATOM   680  C CG  . HIS A 1 101 ? 2.954   -1.476  -6.929  1.00 38.79 ? 100 HIS A CG  1 
ATOM   681  N ND1 . HIS A 1 101 ? 3.458   -2.165  -5.839  1.00 37.64 ? 100 HIS A ND1 1 
ATOM   682  C CD2 . HIS A 1 101 ? 2.009   -0.648  -6.432  1.00 36.53 ? 100 HIS A CD2 1 
ATOM   683  C CE1 . HIS A 1 101 ? 2.845   -1.763  -4.743  1.00 34.93 ? 100 HIS A CE1 1 
ATOM   684  N NE2 . HIS A 1 101 ? 1.960   -0.845  -5.068  1.00 34.51 ? 100 HIS A NE2 1 
ATOM   685  N N   . LEU A 1 102 ? 6.470   -1.050  -6.911  1.00 36.08 ? 101 LEU A N   1 
ATOM   686  C CA  . LEU A 1 102 ? 7.537   -1.659  -6.132  1.00 32.40 ? 101 LEU A CA  1 
ATOM   687  C C   . LEU A 1 102 ? 6.867   -2.172  -4.880  1.00 29.07 ? 101 LEU A C   1 
ATOM   688  O O   . LEU A 1 102 ? 6.714   -1.472  -3.878  1.00 27.00 ? 101 LEU A O   1 
ATOM   689  C CB  . LEU A 1 102 ? 8.634   -0.660  -5.771  1.00 34.48 ? 101 LEU A CB  1 
ATOM   690  C CG  . LEU A 1 102 ? 9.775   -1.197  -4.879  1.00 35.14 ? 101 LEU A CG  1 
ATOM   691  C CD1 . LEU A 1 102 ? 10.356  -2.496  -5.426  1.00 32.49 ? 101 LEU A CD1 1 
ATOM   692  C CD2 . LEU A 1 102 ? 10.864  -0.123  -4.721  1.00 36.19 ? 101 LEU A CD2 1 
ATOM   693  N N   . THR A 1 103 ? 6.447   -3.418  -4.966  1.00 26.11 ? 102 THR A N   1 
ATOM   694  C CA  . THR A 1 103 ? 5.753   -4.061  -3.877  1.00 27.12 ? 102 THR A CA  1 
ATOM   695  C C   . THR A 1 103 ? 6.713   -4.559  -2.808  1.00 26.83 ? 102 THR A C   1 
ATOM   696  O O   . THR A 1 103 ? 7.227   -5.675  -2.869  1.00 31.53 ? 102 THR A O   1 
ATOM   697  C CB  . THR A 1 103 ? 4.876   -5.182  -4.419  1.00 26.04 ? 102 THR A CB  1 
ATOM   698  O OG1 . THR A 1 103 ? 4.087   -4.656  -5.497  1.00 28.13 ? 102 THR A OG1 1 
ATOM   699  C CG2 . THR A 1 103 ? 3.954   -5.714  -3.345  1.00 25.68 ? 102 THR A CG2 1 
ATOM   700  N N   . VAL A 1 104 ? 6.998   -3.698  -1.851  1.00 25.59 ? 103 VAL A N   1 
ATOM   701  C CA  . VAL A 1 104 ? 7.881   -4.069  -0.768  1.00 23.84 ? 103 VAL A CA  1 
ATOM   702  C C   . VAL A 1 104 ? 7.121   -3.964  0.550   1.00 22.31 ? 103 VAL A C   1 
ATOM   703  O O   . VAL A 1 104 ? 6.110   -3.273  0.642   1.00 21.25 ? 103 VAL A O   1 
ATOM   704  C CB  . VAL A 1 104 ? 9.146   -3.175  -0.744  1.00 22.77 ? 103 VAL A CB  1 
ATOM   705  C CG1 . VAL A 1 104 ? 10.014  -3.459  -1.989  1.00 20.60 ? 103 VAL A CG1 1 
ATOM   706  C CG2 . VAL A 1 104 ? 8.756   -1.724  -0.685  1.00 20.61 ? 103 VAL A CG2 1 
ATOM   707  N N   . LYS A 1 105 ? 7.574   -4.716  1.539   1.00 21.72 ? 104 LYS A N   1 
ATOM   708  C CA  . LYS A 1 105 ? 6.987   -4.703  2.872   1.00 22.91 ? 104 LYS A CA  1 
ATOM   709  C C   . LYS A 1 105 ? 7.913   -3.895  3.778   1.00 21.61 ? 104 LYS A C   1 
ATOM   710  O O   . LYS A 1 105 ? 7.601   -3.666  4.936   1.00 22.17 ? 104 LYS A O   1 
ATOM   711  C CB  . LYS A 1 105 ? 6.837   -6.132  3.414   1.00 24.72 ? 104 LYS A CB  1 
ATOM   712  C CG  . LYS A 1 105 ? 5.736   -6.919  2.715   1.00 27.89 ? 104 LYS A CG  1 
ATOM   713  C CD  . LYS A 1 105 ? 5.390   -8.197  3.460   1.00 33.89 ? 104 LYS A CD  1 
ATOM   714  C CE  . LYS A 1 105 ? 6.358   -9.354  3.179   1.00 42.12 ? 104 LYS A CE  1 
ATOM   715  N NZ  . LYS A 1 105 ? 6.250   -9.850  1.770   1.00 45.53 ? 104 LYS A NZ  1 
ATOM   716  N N   . LYS A 1 106 ? 9.037   -3.435  3.230   1.00 20.85 ? 105 LYS A N   1 
ATOM   717  C CA  . LYS A 1 106 ? 9.986   -2.666  4.008   1.00 21.65 ? 105 LYS A CA  1 
ATOM   718  C C   . LYS A 1 106 ? 10.112  -1.183  3.645   1.00 19.94 ? 105 LYS A C   1 
ATOM   719  O O   . LYS A 1 106 ? 10.081  -0.803  2.487   1.00 17.55 ? 105 LYS A O   1 
ATOM   720  C CB  . LYS A 1 106 ? 11.373  -3.329  3.988   1.00 21.61 ? 105 LYS A CB  1 
ATOM   721  C CG  . LYS A 1 106 ? 12.199  -2.946  5.202   1.00 26.09 ? 105 LYS A CG  1 
ATOM   722  C CD  . LYS A 1 106 ? 13.432  -3.796  5.372   1.00 30.03 ? 105 LYS A CD  1 
ATOM   723  C CE  . LYS A 1 106 ? 14.576  -3.266  4.547   1.00 32.96 ? 105 LYS A CE  1 
ATOM   724  N NZ  . LYS A 1 106 ? 15.869  -3.958  4.870   1.00 38.98 ? 105 LYS A NZ  1 
ATOM   725  N N   . ILE A 1 107 ? 10.244  -0.356  4.675   1.00 20.65 ? 106 ILE A N   1 
ATOM   726  C CA  . ILE A 1 107 ? 10.437  1.057   4.500   1.00 22.54 ? 106 ILE A CA  1 
ATOM   727  C C   . ILE A 1 107 ? 11.733  1.508   5.206   1.00 23.80 ? 106 ILE A C   1 
ATOM   728  O O   . ILE A 1 107 ? 12.183  0.891   6.181   1.00 21.76 ? 106 ILE A O   1 
ATOM   729  C CB  . ILE A 1 107 ? 9.251   1.889   5.062   1.00 26.09 ? 106 ILE A CB  1 
ATOM   730  C CG1 . ILE A 1 107 ? 9.089   1.662   6.578   1.00 24.10 ? 106 ILE A CG1 1 
ATOM   731  C CG2 . ILE A 1 107 ? 7.970   1.586   4.290   1.00 27.45 ? 106 ILE A CG2 1 
ATOM   732  C CD1 . ILE A 1 107 ? 8.047   2.528   7.222   1.00 21.30 ? 106 ILE A CD1 1 
ATOM   733  N N   . PHE A 1 108 ? 12.362  2.529   4.631   1.00 23.05 ? 107 PHE A N   1 
ATOM   734  C CA  . PHE A 1 108 ? 13.539  3.168   5.177   1.00 20.73 ? 107 PHE A CA  1 
ATOM   735  C C   . PHE A 1 108 ? 12.945  4.414   5.829   1.00 22.26 ? 107 PHE A C   1 
ATOM   736  O O   . PHE A 1 108 ? 12.111  5.080   5.210   1.00 23.65 ? 107 PHE A O   1 
ATOM   737  C CB  . PHE A 1 108 ? 14.469  3.595   4.043   1.00 23.08 ? 107 PHE A CB  1 
ATOM   738  C CG  . PHE A 1 108 ? 15.348  4.782   4.376   1.00 24.10 ? 107 PHE A CG  1 
ATOM   739  C CD1 . PHE A 1 108 ? 14.878  6.087   4.195   1.00 24.37 ? 107 PHE A CD1 1 
ATOM   740  C CD2 . PHE A 1 108 ? 16.657  4.592   4.866   1.00 25.49 ? 107 PHE A CD2 1 
ATOM   741  C CE1 . PHE A 1 108 ? 15.678  7.187   4.492   1.00 24.06 ? 107 PHE A CE1 1 
ATOM   742  C CE2 . PHE A 1 108 ? 17.467  5.687   5.168   1.00 23.29 ? 107 PHE A CE2 1 
ATOM   743  C CZ  . PHE A 1 108 ? 16.970  6.992   4.979   1.00 25.44 ? 107 PHE A CZ  1 
ATOM   744  N N   . VAL A 1 109 ? 13.363  4.737   7.051   1.00 21.11 ? 108 VAL A N   1 
ATOM   745  C CA  . VAL A 1 109 ? 12.876  5.928   7.755   1.00 21.07 ? 108 VAL A CA  1 
ATOM   746  C C   . VAL A 1 109 ? 14.107  6.750   8.143   1.00 22.25 ? 108 VAL A C   1 
ATOM   747  O O   . VAL A 1 109 ? 14.853  6.349   9.034   1.00 22.69 ? 108 VAL A O   1 
ATOM   748  C CB  . VAL A 1 109 ? 12.112  5.554   9.015   1.00 18.88 ? 108 VAL A CB  1 
ATOM   749  C CG1 . VAL A 1 109 ? 11.414  6.776   9.578   1.00 20.32 ? 108 VAL A CG1 1 
ATOM   750  C CG2 . VAL A 1 109 ? 11.121  4.458   8.716   1.00 20.86 ? 108 VAL A CG2 1 
ATOM   751  N N   . GLY A 1 110 ? 14.342  7.858   7.436   1.00 22.13 ? 109 GLY A N   1 
ATOM   752  C CA  . GLY A 1 110 ? 15.495  8.692   7.708   1.00 21.16 ? 109 GLY A CA  1 
ATOM   753  C C   . GLY A 1 110 ? 15.124  9.916   8.508   1.00 19.99 ? 109 GLY A C   1 
ATOM   754  O O   . GLY A 1 110 ? 13.954  10.245  8.609   1.00 20.78 ? 109 GLY A O   1 
ATOM   755  N N   . GLY A 1 111 ? 16.120  10.563  9.104   1.00 21.42 ? 110 GLY A N   1 
ATOM   756  C CA  . GLY A 1 111 ? 15.890  11.761  9.894   1.00 22.45 ? 110 GLY A CA  1 
ATOM   757  C C   . GLY A 1 111 ? 15.349  11.558  11.295  1.00 24.88 ? 110 GLY A C   1 
ATOM   758  O O   . GLY A 1 111 ? 14.740  12.466  11.861  1.00 24.67 ? 110 GLY A O   1 
ATOM   759  N N   . ILE A 1 112 ? 15.571  10.388  11.882  1.00 25.36 ? 111 ILE A N   1 
ATOM   760  C CA  . ILE A 1 112 ? 15.084  10.161  13.224  1.00 27.89 ? 111 ILE A CA  1 
ATOM   761  C C   . ILE A 1 112 ? 16.118  10.588  14.279  1.00 28.71 ? 111 ILE A C   1 
ATOM   762  O O   . ILE A 1 112 ? 15.810  10.706  15.475  1.00 28.99 ? 111 ILE A O   1 
ATOM   763  C CB  . ILE A 1 112 ? 14.609  8.699   13.434  1.00 29.17 ? 111 ILE A CB  1 
ATOM   764  C CG1 . ILE A 1 112 ? 15.775  7.724   13.340  1.00 26.37 ? 111 ILE A CG1 1 
ATOM   765  C CG2 . ILE A 1 112 ? 13.517  8.375   12.440  1.00 27.48 ? 111 ILE A CG2 1 
ATOM   766  C CD1 . ILE A 1 112 ? 15.403  6.292   13.676  1.00 27.67 ? 111 ILE A CD1 1 
ATOM   767  N N   . LYS A 1 113 ? 17.343  10.830  13.827  1.00 31.48 ? 112 LYS A N   1 
ATOM   768  C CA  . LYS A 1 113 ? 18.441  11.276  14.699  1.00 35.64 ? 112 LYS A CA  1 
ATOM   769  C C   . LYS A 1 113 ? 18.910  10.268  15.780  1.00 35.66 ? 112 LYS A C   1 
ATOM   770  O O   . LYS A 1 113 ? 18.631  9.081   15.703  1.00 33.20 ? 112 LYS A O   1 
ATOM   771  C CB  . LYS A 1 113 ? 18.099  12.657  15.317  1.00 36.41 ? 112 LYS A CB  1 
ATOM   772  C CG  . LYS A 1 113 ? 17.565  13.720  14.335  1.00 36.00 ? 112 LYS A CG  1 
ATOM   773  C CD  . LYS A 1 113 ? 18.590  14.162  13.295  1.00 38.80 ? 112 LYS A CD  1 
ATOM   774  C CE  . LYS A 1 113 ? 18.487  13.431  11.934  1.00 45.04 ? 112 LYS A CE  1 
ATOM   775  N NZ  . LYS A 1 113 ? 19.067  12.026  11.787  1.00 42.74 ? 112 LYS A NZ  1 
ATOM   776  N N   . GLU A 1 114 ? 19.652  10.745  16.769  1.00 39.13 ? 113 GLU A N   1 
ATOM   777  C CA  . GLU A 1 114 ? 20.163  9.866   17.799  1.00 42.37 ? 113 GLU A CA  1 
ATOM   778  C C   . GLU A 1 114 ? 19.259  9.727   19.018  1.00 43.94 ? 113 GLU A C   1 
ATOM   779  O O   . GLU A 1 114 ? 19.731  9.335   20.081  1.00 48.23 ? 113 GLU A O   1 
ATOM   780  C CB  . GLU A 1 114 ? 21.580  10.301  18.241  1.00 45.92 ? 113 GLU A CB  1 
ATOM   781  C CG  . GLU A 1 114 ? 22.737  9.308   17.853  1.00 51.84 ? 113 GLU A CG  1 
ATOM   782  C CD  . GLU A 1 114 ? 23.764  8.975   18.994  1.00 52.65 ? 113 GLU A CD  1 
ATOM   783  O OE1 . GLU A 1 114 ? 24.751  9.742   19.159  1.00 52.48 ? 113 GLU A OE1 1 
ATOM   784  O OE2 . GLU A 1 114 ? 23.604  7.923   19.687  1.00 49.35 ? 113 GLU A OE2 1 
ATOM   785  N N   . ASP A 1 115 ? 17.965  9.997   18.894  1.00 42.09 ? 114 ASP A N   1 
ATOM   786  C CA  . ASP A 1 115 ? 17.102  9.876   20.072  1.00 41.45 ? 114 ASP A CA  1 
ATOM   787  C C   . ASP A 1 115 ? 15.723  9.254   19.826  1.00 41.70 ? 114 ASP A C   1 
ATOM   788  O O   . ASP A 1 115 ? 14.845  9.269   20.697  1.00 41.83 ? 114 ASP A O   1 
ATOM   789  C CB  . ASP A 1 115 ? 16.953  11.230  20.751  1.00 42.54 ? 114 ASP A CB  1 
ATOM   790  C CG  . ASP A 1 115 ? 16.194  12.219  19.896  1.00 47.59 ? 114 ASP A CG  1 
ATOM   791  O OD1 . ASP A 1 115 ? 16.571  12.423  18.712  1.00 48.92 ? 114 ASP A OD1 1 
ATOM   792  O OD2 . ASP A 1 115 ? 15.198  12.774  20.404  1.00 50.50 ? 114 ASP A OD2 1 
ATOM   793  N N   . THR A 1 116 ? 15.515  8.727   18.630  1.00 41.44 ? 115 THR A N   1 
ATOM   794  C CA  . THR A 1 116 ? 14.246  8.090   18.329  1.00 41.36 ? 115 THR A CA  1 
ATOM   795  C C   . THR A 1 116 ? 14.419  6.583   18.546  1.00 42.84 ? 115 THR A C   1 
ATOM   796  O O   . THR A 1 116 ? 15.310  5.958   17.951  1.00 43.08 ? 115 THR A O   1 
ATOM   797  C CB  . THR A 1 116 ? 13.775  8.386   16.884  1.00 38.45 ? 115 THR A CB  1 
ATOM   798  O OG1 . THR A 1 116 ? 13.526  9.792   16.740  1.00 34.69 ? 115 THR A OG1 1 
ATOM   799  C CG2 . THR A 1 116 ? 12.478  7.623   16.589  1.00 37.84 ? 115 THR A CG2 1 
ATOM   800  N N   . GLU A 1 117 ? 13.652  6.036   19.488  1.00 41.56 ? 116 GLU A N   1 
ATOM   801  C CA  . GLU A 1 117 ? 13.722  4.611   19.789  1.00 43.88 ? 116 GLU A CA  1 
ATOM   802  C C   . GLU A 1 117 ? 12.662  3.775   19.103  1.00 40.41 ? 116 GLU A C   1 
ATOM   803  O O   . GLU A 1 117 ? 11.697  4.282   18.545  1.00 41.89 ? 116 GLU A O   1 
ATOM   804  C CB  . GLU A 1 117 ? 13.633  4.351   21.295  1.00 48.60 ? 116 GLU A CB  1 
ATOM   805  C CG  . GLU A 1 117 ? 14.746  4.949   22.128  1.00 54.74 ? 116 GLU A CG  1 
ATOM   806  C CD  . GLU A 1 117 ? 14.220  5.992   23.093  1.00 60.28 ? 116 GLU A CD  1 
ATOM   807  O OE1 . GLU A 1 117 ? 13.124  5.774   23.676  1.00 61.99 ? 116 GLU A OE1 1 
ATOM   808  O OE2 . GLU A 1 117 ? 14.897  7.036   23.260  1.00 62.46 ? 116 GLU A OE2 1 
ATOM   809  N N   . GLU A 1 118 ? 12.808  2.478   19.274  1.00 37.55 ? 117 GLU A N   1 
ATOM   810  C CA  . GLU A 1 118 ? 11.913  1.496   18.711  1.00 37.11 ? 117 GLU A CA  1 
ATOM   811  C C   . GLU A 1 118 ? 10.430  1.746   18.996  1.00 33.94 ? 117 GLU A C   1 
ATOM   812  O O   . GLU A 1 118 ? 9.595   1.641   18.103  1.00 32.62 ? 117 GLU A O   1 
ATOM   813  C CB  . GLU A 1 118 ? 12.333  0.108   19.212  1.00 41.55 ? 117 GLU A CB  1 
ATOM   814  C CG  . GLU A 1 118 ? 11.515  -1.034  18.645  1.00 50.49 ? 117 GLU A CG  1 
ATOM   815  C CD  . GLU A 1 118 ? 12.122  -2.384  18.934  1.00 55.36 ? 117 GLU A CD  1 
ATOM   816  O OE1 . GLU A 1 118 ? 13.305  -2.596  18.568  1.00 57.88 ? 117 GLU A OE1 1 
ATOM   817  O OE2 . GLU A 1 118 ? 11.410  -3.228  19.525  1.00 59.93 ? 117 GLU A OE2 1 
ATOM   818  N N   . HIS A 1 119 ? 10.099  2.119   20.224  1.00 30.75 ? 118 HIS A N   1 
ATOM   819  C CA  . HIS A 1 119 ? 8.711   2.338   20.561  1.00 28.43 ? 118 HIS A CA  1 
ATOM   820  C C   . HIS A 1 119 ? 8.154   3.547   19.858  1.00 25.22 ? 118 HIS A C   1 
ATOM   821  O O   . HIS A 1 119 ? 6.962   3.662   19.691  1.00 24.77 ? 118 HIS A O   1 
ATOM   822  C CB  . HIS A 1 119 ? 8.532   2.481   22.067  1.00 30.22 ? 118 HIS A CB  1 
ATOM   823  C CG  . HIS A 1 119 ? 8.737   3.878   22.570  1.00 33.77 ? 118 HIS A CG  1 
ATOM   824  N ND1 . HIS A 1 119 ? 9.922   4.289   23.151  1.00 34.96 ? 118 HIS A ND1 1 
ATOM   825  C CD2 . HIS A 1 119 ? 7.910   4.940   22.592  1.00 33.28 ? 118 HIS A CD2 1 
ATOM   826  C CE1 . HIS A 1 119 ? 9.804   5.553   23.508  1.00 35.66 ? 118 HIS A CE1 1 
ATOM   827  N NE2 . HIS A 1 119 ? 8.598   5.978   23.186  1.00 34.53 ? 118 HIS A NE2 1 
ATOM   828  N N   . HIS A 1 120 ? 9.017   4.489   19.514  1.00 25.96 ? 119 HIS A N   1 
ATOM   829  C CA  . HIS A 1 120 ? 8.560   5.685   18.825  1.00 26.91 ? 119 HIS A CA  1 
ATOM   830  C C   . HIS A 1 120 ? 8.044   5.265   17.469  1.00 27.86 ? 119 HIS A C   1 
ATOM   831  O O   . HIS A 1 120 ? 6.937   5.647   17.074  1.00 27.51 ? 119 HIS A O   1 
ATOM   832  C CB  . HIS A 1 120 ? 9.700   6.687   18.632  1.00 28.40 ? 119 HIS A CB  1 
ATOM   833  C CG  . HIS A 1 120 ? 10.089  7.409   19.880  1.00 30.38 ? 119 HIS A CG  1 
ATOM   834  N ND1 . HIS A 1 120 ? 9.165   8.005   20.714  1.00 32.29 ? 119 HIS A ND1 1 
ATOM   835  C CD2 . HIS A 1 120 ? 11.298  7.614   20.448  1.00 33.34 ? 119 HIS A CD2 1 
ATOM   836  C CE1 . HIS A 1 120 ? 9.796   8.543   21.747  1.00 35.18 ? 119 HIS A CE1 1 
ATOM   837  N NE2 . HIS A 1 120 ? 11.088  8.321   21.607  1.00 35.13 ? 119 HIS A NE2 1 
ATOM   838  N N   . LEU A 1 121 ? 8.861   4.467   16.777  1.00 28.61 ? 120 LEU A N   1 
ATOM   839  C CA  . LEU A 1 121 ? 8.546   3.939   15.433  1.00 27.82 ? 120 LEU A CA  1 
ATOM   840  C C   . LEU A 1 121 ? 7.320   3.007   15.463  1.00 25.81 ? 120 LEU A C   1 
ATOM   841  O O   . LEU A 1 121 ? 6.423   3.137   14.630  1.00 22.46 ? 120 LEU A O   1 
ATOM   842  C CB  . LEU A 1 121 ? 9.776   3.214   14.829  1.00 28.94 ? 120 LEU A CB  1 
ATOM   843  C CG  . LEU A 1 121 ? 11.036  4.069   14.603  1.00 29.03 ? 120 LEU A CG  1 
ATOM   844  C CD1 . LEU A 1 121 ? 12.222  3.213   14.268  1.00 28.63 ? 120 LEU A CD1 1 
ATOM   845  C CD2 . LEU A 1 121 ? 10.791  5.103   13.506  1.00 30.86 ? 120 LEU A CD2 1 
ATOM   846  N N   . ARG A 1 122 ? 7.290   2.074   16.414  1.00 22.90 ? 121 ARG A N   1 
ATOM   847  C CA  . ARG A 1 122 ? 6.169   1.168   16.527  1.00 25.40 ? 121 ARG A CA  1 
ATOM   848  C C   . ARG A 1 122 ? 4.887   1.976   16.718  1.00 24.83 ? 121 ARG A C   1 
ATOM   849  O O   . ARG A 1 122 ? 3.926   1.817   15.966  1.00 23.18 ? 121 ARG A O   1 
ATOM   850  C CB  . ARG A 1 122 ? 6.349   0.239   17.708  1.00 26.98 ? 121 ARG A CB  1 
ATOM   851  C CG  . ARG A 1 122 ? 5.121   -0.606  17.975  1.00 31.61 ? 121 ARG A CG  1 
ATOM   852  C CD  . ARG A 1 122 ? 4.949   -0.915  19.470  1.00 42.52 ? 121 ARG A CD  1 
ATOM   853  N NE  . ARG A 1 122 ? 4.744   0.261   20.333  1.00 46.58 ? 121 ARG A NE  1 
ATOM   854  C CZ  . ARG A 1 122 ? 5.514   0.550   21.387  1.00 49.32 ? 121 ARG A CZ  1 
ATOM   855  N NH1 . ARG A 1 122 ? 6.539   -0.232  21.702  1.00 51.48 ? 121 ARG A NH1 1 
ATOM   856  N NH2 . ARG A 1 122 ? 5.238   1.581   22.173  1.00 50.39 ? 121 ARG A NH2 1 
ATOM   857  N N   . ASP A 1 123 ? 4.897   2.860   17.714  1.00 24.30 ? 122 ASP A N   1 
ATOM   858  C CA  . ASP A 1 123 ? 3.757   3.701   18.028  1.00 24.86 ? 122 ASP A CA  1 
ATOM   859  C C   . ASP A 1 123 ? 3.193   4.437   16.841  1.00 23.30 ? 122 ASP A C   1 
ATOM   860  O O   . ASP A 1 123 ? 1.975   4.584   16.713  1.00 23.59 ? 122 ASP A O   1 
ATOM   861  C CB  . ASP A 1 123 ? 4.151   4.716   19.081  1.00 29.46 ? 122 ASP A CB  1 
ATOM   862  C CG  . ASP A 1 123 ? 4.216   4.122   20.447  1.00 33.08 ? 122 ASP A CG  1 
ATOM   863  O OD1 . ASP A 1 123 ? 3.594   3.045   20.650  1.00 31.21 ? 122 ASP A OD1 1 
ATOM   864  O OD2 . ASP A 1 123 ? 4.879   4.748   21.311  1.00 36.30 ? 122 ASP A OD2 1 
ATOM   865  N N   . TYR A 1 124 ? 4.089   4.962   16.013  1.00 21.34 ? 123 TYR A N   1 
ATOM   866  C CA  . TYR A 1 124 ? 3.682   5.680   14.826  1.00 20.65 ? 123 TYR A CA  1 
ATOM   867  C C   . TYR A 1 124 ? 3.269   4.760   13.662  1.00 21.58 ? 123 TYR A C   1 
ATOM   868  O O   . TYR A 1 124 ? 2.138   4.823   13.153  1.00 22.24 ? 123 TYR A O   1 
ATOM   869  C CB  . TYR A 1 124 ? 4.788   6.615   14.372  1.00 18.38 ? 123 TYR A CB  1 
ATOM   870  C CG  . TYR A 1 124 ? 4.402   7.356   13.137  1.00 23.56 ? 123 TYR A CG  1 
ATOM   871  C CD1 . TYR A 1 124 ? 3.458   8.385   13.195  1.00 23.97 ? 123 TYR A CD1 1 
ATOM   872  C CD2 . TYR A 1 124 ? 4.923   7.006   11.892  1.00 22.31 ? 123 TYR A CD2 1 
ATOM   873  C CE1 . TYR A 1 124 ? 3.038   9.044   12.059  1.00 23.07 ? 123 TYR A CE1 1 
ATOM   874  C CE2 . TYR A 1 124 ? 4.512   7.675   10.735  1.00 23.28 ? 123 TYR A CE2 1 
ATOM   875  C CZ  . TYR A 1 124 ? 3.568   8.692   10.838  1.00 22.52 ? 123 TYR A CZ  1 
ATOM   876  O OH  . TYR A 1 124 ? 3.175   9.386   9.730   1.00 21.49 ? 123 TYR A OH  1 
ATOM   877  N N   . PHE A 1 125 ? 4.179   3.889   13.268  1.00 19.38 ? 124 PHE A N   1 
ATOM   878  C CA  . PHE A 1 125 ? 3.949   2.997   12.149  1.00 20.11 ? 124 PHE A CA  1 
ATOM   879  C C   . PHE A 1 125 ? 2.967   1.835   12.285  1.00 20.74 ? 124 PHE A C   1 
ATOM   880  O O   . PHE A 1 125 ? 2.504   1.300   11.260  1.00 20.89 ? 124 PHE A O   1 
ATOM   881  C CB  . PHE A 1 125 ? 5.302   2.529   11.595  1.00 21.09 ? 124 PHE A CB  1 
ATOM   882  C CG  . PHE A 1 125 ? 6.098   3.628   10.959  1.00 20.56 ? 124 PHE A CG  1 
ATOM   883  C CD1 . PHE A 1 125 ? 5.601   4.313   9.852   1.00 20.34 ? 124 PHE A CD1 1 
ATOM   884  C CD2 . PHE A 1 125 ? 7.310   4.025   11.494  1.00 23.00 ? 124 PHE A CD2 1 
ATOM   885  C CE1 . PHE A 1 125 ? 6.298   5.370   9.273   1.00 20.19 ? 124 PHE A CE1 1 
ATOM   886  C CE2 . PHE A 1 125 ? 8.023   5.086   10.922  1.00 23.54 ? 124 PHE A CE2 1 
ATOM   887  C CZ  . PHE A 1 125 ? 7.506   5.769   9.808   1.00 20.94 ? 124 PHE A CZ  1 
ATOM   888  N N   . GLU A 1 126 ? 2.629   1.456   13.520  1.00 20.85 ? 125 GLU A N   1 
ATOM   889  C CA  . GLU A 1 126 ? 1.699   0.333   13.763  1.00 21.36 ? 125 GLU A CA  1 
ATOM   890  C C   . GLU A 1 126 ? 0.271   0.596   13.287  1.00 20.97 ? 125 GLU A C   1 
ATOM   891  O O   . GLU A 1 126 ? -0.450  -0.334  12.963  1.00 20.99 ? 125 GLU A O   1 
ATOM   892  C CB  . GLU A 1 126 ? 1.684   -0.068  15.232  1.00 23.11 ? 125 GLU A CB  1 
ATOM   893  C CG  . GLU A 1 126 ? 1.050   0.971   16.149  1.00 23.82 ? 125 GLU A CG  1 
ATOM   894  C CD  . GLU A 1 126 ? 1.047   0.537   17.604  1.00 23.85 ? 125 GLU A CD  1 
ATOM   895  O OE1 . GLU A 1 126 ? 1.537   -0.572  17.912  1.00 23.60 ? 125 GLU A OE1 1 
ATOM   896  O OE2 . GLU A 1 126 ? 0.548   1.321   18.439  1.00 25.85 ? 125 GLU A OE2 1 
ATOM   897  N N   . GLN A 1 127 ? -0.117  1.873   13.228  1.00 20.61 ? 126 GLN A N   1 
ATOM   898  C CA  . GLN A 1 127 ? -1.425  2.278   12.752  1.00 20.02 ? 126 GLN A CA  1 
ATOM   899  C C   . GLN A 1 127 ? -1.512  2.158   11.246  1.00 20.01 ? 126 GLN A C   1 
ATOM   900  O O   . GLN A 1 127 ? -2.564  2.405   10.656  1.00 20.61 ? 126 GLN A O   1 
ATOM   901  C CB  . GLN A 1 127 ? -1.713  3.705   13.146  1.00 19.32 ? 126 GLN A CB  1 
ATOM   902  C CG  . GLN A 1 127 ? -1.703  3.888   14.640  1.00 24.11 ? 126 GLN A CG  1 
ATOM   903  C CD  . GLN A 1 127 ? -2.420  5.136   15.055  1.00 20.96 ? 126 GLN A CD  1 
ATOM   904  O OE1 . GLN A 1 127 ? -3.642  5.234   14.910  1.00 21.87 ? 126 GLN A OE1 1 
ATOM   905  N NE2 . GLN A 1 127 ? -1.678  6.092   15.592  1.00 23.06 ? 126 GLN A NE2 1 
ATOM   906  N N   . TYR A 1 128 ? -0.374  1.846   10.633  1.00 20.40 ? 127 TYR A N   1 
ATOM   907  C CA  . TYR A 1 128 ? -0.257  1.638   9.201   1.00 21.25 ? 127 TYR A CA  1 
ATOM   908  C C   . TYR A 1 128 ? -0.359  0.158   8.849   1.00 22.63 ? 127 TYR A C   1 
ATOM   909  O O   . TYR A 1 128 ? -0.794  -0.196  7.761   1.00 22.54 ? 127 TYR A O   1 
ATOM   910  C CB  . TYR A 1 128 ? 1.076   2.195   8.717   1.00 21.14 ? 127 TYR A CB  1 
ATOM   911  C CG  . TYR A 1 128 ? 1.003   3.667   8.450   1.00 18.51 ? 127 TYR A CG  1 
ATOM   912  C CD1 . TYR A 1 128 ? 0.255   4.136   7.378   1.00 18.41 ? 127 TYR A CD1 1 
ATOM   913  C CD2 . TYR A 1 128 ? 1.685   4.595   9.258   1.00 15.16 ? 127 TYR A CD2 1 
ATOM   914  C CE1 . TYR A 1 128 ? 0.189   5.502   7.110   1.00 22.27 ? 127 TYR A CE1 1 
ATOM   915  C CE2 . TYR A 1 128 ? 1.627   5.950   9.000   1.00 16.88 ? 127 TYR A CE2 1 
ATOM   916  C CZ  . TYR A 1 128 ? 0.879   6.394   7.917   1.00 18.08 ? 127 TYR A CZ  1 
ATOM   917  O OH  . TYR A 1 128 ? 0.843   7.704   7.544   1.00 21.76 ? 127 TYR A OH  1 
ATOM   918  N N   . GLY A 1 129 ? 0.075   -0.705  9.757   1.00 22.67 ? 128 GLY A N   1 
ATOM   919  C CA  . GLY A 1 129 ? 0.015   -2.121  9.493   1.00 20.43 ? 128 GLY A CA  1 
ATOM   920  C C   . GLY A 1 129 ? 0.731   -2.907  10.550  1.00 19.36 ? 128 GLY A C   1 
ATOM   921  O O   . GLY A 1 129 ? 1.316   -2.330  11.473  1.00 18.70 ? 128 GLY A O   1 
ATOM   922  N N   . LYS A 1 130 ? 0.672   -4.230  10.434  1.00 20.75 ? 129 LYS A N   1 
ATOM   923  C CA  . LYS A 1 130 ? 1.350   -5.064  11.411  1.00 22.17 ? 129 LYS A CA  1 
ATOM   924  C C   . LYS A 1 130 ? 2.835   -5.027  11.146  1.00 20.98 ? 129 LYS A C   1 
ATOM   925  O O   . LYS A 1 130 ? 3.299   -5.355  10.047  1.00 22.25 ? 129 LYS A O   1 
ATOM   926  C CB  . LYS A 1 130 ? 0.867   -6.504  11.416  1.00 21.85 ? 129 LYS A CB  1 
ATOM   927  C CG  . LYS A 1 130 ? 1.497   -7.317  12.523  1.00 27.68 ? 129 LYS A CG  1 
ATOM   928  C CD  . LYS A 1 130 ? 1.121   -8.793  12.401  1.00 37.64 ? 129 LYS A CD  1 
ATOM   929  C CE  . LYS A 1 130 ? 2.059   -9.548  11.436  1.00 40.74 ? 129 LYS A CE  1 
ATOM   930  N NZ  . LYS A 1 130 ? 1.389   -10.689 10.702  1.00 43.22 ? 129 LYS A NZ  1 
ATOM   931  N N   . ILE A 1 131 ? 3.553   -4.568  12.160  1.00 20.23 ? 130 ILE A N   1 
ATOM   932  C CA  . ILE A 1 131 ? 4.991   -4.449  12.113  1.00 20.94 ? 130 ILE A CA  1 
ATOM   933  C C   . ILE A 1 131 ? 5.576   -5.773  12.537  1.00 21.74 ? 130 ILE A C   1 
ATOM   934  O O   . ILE A 1 131 ? 5.132   -6.392  13.506  1.00 24.97 ? 130 ILE A O   1 
ATOM   935  C CB  . ILE A 1 131 ? 5.522   -3.345  13.075  1.00 19.03 ? 130 ILE A CB  1 
ATOM   936  C CG1 . ILE A 1 131 ? 5.089   -1.963  12.630  1.00 15.96 ? 130 ILE A CG1 1 
ATOM   937  C CG2 . ILE A 1 131 ? 7.031   -3.369  13.127  1.00 20.13 ? 130 ILE A CG2 1 
ATOM   938  C CD1 . ILE A 1 131 ? 5.439   -0.941  13.668  1.00 18.35 ? 130 ILE A CD1 1 
ATOM   939  N N   . GLU A 1 132 ? 6.555   -6.219  11.773  1.00 22.35 ? 131 GLU A N   1 
ATOM   940  C CA  . GLU A 1 132 ? 7.240   -7.450  12.065  1.00 22.34 ? 131 GLU A CA  1 
ATOM   941  C C   . GLU A 1 132 ? 8.654   -7.160  12.521  1.00 21.78 ? 131 GLU A C   1 
ATOM   942  O O   . GLU A 1 132 ? 9.173   -7.856  13.384  1.00 21.79 ? 131 GLU A O   1 
ATOM   943  C CB  . GLU A 1 132 ? 7.244   -8.345  10.835  1.00 23.44 ? 131 GLU A CB  1 
ATOM   944  C CG  . GLU A 1 132 ? 5.870   -8.859  10.498  1.00 23.05 ? 131 GLU A CG  1 
ATOM   945  C CD  . GLU A 1 132 ? 5.902   -9.932  9.445   1.00 28.10 ? 131 GLU A CD  1 
ATOM   946  O OE1 . GLU A 1 132 ? 6.842   -9.982  8.595   1.00 26.73 ? 131 GLU A OE1 1 
ATOM   947  O OE2 . GLU A 1 132 ? 4.956   -10.729 9.490   1.00 32.17 ? 131 GLU A OE2 1 
ATOM   948  N N   . VAL A 1 133 ? 9.279   -6.136  11.939  1.00 21.04 ? 132 VAL A N   1 
ATOM   949  C CA  . VAL A 1 133 ? 10.646  -5.816  12.307  1.00 22.14 ? 132 VAL A CA  1 
ATOM   950  C C   . VAL A 1 133 ? 10.918  -4.343  12.315  1.00 23.77 ? 132 VAL A C   1 
ATOM   951  O O   . VAL A 1 133 ? 10.566  -3.634  11.379  1.00 25.60 ? 132 VAL A O   1 
ATOM   952  C CB  . VAL A 1 133 ? 11.650  -6.441  11.336  1.00 20.98 ? 132 VAL A CB  1 
ATOM   953  C CG1 . VAL A 1 133 ? 13.072  -6.152  11.791  1.00 25.10 ? 132 VAL A CG1 1 
ATOM   954  C CG2 . VAL A 1 133 ? 11.446  -7.909  11.248  1.00 23.23 ? 132 VAL A CG2 1 
ATOM   955  N N   . ILE A 1 134 ? 11.527  -3.868  13.387  1.00 24.26 ? 133 ILE A N   1 
ATOM   956  C CA  . ILE A 1 134 ? 11.912  -2.462  13.479  1.00 25.20 ? 133 ILE A CA  1 
ATOM   957  C C   . ILE A 1 134 ? 13.427  -2.506  13.645  1.00 27.42 ? 133 ILE A C   1 
ATOM   958  O O   . ILE A 1 134 ? 13.953  -3.062  14.609  1.00 28.01 ? 133 ILE A O   1 
ATOM   959  C CB  . ILE A 1 134 ? 11.257  -1.714  14.661  1.00 24.34 ? 133 ILE A CB  1 
ATOM   960  C CG1 . ILE A 1 134 ? 9.747   -1.632  14.457  1.00 21.32 ? 133 ILE A CG1 1 
ATOM   961  C CG2 . ILE A 1 134 ? 11.780  -0.297  14.735  1.00 24.64 ? 133 ILE A CG2 1 
ATOM   962  C CD1 . ILE A 1 134 ? 9.061   -0.796  15.504  1.00 21.15 ? 133 ILE A CD1 1 
ATOM   963  N N   . GLU A 1 135 ? 14.121  -1.887  12.708  1.00 28.77 ? 134 GLU A N   1 
ATOM   964  C CA  . GLU A 1 135 ? 15.573  -1.905  12.688  1.00 30.72 ? 134 GLU A CA  1 
ATOM   965  C C   . GLU A 1 135 ? 16.149  -0.494  12.802  1.00 28.44 ? 134 GLU A C   1 
ATOM   966  O O   . GLU A 1 135 ? 16.328  0.169   11.791  1.00 27.37 ? 134 GLU A O   1 
ATOM   967  C CB  . GLU A 1 135 ? 16.013  -2.585  11.370  1.00 34.99 ? 134 GLU A CB  1 
ATOM   968  C CG  . GLU A 1 135 ? 15.127  -3.845  11.026  1.00 42.09 ? 134 GLU A CG  1 
ATOM   969  C CD  . GLU A 1 135 ? 14.531  -3.918  9.578   1.00 44.93 ? 134 GLU A CD  1 
ATOM   970  O OE1 . GLU A 1 135 ? 15.258  -4.442  8.698   1.00 42.92 ? 134 GLU A OE1 1 
ATOM   971  O OE2 . GLU A 1 135 ? 13.333  -3.539  9.339   1.00 38.63 ? 134 GLU A OE2 1 
ATOM   972  N N   . ILE A 1 136 ? 16.376  -0.004  14.027  1.00 28.67 ? 135 ILE A N   1 
ATOM   973  C CA  . ILE A 1 136 ? 16.967  1.328   14.185  1.00 28.08 ? 135 ILE A CA  1 
ATOM   974  C C   . ILE A 1 136 ? 18.474  1.173   14.001  1.00 27.74 ? 135 ILE A C   1 
ATOM   975  O O   . ILE A 1 136 ? 19.124  0.433   14.730  1.00 29.39 ? 135 ILE A O   1 
ATOM   976  C CB  . ILE A 1 136 ? 16.529  2.096   15.498  1.00 28.63 ? 135 ILE A CB  1 
ATOM   977  C CG1 . ILE A 1 136 ? 17.737  2.696   16.201  1.00 27.37 ? 135 ILE A CG1 1 
ATOM   978  C CG2 . ILE A 1 136 ? 15.537  1.322   16.340  1.00 29.83 ? 135 ILE A CG2 1 
ATOM   979  C CD1 . ILE A 1 136 ? 18.247  3.952   15.513  1.00 28.46 ? 135 ILE A CD1 1 
ATOM   980  N N   . MET A 1 137 ? 18.996  1.832   12.976  1.00 25.87 ? 136 MET A N   1 
ATOM   981  C CA  . MET A 1 137 ? 20.392  1.720   12.598  1.00 26.11 ? 136 MET A CA  1 
ATOM   982  C C   . MET A 1 137 ? 21.406  2.369   13.524  1.00 25.77 ? 136 MET A C   1 
ATOM   983  O O   . MET A 1 137 ? 21.309  3.547   13.851  1.00 23.37 ? 136 MET A O   1 
ATOM   984  C CB  . MET A 1 137 ? 20.554  2.222   11.161  1.00 26.16 ? 136 MET A CB  1 
ATOM   985  C CG  . MET A 1 137 ? 19.578  1.554   10.180  1.00 28.30 ? 136 MET A CG  1 
ATOM   986  S SD  . MET A 1 137 ? 19.780  -0.250  10.163  1.00 30.00 ? 136 MET A SD  1 
ATOM   987  C CE  . MET A 1 137 ? 21.399  -0.321  9.278   1.00 29.31 ? 136 MET A CE  1 
ATOM   988  N N   . THR A 1 138 ? 22.426  1.607   13.893  1.00 25.94 ? 137 THR A N   1 
ATOM   989  C CA  . THR A 1 138 ? 23.463  2.106   14.781  1.00 25.89 ? 137 THR A CA  1 
ATOM   990  C C   . THR A 1 138 ? 24.810  1.905   14.099  1.00 27.68 ? 137 THR A C   1 
ATOM   991  O O   . THR A 1 138 ? 24.961  1.037   13.241  1.00 27.17 ? 137 THR A O   1 
ATOM   992  C CB  . THR A 1 138 ? 23.456  1.370   16.156  1.00 25.75 ? 137 THR A CB  1 
ATOM   993  O OG1 . THR A 1 138 ? 23.658  -0.026  15.964  1.00 29.93 ? 137 THR A OG1 1 
ATOM   994  C CG2 . THR A 1 138 ? 22.134  1.538   16.858  1.00 23.92 ? 137 THR A CG2 1 
ATOM   995  N N   . ASP A 1 139 ? 25.792  2.705   14.471  1.00 28.20 ? 138 ASP A N   1 
ATOM   996  C CA  . ASP A 1 139 ? 27.094  2.573   13.889  1.00 29.63 ? 138 ASP A CA  1 
ATOM   997  C C   . ASP A 1 139 ? 27.679  1.200   14.269  1.00 29.10 ? 138 ASP A C   1 
ATOM   998  O O   . ASP A 1 139 ? 27.643  0.817   15.429  1.00 27.96 ? 138 ASP A O   1 
ATOM   999  C CB  . ASP A 1 139 ? 27.971  3.687   14.414  1.00 32.98 ? 138 ASP A CB  1 
ATOM   1000 C CG  . ASP A 1 139 ? 29.227  3.839   13.615  1.00 36.70 ? 138 ASP A CG  1 
ATOM   1001 O OD1 . ASP A 1 139 ? 30.210  3.103   13.874  1.00 35.68 ? 138 ASP A OD1 1 
ATOM   1002 O OD2 . ASP A 1 139 ? 29.210  4.678   12.689  1.00 44.97 ? 138 ASP A OD2 1 
ATOM   1003 N N   . ARG A 1 140 ? 28.274  0.498   13.306  1.00 29.55 ? 139 ARG A N   1 
ATOM   1004 C CA  . ARG A 1 140 ? 28.872  -0.830  13.553  1.00 30.60 ? 139 ARG A CA  1 
ATOM   1005 C C   . ARG A 1 140 ? 30.033  -0.810  14.521  1.00 26.47 ? 139 ARG A C   1 
ATOM   1006 O O   . ARG A 1 140 ? 30.269  -1.789  15.196  1.00 25.81 ? 139 ARG A O   1 
ATOM   1007 C CB  . ARG A 1 140 ? 29.370  -1.495  12.265  1.00 33.08 ? 139 ARG A CB  1 
ATOM   1008 C CG  . ARG A 1 140 ? 28.297  -1.687  11.242  1.00 43.09 ? 139 ARG A CG  1 
ATOM   1009 C CD  . ARG A 1 140 ? 27.813  -0.339  10.673  1.00 46.04 ? 139 ARG A CD  1 
ATOM   1010 N NE  . ARG A 1 140 ? 26.427  -0.422  10.212  1.00 48.55 ? 139 ARG A NE  1 
ATOM   1011 C CZ  . ARG A 1 140 ? 25.501  0.479   10.488  1.00 43.63 ? 139 ARG A CZ  1 
ATOM   1012 N NH1 . ARG A 1 140 ? 25.838  1.521   11.211  1.00 45.35 ? 139 ARG A NH1 1 
ATOM   1013 N NH2 . ARG A 1 140 ? 24.249  0.311   10.095  1.00 40.67 ? 139 ARG A NH2 1 
ATOM   1014 N N   . GLY A 1 141 ? 30.806  0.272   14.531  1.00 25.69 ? 140 GLY A N   1 
ATOM   1015 C CA  . GLY A 1 141 ? 31.936  0.338   15.443  1.00 25.31 ? 140 GLY A CA  1 
ATOM   1016 C C   . GLY A 1 141 ? 31.650  0.845   16.850  1.00 23.46 ? 140 GLY A C   1 
ATOM   1017 O O   . GLY A 1 141 ? 32.109  0.298   17.833  1.00 22.52 ? 140 GLY A O   1 
ATOM   1018 N N   . SER A 1 142 ? 30.892  1.930   16.917  1.00 26.16 ? 141 SER A N   1 
ATOM   1019 C CA  . SER A 1 142 ? 30.547  2.593   18.158  1.00 25.87 ? 141 SER A CA  1 
ATOM   1020 C C   . SER A 1 142 ? 29.195  2.234   18.749  1.00 25.53 ? 141 SER A C   1 
ATOM   1021 O O   . SER A 1 142 ? 28.985  2.466   19.930  1.00 28.92 ? 141 SER A O   1 
ATOM   1022 C CB  . SER A 1 142 ? 30.593  4.115   17.953  1.00 27.11 ? 141 SER A CB  1 
ATOM   1023 O OG  . SER A 1 142 ? 29.549  4.568   17.089  1.00 23.63 ? 141 SER A OG  1 
ATOM   1024 N N   . GLY A 1 143 ? 28.266  1.741   17.935  1.00 23.90 ? 142 GLY A N   1 
ATOM   1025 C CA  . GLY A 1 143 ? 26.940  1.413   18.430  1.00 22.50 ? 142 GLY A CA  1 
ATOM   1026 C C   . GLY A 1 143 ? 26.028  2.633   18.480  1.00 22.79 ? 142 GLY A C   1 
ATOM   1027 O O   . GLY A 1 143 ? 24.871  2.532   18.867  1.00 22.47 ? 142 GLY A O   1 
ATOM   1028 N N   . LYS A 1 144 ? 26.548  3.792   18.082  1.00 22.48 ? 143 LYS A N   1 
ATOM   1029 C CA  . LYS A 1 144 ? 25.773  5.031   18.075  1.00 25.40 ? 143 LYS A CA  1 
ATOM   1030 C C   . LYS A 1 144 ? 24.690  5.028   16.991  1.00 24.49 ? 143 LYS A C   1 
ATOM   1031 O O   . LYS A 1 144 ? 24.972  4.703   15.833  1.00 23.28 ? 143 LYS A O   1 
ATOM   1032 C CB  . LYS A 1 144 ? 26.685  6.247   17.845  1.00 27.32 ? 143 LYS A CB  1 
ATOM   1033 C CG  . LYS A 1 144 ? 27.200  6.913   19.107  1.00 31.93 ? 143 LYS A CG  1 
ATOM   1034 C CD  . LYS A 1 144 ? 27.719  8.322   18.806  1.00 37.48 ? 143 LYS A CD  1 
ATOM   1035 C CE  . LYS A 1 144 ? 28.201  9.057   20.078  1.00 42.31 ? 143 LYS A CE  1 
ATOM   1036 N NZ  . LYS A 1 144 ? 28.408  10.520  19.840  1.00 40.77 ? 143 LYS A NZ  1 
ATOM   1037 N N   . LYS A 1 145 ? 23.475  5.442   17.358  1.00 25.02 ? 144 LYS A N   1 
ATOM   1038 C CA  . LYS A 1 145 ? 22.363  5.507   16.411  1.00 24.40 ? 144 LYS A CA  1 
ATOM   1039 C C   . LYS A 1 145 ? 22.753  6.367   15.218  1.00 25.02 ? 144 LYS A C   1 
ATOM   1040 O O   . LYS A 1 145 ? 23.324  7.451   15.366  1.00 26.75 ? 144 LYS A O   1 
ATOM   1041 C CB  . LYS A 1 145 ? 21.129  6.086   17.068  1.00 24.89 ? 144 LYS A CB  1 
ATOM   1042 C CG  . LYS A 1 145 ? 20.669  5.347   18.297  1.00 25.52 ? 144 LYS A CG  1 
ATOM   1043 C CD  . LYS A 1 145 ? 19.307  5.889   18.675  1.00 30.98 ? 144 LYS A CD  1 
ATOM   1044 C CE  . LYS A 1 145 ? 18.615  5.053   19.713  1.00 32.44 ? 144 LYS A CE  1 
ATOM   1045 N NZ  . LYS A 1 145 ? 17.381  5.757   20.160  1.00 38.17 ? 144 LYS A NZ  1 
ATOM   1046 N N   . ARG A 1 146 ? 22.448  5.874   14.027  1.00 24.85 ? 145 ARG A N   1 
ATOM   1047 C CA  . ARG A 1 146 ? 22.789  6.580   12.799  1.00 25.75 ? 145 ARG A CA  1 
ATOM   1048 C C   . ARG A 1 146 ? 21.735  7.552   12.256  1.00 26.78 ? 145 ARG A C   1 
ATOM   1049 O O   . ARG A 1 146 ? 21.949  8.192   11.228  1.00 27.56 ? 145 ARG A O   1 
ATOM   1050 C CB  . ARG A 1 146 ? 23.183  5.571   11.725  1.00 23.83 ? 145 ARG A CB  1 
ATOM   1051 C CG  . ARG A 1 146 ? 24.461  4.846   12.053  1.00 21.58 ? 145 ARG A CG  1 
ATOM   1052 C CD  . ARG A 1 146 ? 24.837  4.023   10.916  1.00 19.44 ? 145 ARG A CD  1 
ATOM   1053 N NE  . ARG A 1 146 ? 25.081  4.795   9.716   1.00 23.16 ? 145 ARG A NE  1 
ATOM   1054 C CZ  . ARG A 1 146 ? 25.188  4.271   8.498   1.00 24.18 ? 145 ARG A CZ  1 
ATOM   1055 N NH1 . ARG A 1 146 ? 25.068  2.961   8.308   1.00 24.68 ? 145 ARG A NH1 1 
ATOM   1056 N NH2 . ARG A 1 146 ? 25.431  5.051   7.462   1.00 25.52 ? 145 ARG A NH2 1 
ATOM   1057 N N   . GLY A 1 147 ? 20.590  7.635   12.922  1.00 27.61 ? 146 GLY A N   1 
ATOM   1058 C CA  . GLY A 1 147 ? 19.558  8.536   12.461  1.00 26.16 ? 146 GLY A CA  1 
ATOM   1059 C C   . GLY A 1 147 ? 18.572  7.969   11.457  1.00 25.34 ? 146 GLY A C   1 
ATOM   1060 O O   . GLY A 1 147 ? 17.834  8.742   10.866  1.00 26.46 ? 146 GLY A O   1 
ATOM   1061 N N   . PHE A 1 148 ? 18.588  6.664   11.205  1.00 23.54 ? 147 PHE A N   1 
ATOM   1062 C CA  . PHE A 1 148 ? 17.637  6.052   10.280  1.00 22.93 ? 147 PHE A CA  1 
ATOM   1063 C C   . PHE A 1 148 ? 17.317  4.624   10.715  1.00 23.53 ? 147 PHE A C   1 
ATOM   1064 O O   . PHE A 1 148 ? 18.087  3.978   11.462  1.00 22.86 ? 147 PHE A O   1 
ATOM   1065 C CB  . PHE A 1 148 ? 18.065  6.139   8.795   1.00 23.40 ? 147 PHE A CB  1 
ATOM   1066 C CG  . PHE A 1 148 ? 19.305  5.348   8.450   1.00 27.01 ? 147 PHE A CG  1 
ATOM   1067 C CD1 . PHE A 1 148 ? 20.583  5.822   8.795   1.00 27.38 ? 147 PHE A CD1 1 
ATOM   1068 C CD2 . PHE A 1 148 ? 19.205  4.118   7.792   1.00 28.93 ? 147 PHE A CD2 1 
ATOM   1069 C CE1 . PHE A 1 148 ? 21.734  5.087   8.505   1.00 24.12 ? 147 PHE A CE1 1 
ATOM   1070 C CE2 . PHE A 1 148 ? 20.355  3.377   7.495   1.00 27.51 ? 147 PHE A CE2 1 
ATOM   1071 C CZ  . PHE A 1 148 ? 21.618  3.865   7.855   1.00 25.69 ? 147 PHE A CZ  1 
ATOM   1072 N N   . ALA A 1 149 ? 16.150  4.160   10.274  1.00 22.32 ? 148 ALA A N   1 
ATOM   1073 C CA  . ALA A 1 149 ? 15.640  2.861   10.631  1.00 18.48 ? 148 ALA A CA  1 
ATOM   1074 C C   . ALA A 1 149 ? 14.983  2.194   9.469   1.00 17.47 ? 148 ALA A C   1 
ATOM   1075 O O   . ALA A 1 149 ? 14.770  2.809   8.432   1.00 19.84 ? 148 ALA A O   1 
ATOM   1076 C CB  . ALA A 1 149 ? 14.625  3.034   11.708  1.00 16.95 ? 148 ALA A CB  1 
ATOM   1077 N N   . PHE A 1 150 ? 14.691  0.920   9.640   1.00 17.95 ? 149 PHE A N   1 
ATOM   1078 C CA  . PHE A 1 150 ? 13.973  0.176   8.633   1.00 18.40 ? 149 PHE A CA  1 
ATOM   1079 C C   . PHE A 1 150 ? 12.831  -0.481  9.355   1.00 17.55 ? 149 PHE A C   1 
ATOM   1080 O O   . PHE A 1 150 ? 12.990  -0.985  10.454  1.00 18.17 ? 149 PHE A O   1 
ATOM   1081 C CB  . PHE A 1 150 ? 14.838  -0.886  7.963   1.00 20.78 ? 149 PHE A CB  1 
ATOM   1082 C CG  . PHE A 1 150 ? 15.896  -0.327  7.069   1.00 23.23 ? 149 PHE A CG  1 
ATOM   1083 C CD1 . PHE A 1 150 ? 15.579  0.130   5.808   1.00 24.54 ? 149 PHE A CD1 1 
ATOM   1084 C CD2 . PHE A 1 150 ? 17.216  -0.235  7.502   1.00 25.94 ? 149 PHE A CD2 1 
ATOM   1085 C CE1 . PHE A 1 150 ? 16.571  0.680   4.988   1.00 27.14 ? 149 PHE A CE1 1 
ATOM   1086 C CE2 . PHE A 1 150 ? 18.215  0.314   6.682   1.00 25.56 ? 149 PHE A CE2 1 
ATOM   1087 C CZ  . PHE A 1 150 ? 17.886  0.771   5.429   1.00 24.87 ? 149 PHE A CZ  1 
ATOM   1088 N N   . VAL A 1 151 ? 11.641  -0.356  8.804   1.00 20.26 ? 150 VAL A N   1 
ATOM   1089 C CA  . VAL A 1 151 ? 10.503  -1.002  9.411   1.00 21.01 ? 150 VAL A CA  1 
ATOM   1090 C C   . VAL A 1 151 ? 9.943   -1.971  8.373   1.00 21.20 ? 150 VAL A C   1 
ATOM   1091 O O   . VAL A 1 151 ? 9.805   -1.636  7.206   1.00 22.37 ? 150 VAL A O   1 
ATOM   1092 C CB  . VAL A 1 151 ? 9.407   0.001   9.877   1.00 21.25 ? 150 VAL A CB  1 
ATOM   1093 C CG1 . VAL A 1 151 ? 8.309   -0.760  10.668  1.00 21.91 ? 150 VAL A CG1 1 
ATOM   1094 C CG2 . VAL A 1 151 ? 10.005  1.108   10.722  1.00 18.95 ? 150 VAL A CG2 1 
ATOM   1095 N N   . THR A 1 152 ? 9.677   -3.194  8.805   1.00 23.14 ? 151 THR A N   1 
ATOM   1096 C CA  . THR A 1 152 ? 9.147   -4.240  7.946   1.00 22.41 ? 151 THR A CA  1 
ATOM   1097 C C   . THR A 1 152 ? 7.771   -4.586  8.486   1.00 20.48 ? 151 THR A C   1 
ATOM   1098 O O   . THR A 1 152 ? 7.609   -4.793  9.674   1.00 21.15 ? 151 THR A O   1 
ATOM   1099 C CB  . THR A 1 152 ? 10.095  -5.500  7.971   1.00 22.56 ? 151 THR A CB  1 
ATOM   1100 O OG1 . THR A 1 152 ? 11.389  -5.129  7.467   1.00 24.03 ? 151 THR A OG1 1 
ATOM   1101 C CG2 . THR A 1 152 ? 9.547   -6.639  7.115   1.00 22.60 ? 151 THR A CG2 1 
ATOM   1102 N N   . PHE A 1 153 ? 6.779   -4.556  7.608   1.00 22.16 ? 152 PHE A N   1 
ATOM   1103 C CA  . PHE A 1 153 ? 5.404   -4.870  7.938   1.00 18.22 ? 152 PHE A CA  1 
ATOM   1104 C C   . PHE A 1 153 ? 5.113   -6.225  7.334   1.00 18.57 ? 152 PHE A C   1 
ATOM   1105 O O   . PHE A 1 153 ? 5.897   -6.746  6.538   1.00 18.89 ? 152 PHE A O   1 
ATOM   1106 C CB  . PHE A 1 153 ? 4.488   -3.850  7.298   1.00 15.57 ? 152 PHE A CB  1 
ATOM   1107 C CG  . PHE A 1 153 ? 4.731   -2.458  7.765   1.00 15.17 ? 152 PHE A CG  1 
ATOM   1108 C CD1 . PHE A 1 153 ? 5.700   -1.670  7.169   1.00 17.68 ? 152 PHE A CD1 1 
ATOM   1109 C CD2 . PHE A 1 153 ? 3.996   -1.931  8.822   1.00 19.47 ? 152 PHE A CD2 1 
ATOM   1110 C CE1 . PHE A 1 153 ? 5.948   -0.361  7.625   1.00 19.74 ? 152 PHE A CE1 1 
ATOM   1111 C CE2 . PHE A 1 153 ? 4.225   -0.616  9.303   1.00 19.77 ? 152 PHE A CE2 1 
ATOM   1112 C CZ  . PHE A 1 153 ? 5.200   0.165   8.701   1.00 21.28 ? 152 PHE A CZ  1 
ATOM   1113 N N   . ASP A 1 154 ? 3.980   -6.795  7.693   1.00 19.17 ? 153 ASP A N   1 
ATOM   1114 C CA  . ASP A 1 154 ? 3.590   -8.090  7.134   1.00 21.59 ? 153 ASP A CA  1 
ATOM   1115 C C   . ASP A 1 154 ? 2.878   -7.932  5.779   1.00 23.30 ? 153 ASP A C   1 
ATOM   1116 O O   . ASP A 1 154 ? 2.521   -8.916  5.121   1.00 25.28 ? 153 ASP A O   1 
ATOM   1117 C CB  . ASP A 1 154 ? 2.647   -8.801  8.096   1.00 19.29 ? 153 ASP A CB  1 
ATOM   1118 C CG  . ASP A 1 154 ? 1.255   -8.167  8.168   1.00 20.19 ? 153 ASP A CG  1 
ATOM   1119 O OD1 . ASP A 1 154 ? 0.883   -7.234  7.432   1.00 21.63 ? 153 ASP A OD1 1 
ATOM   1120 O OD2 . ASP A 1 154 ? 0.474   -8.651  8.981   1.00 22.34 ? 153 ASP A OD2 1 
ATOM   1121 N N   . ASP A 1 155 ? 2.671   -6.688  5.370   1.00 21.62 ? 154 ASP A N   1 
ATOM   1122 C CA  . ASP A 1 155 ? 1.922   -6.424  4.169   1.00 20.83 ? 154 ASP A CA  1 
ATOM   1123 C C   . ASP A 1 155 ? 2.468   -5.196  3.489   1.00 20.19 ? 154 ASP A C   1 
ATOM   1124 O O   . ASP A 1 155 ? 2.845   -4.216  4.144   1.00 20.34 ? 154 ASP A O   1 
ATOM   1125 C CB  . ASP A 1 155 ? 0.453   -6.199  4.575   1.00 24.31 ? 154 ASP A CB  1 
ATOM   1126 C CG  . ASP A 1 155 ? -0.460  -5.852  3.410   1.00 24.68 ? 154 ASP A CG  1 
ATOM   1127 O OD1 . ASP A 1 155 ? -0.495  -6.613  2.422   1.00 30.84 ? 154 ASP A OD1 1 
ATOM   1128 O OD2 . ASP A 1 155 ? -1.190  -4.844  3.512   1.00 28.80 ? 154 ASP A OD2 1 
ATOM   1129 N N   . HIS A 1 156 ? 2.473   -5.270  2.158   1.00 18.69 ? 155 HIS A N   1 
ATOM   1130 C CA  . HIS A 1 156 ? 2.913   -4.198  1.275   1.00 18.59 ? 155 HIS A CA  1 
ATOM   1131 C C   . HIS A 1 156 ? 1.991   -2.975  1.323   1.00 16.21 ? 155 HIS A C   1 
ATOM   1132 O O   . HIS A 1 156 ? 2.434   -1.862  1.046   1.00 15.31 ? 155 HIS A O   1 
ATOM   1133 C CB  . HIS A 1 156 ? 2.992   -4.720  -0.167  1.00 16.75 ? 155 HIS A CB  1 
ATOM   1134 C CG  . HIS A 1 156 ? 1.667   -4.754  -0.880  1.00 18.31 ? 155 HIS A CG  1 
ATOM   1135 N ND1 . HIS A 1 156 ? 0.877   -5.879  -0.938  1.00 18.66 ? 155 HIS A ND1 1 
ATOM   1136 C CD2 . HIS A 1 156 ? 0.974   -3.780  -1.522  1.00 15.91 ? 155 HIS A CD2 1 
ATOM   1137 C CE1 . HIS A 1 156 ? -0.252  -5.599  -1.559  1.00 18.02 ? 155 HIS A CE1 1 
ATOM   1138 N NE2 . HIS A 1 156 ? -0.216  -4.330  -1.922  1.00 17.66 ? 155 HIS A NE2 1 
ATOM   1139 N N   . ASP A 1 157 ? 0.718   -3.170  1.673   1.00 15.47 ? 156 ASP A N   1 
ATOM   1140 C CA  . ASP A 1 157 ? -0.211  -2.044  1.680   1.00 18.16 ? 156 ASP A CA  1 
ATOM   1141 C C   . ASP A 1 157 ? 0.134   -0.969  2.691   1.00 19.63 ? 156 ASP A C   1 
ATOM   1142 O O   . ASP A 1 157 ? -0.093  0.209   2.433   1.00 19.73 ? 156 ASP A O   1 
ATOM   1143 C CB  . ASP A 1 157 ? -1.660  -2.474  1.831   1.00 15.91 ? 156 ASP A CB  1 
ATOM   1144 C CG  . ASP A 1 157 ? -2.602  -1.375  1.444   1.00 17.43 ? 156 ASP A CG  1 
ATOM   1145 O OD1 . ASP A 1 157 ? -2.390  -0.774  0.364   1.00 17.86 ? 156 ASP A OD1 1 
ATOM   1146 O OD2 . ASP A 1 157 ? -3.521  -1.087  2.220   1.00 17.55 ? 156 ASP A OD2 1 
ATOM   1147 N N   . SER A 1 158 ? 0.718   -1.395  3.814   1.00 22.05 ? 157 SER A N   1 
ATOM   1148 C CA  . SER A 1 158 ? 1.184   -0.523  4.897   1.00 18.97 ? 157 SER A CA  1 
ATOM   1149 C C   . SER A 1 158 ? 2.199   0.405   4.294   1.00 19.05 ? 157 SER A C   1 
ATOM   1150 O O   . SER A 1 158 ? 2.117   1.623   4.414   1.00 20.27 ? 157 SER A O   1 
ATOM   1151 C CB  . SER A 1 158 ? 1.906   -1.366  5.926   1.00 17.34 ? 157 SER A CB  1 
ATOM   1152 O OG  . SER A 1 158 ? 1.050   -2.383  6.371   1.00 29.07 ? 157 SER A OG  1 
ATOM   1153 N N   . VAL A 1 159 ? 3.147   -0.187  3.587   1.00 16.81 ? 158 VAL A N   1 
ATOM   1154 C CA  . VAL A 1 159 ? 4.197   0.593   2.959   1.00 18.58 ? 158 VAL A CA  1 
ATOM   1155 C C   . VAL A 1 159 ? 3.596   1.574   1.937   1.00 18.67 ? 158 VAL A C   1 
ATOM   1156 O O   . VAL A 1 159 ? 3.959   2.752   1.915   1.00 15.45 ? 158 VAL A O   1 
ATOM   1157 C CB  . VAL A 1 159 ? 5.265   -0.358  2.349   1.00 18.10 ? 158 VAL A CB  1 
ATOM   1158 C CG1 . VAL A 1 159 ? 6.298   0.409   1.508   1.00 16.55 ? 158 VAL A CG1 1 
ATOM   1159 C CG2 . VAL A 1 159 ? 5.940   -1.126  3.474   1.00 15.73 ? 158 VAL A CG2 1 
ATOM   1160 N N   . ASP A 1 160 ? 2.654   1.081   1.126   1.00 19.46 ? 159 ASP A N   1 
ATOM   1161 C CA  . ASP A 1 160 ? 1.953   1.891   0.126   1.00 19.16 ? 159 ASP A CA  1 
ATOM   1162 C C   . ASP A 1 160 ? 1.230   3.083   0.769   1.00 20.13 ? 159 ASP A C   1 
ATOM   1163 O O   . ASP A 1 160 ? 1.304   4.203   0.264   1.00 19.72 ? 159 ASP A O   1 
ATOM   1164 C CB  . ASP A 1 160 ? 0.964   1.040   -0.675  1.00 17.60 ? 159 ASP A CB  1 
ATOM   1165 C CG  . ASP A 1 160 ? 1.651   0.022   -1.546  1.00 18.45 ? 159 ASP A CG  1 
ATOM   1166 O OD1 . ASP A 1 160 ? 2.880   0.086   -1.666  1.00 21.90 ? 159 ASP A OD1 1 
ATOM   1167 O OD2 . ASP A 1 160 ? 0.990   -0.863  -2.118  1.00 24.48 ? 159 ASP A OD2 1 
ATOM   1168 N N   . LYS A 1 161 ? 0.579   2.862   1.907   1.00 19.41 ? 160 LYS A N   1 
ATOM   1169 C CA  . LYS A 1 161 ? -0.125  3.949   2.571   1.00 17.34 ? 160 LYS A CA  1 
ATOM   1170 C C   . LYS A 1 161 ? 0.867   4.947   3.092   1.00 17.02 ? 160 LYS A C   1 
ATOM   1171 O O   . LYS A 1 161 ? 0.732   6.145   2.892   1.00 16.94 ? 160 LYS A O   1 
ATOM   1172 C CB  . LYS A 1 161 ? -0.968  3.408   3.695   1.00 16.07 ? 160 LYS A CB  1 
ATOM   1173 C CG  . LYS A 1 161 ? -2.305  2.868   3.219   1.00 13.96 ? 160 LYS A CG  1 
ATOM   1174 C CD  . LYS A 1 161 ? -3.100  2.279   4.385   1.00 16.43 ? 160 LYS A CD  1 
ATOM   1175 C CE  . LYS A 1 161 ? -2.399  1.047   4.937   1.00 20.03 ? 160 LYS A CE  1 
ATOM   1176 N NZ  . LYS A 1 161 ? -3.081  0.518   6.139   1.00 19.91 ? 160 LYS A NZ  1 
ATOM   1177 N N   . ILE A 1 162 ? 1.932   4.413   3.667   1.00 19.77 ? 161 ILE A N   1 
ATOM   1178 C CA  . ILE A 1 162 ? 3.008   5.231   4.237   1.00 20.57 ? 161 ILE A CA  1 
ATOM   1179 C C   . ILE A 1 162 ? 3.736   6.138   3.230   1.00 21.77 ? 161 ILE A C   1 
ATOM   1180 O O   . ILE A 1 162 ? 3.808   7.374   3.381   1.00 22.72 ? 161 ILE A O   1 
ATOM   1181 C CB  . ILE A 1 162 ? 4.056   4.329   4.979   1.00 17.99 ? 161 ILE A CB  1 
ATOM   1182 C CG1 . ILE A 1 162 ? 3.407   3.699   6.206   1.00 20.90 ? 161 ILE A CG1 1 
ATOM   1183 C CG2 . ILE A 1 162 ? 5.220   5.144   5.478   1.00 16.03 ? 161 ILE A CG2 1 
ATOM   1184 C CD1 . ILE A 1 162 ? 4.176   2.548   6.794   1.00 18.31 ? 161 ILE A CD1 1 
ATOM   1185 N N   . VAL A 1 163 ? 4.211   5.529   2.161   1.00 21.52 ? 162 VAL A N   1 
ATOM   1186 C CA  . VAL A 1 163 ? 5.001   6.232   1.167   1.00 22.05 ? 162 VAL A CA  1 
ATOM   1187 C C   . VAL A 1 163 ? 4.296   7.355   0.431   1.00 20.61 ? 162 VAL A C   1 
ATOM   1188 O O   . VAL A 1 163 ? 4.932   8.305   -0.011  1.00 22.16 ? 162 VAL A O   1 
ATOM   1189 C CB  . VAL A 1 163 ? 5.715   5.174   0.271   1.00 23.17 ? 162 VAL A CB  1 
ATOM   1190 C CG1 . VAL A 1 163 ? 6.218   5.755   -1.030  1.00 29.16 ? 162 VAL A CG1 1 
ATOM   1191 C CG2 . VAL A 1 163 ? 6.869   4.553   1.094   1.00 21.15 ? 162 VAL A CG2 1 
ATOM   1192 N N   . ILE A 1 164 ? 2.977   7.265   0.353   1.00 21.67 ? 163 ILE A N   1 
ATOM   1193 C CA  . ILE A 1 164 ? 2.161   8.268   -0.308  1.00 25.12 ? 163 ILE A CA  1 
ATOM   1194 C C   . ILE A 1 164 ? 2.006   9.512   0.580   1.00 26.54 ? 163 ILE A C   1 
ATOM   1195 O O   . ILE A 1 164 ? 1.563   10.574  0.097   1.00 28.99 ? 163 ILE A O   1 
ATOM   1196 C CB  . ILE A 1 164 ? 0.723   7.768   -0.572  1.00 25.36 ? 163 ILE A CB  1 
ATOM   1197 C CG1 . ILE A 1 164 ? 0.716   6.478   -1.356  1.00 30.29 ? 163 ILE A CG1 1 
ATOM   1198 C CG2 . ILE A 1 164 ? -0.001  8.772   -1.442  1.00 34.63 ? 163 ILE A CG2 1 
ATOM   1199 C CD1 . ILE A 1 164 ? -0.661  5.882   -1.442  1.00 31.59 ? 163 ILE A CD1 1 
ATOM   1200 N N   . GLN A 1 165 ? 2.246   9.365   1.881   1.00 25.42 ? 164 GLN A N   1 
ATOM   1201 C CA  . GLN A 1 165 ? 2.120   10.492  2.799   1.00 23.42 ? 164 GLN A CA  1 
ATOM   1202 C C   . GLN A 1 165 ? 3.157   11.570  2.504   1.00 21.90 ? 164 GLN A C   1 
ATOM   1203 O O   . GLN A 1 165 ? 4.284   11.268  2.172   1.00 20.63 ? 164 GLN A O   1 
ATOM   1204 C CB  . GLN A 1 165 ? 2.237   10.019  4.245   1.00 20.79 ? 164 GLN A CB  1 
ATOM   1205 C CG  . GLN A 1 165 ? 1.060   9.170   4.706   1.00 18.02 ? 164 GLN A CG  1 
ATOM   1206 C CD  . GLN A 1 165 ? -0.234  9.963   4.767   1.00 20.67 ? 164 GLN A CD  1 
ATOM   1207 O OE1 . GLN A 1 165 ? -0.537  10.640  5.764   1.00 23.14 ? 164 GLN A OE1 1 
ATOM   1208 N NE2 . GLN A 1 165 ? -0.996  9.910   3.687   1.00 17.11 ? 164 GLN A NE2 1 
ATOM   1209 N N   . LYS A 1 166 ? 2.710   12.822  2.525   1.00 23.24 ? 165 LYS A N   1 
ATOM   1210 C CA  . LYS A 1 166 ? 3.544   13.989  2.285   1.00 24.89 ? 165 LYS A CA  1 
ATOM   1211 C C   . LYS A 1 166 ? 4.527   14.192  3.444   1.00 25.60 ? 165 LYS A C   1 
ATOM   1212 O O   . LYS A 1 166 ? 5.660   14.676  3.258   1.00 24.75 ? 165 LYS A O   1 
ATOM   1213 C CB  . LYS A 1 166 ? 2.661   15.238  2.183   1.00 27.54 ? 165 LYS A CB  1 
ATOM   1214 C CG  . LYS A 1 166 ? 2.421   15.799  0.790   1.00 35.53 ? 165 LYS A CG  1 
ATOM   1215 C CD  . LYS A 1 166 ? 2.359   17.344  0.886   1.00 40.78 ? 165 LYS A CD  1 
ATOM   1216 C CE  . LYS A 1 166 ? 1.851   18.027  -0.380  1.00 44.10 ? 165 LYS A CE  1 
ATOM   1217 N NZ  . LYS A 1 166 ? 1.628   19.510  -0.157  1.00 46.72 ? 165 LYS A NZ  1 
ATOM   1218 N N   . TYR A 1 167 ? 4.088   13.832  4.644   1.00 22.46 ? 166 TYR A N   1 
ATOM   1219 C CA  . TYR A 1 167 ? 4.918   14.011  5.819   1.00 21.29 ? 166 TYR A CA  1 
ATOM   1220 C C   . TYR A 1 167 ? 4.786   12.833  6.727   1.00 21.77 ? 166 TYR A C   1 
ATOM   1221 O O   . TYR A 1 167 ? 3.792   12.124  6.697   1.00 22.68 ? 166 TYR A O   1 
ATOM   1222 C CB  . TYR A 1 167 ? 4.474   15.248  6.620   1.00 19.18 ? 166 TYR A CB  1 
ATOM   1223 C CG  . TYR A 1 167 ? 4.181   16.463  5.780   1.00 18.78 ? 166 TYR A CG  1 
ATOM   1224 C CD1 . TYR A 1 167 ? 2.945   16.606  5.163   1.00 21.02 ? 166 TYR A CD1 1 
ATOM   1225 C CD2 . TYR A 1 167 ? 5.132   17.472  5.598   1.00 19.40 ? 166 TYR A CD2 1 
ATOM   1226 C CE1 . TYR A 1 167 ? 2.652   17.719  4.387   1.00 22.12 ? 166 TYR A CE1 1 
ATOM   1227 C CE2 . TYR A 1 167 ? 4.848   18.590  4.829   1.00 18.86 ? 166 TYR A CE2 1 
ATOM   1228 C CZ  . TYR A 1 167 ? 3.602   18.697  4.234   1.00 18.60 ? 166 TYR A CZ  1 
ATOM   1229 O OH  . TYR A 1 167 ? 3.252   19.770  3.505   1.00 19.95 ? 166 TYR A OH  1 
ATOM   1230 N N   . HIS A 1 168 ? 5.748   12.743  7.630   1.00 22.07 ? 167 HIS A N   1 
ATOM   1231 C CA  . HIS A 1 168 ? 5.828   11.720  8.651   1.00 23.01 ? 167 HIS A CA  1 
ATOM   1232 C C   . HIS A 1 168 ? 6.533   12.397  9.825   1.00 22.43 ? 167 HIS A C   1 
ATOM   1233 O O   . HIS A 1 168 ? 7.626   12.931  9.680   1.00 23.53 ? 167 HIS A O   1 
ATOM   1234 C CB  . HIS A 1 168 ? 6.611   10.485  8.147   1.00 21.01 ? 167 HIS A CB  1 
ATOM   1235 C CG  . HIS A 1 168 ? 5.838   9.639   7.178   1.00 20.53 ? 167 HIS A CG  1 
ATOM   1236 N ND1 . HIS A 1 168 ? 4.657   9.009   7.500   1.00 20.25 ? 167 HIS A ND1 1 
ATOM   1237 C CD2 . HIS A 1 168 ? 6.043   9.376   5.862   1.00 20.54 ? 167 HIS A CD2 1 
ATOM   1238 C CE1 . HIS A 1 168 ? 4.164   8.413   6.443   1.00 20.78 ? 167 HIS A CE1 1 
ATOM   1239 N NE2 . HIS A 1 168 ? 4.985   8.623   5.428   1.00 19.12 ? 167 HIS A NE2 1 
ATOM   1240 N N   . THR A 1 169 ? 5.865   12.460  10.958  1.00 23.15 ? 168 THR A N   1 
ATOM   1241 C CA  . THR A 1 169 ? 6.455   13.078  12.136  1.00 25.21 ? 168 THR A CA  1 
ATOM   1242 C C   . THR A 1 169 ? 6.444   12.051  13.238  1.00 24.81 ? 168 THR A C   1 
ATOM   1243 O O   . THR A 1 169 ? 5.388   11.676  13.730  1.00 25.63 ? 168 THR A O   1 
ATOM   1244 C CB  . THR A 1 169 ? 5.659   14.316  12.553  1.00 28.92 ? 168 THR A CB  1 
ATOM   1245 O OG1 . THR A 1 169 ? 5.709   15.274  11.492  1.00 34.67 ? 168 THR A OG1 1 
ATOM   1246 C CG2 . THR A 1 169 ? 6.219   14.941  13.835  1.00 29.99 ? 168 THR A CG2 1 
ATOM   1247 N N   . VAL A 1 170 ? 7.634   11.574  13.581  1.00 26.45 ? 169 VAL A N   1 
ATOM   1248 C CA  . VAL A 1 170 ? 7.853   10.553  14.594  1.00 29.43 ? 169 VAL A CA  1 
ATOM   1249 C C   . VAL A 1 170 ? 8.859   11.122  15.591  1.00 34.00 ? 169 VAL A C   1 
ATOM   1250 O O   . VAL A 1 170 ? 9.945   11.582  15.181  1.00 34.95 ? 169 VAL A O   1 
ATOM   1251 C CB  . VAL A 1 170 ? 8.471   9.285   13.942  1.00 28.54 ? 169 VAL A CB  1 
ATOM   1252 C CG1 . VAL A 1 170 ? 8.559   8.130   14.947  1.00 27.60 ? 169 VAL A CG1 1 
ATOM   1253 C CG2 . VAL A 1 170 ? 7.656   8.896   12.704  1.00 27.99 ? 169 VAL A CG2 1 
ATOM   1254 N N   . ASN A 1 171 ? 8.489   11.145  16.879  1.00 33.34 ? 170 ASN A N   1 
ATOM   1255 C CA  . ASN A 1 171 ? 9.382   11.659  17.916  1.00 33.15 ? 170 ASN A CA  1 
ATOM   1256 C C   . ASN A 1 171 ? 9.825   13.096  17.557  1.00 36.03 ? 170 ASN A C   1 
ATOM   1257 O O   . ASN A 1 171 ? 11.012  13.443  17.624  1.00 37.38 ? 170 ASN A O   1 
ATOM   1258 C CB  . ASN A 1 171 ? 10.595  10.726  18.066  1.00 32.36 ? 170 ASN A CB  1 
ATOM   1259 C CG  . ASN A 1 171 ? 11.439  11.038  19.297  1.00 32.66 ? 170 ASN A CG  1 
ATOM   1260 O OD1 . ASN A 1 171 ? 10.919  11.333  20.375  1.00 32.35 ? 170 ASN A OD1 1 
ATOM   1261 N ND2 . ASN A 1 171 ? 12.747  10.942  19.147  1.00 29.50 ? 170 ASN A ND2 1 
ATOM   1262 N N   . GLY A 1 172 ? 8.865   13.904  17.098  1.00 36.04 ? 171 GLY A N   1 
ATOM   1263 C CA  . GLY A 1 172 ? 9.134   15.294  16.739  1.00 34.80 ? 171 GLY A CA  1 
ATOM   1264 C C   . GLY A 1 172 ? 9.948   15.565  15.493  1.00 33.41 ? 171 GLY A C   1 
ATOM   1265 O O   . GLY A 1 172 ? 10.094  16.708  15.082  1.00 33.88 ? 171 GLY A O   1 
ATOM   1266 N N   . HIS A 1 173 ? 10.463  14.513  14.873  1.00 33.01 ? 172 HIS A N   1 
ATOM   1267 C CA  . HIS A 1 173 ? 11.257  14.647  13.665  1.00 31.31 ? 172 HIS A CA  1 
ATOM   1268 C C   . HIS A 1 173 ? 10.372  14.590  12.444  1.00 29.63 ? 172 HIS A C   1 
ATOM   1269 O O   . HIS A 1 173 ? 9.338   13.964  12.463  1.00 27.84 ? 172 HIS A O   1 
ATOM   1270 C CB  . HIS A 1 173 ? 12.247  13.484  13.574  1.00 31.53 ? 172 HIS A CB  1 
ATOM   1271 C CG  . HIS A 1 173 ? 13.147  13.370  14.756  1.00 29.48 ? 172 HIS A CG  1 
ATOM   1272 N ND1 . HIS A 1 173 ? 14.062  14.345  15.091  1.00 29.27 ? 172 HIS A ND1 1 
ATOM   1273 C CD2 . HIS A 1 173 ? 13.278  12.398  15.698  1.00 30.56 ? 172 HIS A CD2 1 
ATOM   1274 C CE1 . HIS A 1 173 ? 14.719  13.978  16.183  1.00 26.37 ? 172 HIS A CE1 1 
ATOM   1275 N NE2 . HIS A 1 173 ? 14.260  12.803  16.565  1.00 28.61 ? 172 HIS A NE2 1 
ATOM   1276 N N   . ASN A 1 174 ? 10.747  15.301  11.399  1.00 30.10 ? 173 ASN A N   1 
ATOM   1277 C CA  . ASN A 1 174 ? 10.007  15.200  10.162  1.00 32.24 ? 173 ASN A CA  1 
ATOM   1278 C C   . ASN A 1 174 ? 10.866  14.167  9.432   1.00 31.29 ? 173 ASN A C   1 
ATOM   1279 O O   . ASN A 1 174 ? 11.998  14.461  9.013   1.00 33.86 ? 173 ASN A O   1 
ATOM   1280 C CB  . ASN A 1 174 ? 10.025  16.505  9.402   1.00 34.19 ? 173 ASN A CB  1 
ATOM   1281 C CG  . ASN A 1 174 ? 8.682   17.125  9.333   1.00 37.66 ? 173 ASN A CG  1 
ATOM   1282 O OD1 . ASN A 1 174 ? 7.713   16.497  8.900   1.00 42.62 ? 173 ASN A OD1 1 
ATOM   1283 N ND2 . ASN A 1 174 ? 8.594   18.369  9.779   1.00 40.39 ? 173 ASN A ND2 1 
ATOM   1284 N N   . CYS A 1 175 ? 10.379  12.944  9.334   1.00 27.25 ? 174 CYS A N   1 
ATOM   1285 C CA  . CYS A 1 175 ? 11.186  11.922  8.707   1.00 26.99 ? 174 CYS A CA  1 
ATOM   1286 C C   . CYS A 1 175 ? 10.954  11.793  7.216   1.00 27.33 ? 174 CYS A C   1 
ATOM   1287 O O   . CYS A 1 175 ? 9.997   12.346  6.672   1.00 26.25 ? 174 CYS A O   1 
ATOM   1288 C CB  . CYS A 1 175 ? 10.977  10.589  9.424   1.00 28.34 ? 174 CYS A CB  1 
ATOM   1289 S SG  . CYS A 1 175 ? 10.980  10.789  11.216  1.00 32.23 ? 174 CYS A SG  1 
ATOM   1290 N N   . GLU A 1 176 ? 11.906  11.138  6.559   1.00 27.50 ? 175 GLU A N   1 
ATOM   1291 C CA  . GLU A 1 176 ? 11.869  10.872  5.132   1.00 29.58 ? 175 GLU A CA  1 
ATOM   1292 C C   . GLU A 1 176 ? 11.653  9.358   5.072   1.00 27.22 ? 175 GLU A C   1 
ATOM   1293 O O   . GLU A 1 176 ? 12.451  8.590   5.598   1.00 23.65 ? 175 GLU A O   1 
ATOM   1294 C CB  . GLU A 1 176 ? 13.210  11.252  4.525   1.00 35.61 ? 175 GLU A CB  1 
ATOM   1295 C CG  . GLU A 1 176 ? 13.482  10.692  3.140   1.00 46.09 ? 175 GLU A CG  1 
ATOM   1296 C CD  . GLU A 1 176 ? 14.885  11.064  2.616   1.00 51.57 ? 175 GLU A CD  1 
ATOM   1297 O OE1 . GLU A 1 176 ? 15.754  11.443  3.442   1.00 51.71 ? 175 GLU A OE1 1 
ATOM   1298 O OE2 . GLU A 1 176 ? 15.108  10.971  1.380   1.00 54.70 ? 175 GLU A OE2 1 
ATOM   1299 N N   . VAL A 1 177 ? 10.555  8.938   4.467   1.00 23.84 ? 176 VAL A N   1 
ATOM   1300 C CA  . VAL A 1 177 ? 10.252  7.532   4.420   1.00 23.97 ? 176 VAL A CA  1 
ATOM   1301 C C   . VAL A 1 177 ? 10.149  7.116   2.988   1.00 26.58 ? 176 VAL A C   1 
ATOM   1302 O O   . VAL A 1 177 ? 9.370   7.679   2.237   1.00 24.24 ? 176 VAL A O   1 
ATOM   1303 C CB  . VAL A 1 177 ? 8.917   7.215   5.120   1.00 22.63 ? 176 VAL A CB  1 
ATOM   1304 C CG1 . VAL A 1 177 ? 8.616   5.742   5.006   1.00 17.79 ? 176 VAL A CG1 1 
ATOM   1305 C CG2 . VAL A 1 177 ? 8.952   7.665   6.581   1.00 19.56 ? 176 VAL A CG2 1 
ATOM   1306 N N   . ARG A 1 178 ? 10.891  6.075   2.644   1.00 28.98 ? 177 ARG A N   1 
ATOM   1307 C CA  . ARG A 1 178 ? 10.922  5.562   1.283   1.00 31.60 ? 177 ARG A CA  1 
ATOM   1308 C C   . ARG A 1 178 ? 10.786  4.032   1.289   1.00 28.91 ? 177 ARG A C   1 
ATOM   1309 O O   . ARG A 1 178 ? 11.016  3.383   2.302   1.00 27.21 ? 177 ARG A O   1 
ATOM   1310 C CB  . ARG A 1 178 ? 12.257  5.968   0.613   1.00 36.16 ? 177 ARG A CB  1 
ATOM   1311 C CG  . ARG A 1 178 ? 12.612  7.468   0.719   1.00 47.37 ? 177 ARG A CG  1 
ATOM   1312 C CD  . ARG A 1 178 ? 11.587  8.386   0.009   1.00 56.14 ? 177 ARG A CD  1 
ATOM   1313 N NE  . ARG A 1 178 ? 11.136  9.541   0.818   1.00 62.96 ? 177 ARG A NE  1 
ATOM   1314 C CZ  . ARG A 1 178 ? 9.885   10.028  0.823   1.00 65.59 ? 177 ARG A CZ  1 
ATOM   1315 N NH1 . ARG A 1 178 ? 8.938   9.465   0.060   1.00 65.72 ? 177 ARG A NH1 1 
ATOM   1316 N NH2 . ARG A 1 178 ? 9.569   11.073  1.593   1.00 66.44 ? 177 ARG A NH2 1 
ATOM   1317 N N   . LYS A 1 179 ? 10.377  3.451   0.173   1.00 26.50 ? 178 LYS A N   1 
ATOM   1318 C CA  . LYS A 1 179 ? 10.288  2.004   0.124   1.00 26.83 ? 178 LYS A CA  1 
ATOM   1319 C C   . LYS A 1 179 ? 11.729  1.525   0.174   1.00 27.28 ? 178 LYS A C   1 
ATOM   1320 O O   . LYS A 1 179 ? 12.612  2.153   -0.409  1.00 27.47 ? 178 LYS A O   1 
ATOM   1321 C CB  . LYS A 1 179 ? 9.646   1.537   -1.182  1.00 24.59 ? 178 LYS A CB  1 
ATOM   1322 C CG  . LYS A 1 179 ? 8.235   1.981   -1.355  1.00 27.67 ? 178 LYS A CG  1 
ATOM   1323 C CD  . LYS A 1 179 ? 7.546   1.253   -2.479  1.00 23.74 ? 178 LYS A CD  1 
ATOM   1324 C CE  . LYS A 1 179 ? 6.070   1.607   -2.489  1.00 24.63 ? 178 LYS A CE  1 
ATOM   1325 N NZ  . LYS A 1 179 ? 5.309   0.699   -3.375  1.00 25.46 ? 178 LYS A NZ  1 
ATOM   1326 N N   . ALA A 1 180 ? 11.978  0.452   0.901   1.00 29.64 ? 179 ALA A N   1 
ATOM   1327 C CA  . ALA A 1 180 ? 13.322  -0.095  1.002   1.00 34.57 ? 179 ALA A CA  1 
ATOM   1328 C C   . ALA A 1 180 ? 13.369  -1.338  0.133   1.00 38.19 ? 179 ALA A C   1 
ATOM   1329 O O   . ALA A 1 180 ? 12.507  -2.208  0.239   1.00 34.65 ? 179 ALA A O   1 
ATOM   1330 C CB  . ALA A 1 180 ? 13.656  -0.452  2.459   1.00 34.98 ? 179 ALA A CB  1 
ATOM   1331 N N   . LEU A 1 181 ? 14.354  -1.393  -0.758  1.00 45.32 ? 180 LEU A N   1 
ATOM   1332 C CA  . LEU A 1 181 ? 14.514  -2.538  -1.648  1.00 49.91 ? 180 LEU A CA  1 
ATOM   1333 C C   . LEU A 1 181 ? 15.322  -3.664  -0.998  1.00 51.74 ? 180 LEU A C   1 
ATOM   1334 O O   . LEU A 1 181 ? 15.913  -3.426  0.086   1.00 53.66 ? 180 LEU A O   1 
ATOM   1335 C CB  . LEU A 1 181 ? 15.172  -2.106  -2.964  1.00 53.90 ? 180 LEU A CB  1 
ATOM   1336 C CG  . LEU A 1 181 ? 14.383  -1.189  -3.917  1.00 57.88 ? 180 LEU A CG  1 
ATOM   1337 C CD1 . LEU A 1 181 ? 14.611  0.294   -3.613  1.00 60.44 ? 180 LEU A CD1 1 
ATOM   1338 C CD2 . LEU A 1 181 ? 14.810  -1.486  -5.353  1.00 60.47 ? 180 LEU A CD2 1 
HETATM 1339 O O   . HOH B 2 .   ? -2.697  -6.982  -2.064  1.00 17.62 ? 184 HOH A O   1 
HETATM 1340 O O   . HOH B 2 .   ? -18.070 7.735   -0.513  1.00 23.08 ? 185 HOH A O   1 
HETATM 1341 O O   . HOH B 2 .   ? 1.435   13.486  5.614   1.00 16.22 ? 186 HOH A O   1 
HETATM 1342 O O   . HOH B 2 .   ? -6.781  -10.139 -2.190  1.00 16.65 ? 187 HOH A O   1 
HETATM 1343 O O   . HOH B 2 .   ? -12.275 -14.482 0.542   1.00 36.76 ? 188 HOH A O   1 
HETATM 1344 O O   . HOH B 2 .   ? -18.162 -10.195 0.272   1.00 38.39 ? 189 HOH A O   1 
HETATM 1345 O O   . HOH B 2 .   ? -10.688 9.412   2.565   1.00 17.79 ? 190 HOH A O   1 
HETATM 1346 O O   . HOH B 2 .   ? -11.611 -12.266 -10.494 1.00 19.97 ? 191 HOH A O   1 
HETATM 1347 O O   . HOH B 2 .   ? 4.802   -1.739  -1.430  1.00 19.02 ? 192 HOH A O   1 
HETATM 1348 O O   . HOH B 2 .   ? -4.690  11.963  -9.557  1.00 18.43 ? 193 HOH A O   1 
HETATM 1349 O O   . HOH B 2 .   ? -9.022  4.134   6.674   1.00 25.57 ? 194 HOH A O   1 
HETATM 1350 O O   . HOH B 2 .   ? -4.059  -1.843  4.532   1.00 27.63 ? 195 HOH A O   1 
HETATM 1351 O O   . HOH B 2 .   ? -6.067  0.546   4.935   1.00 31.40 ? 196 HOH A O   1 
HETATM 1352 O O   . HOH B 2 .   ? -5.343  -13.449 -14.304 1.00 24.27 ? 197 HOH A O   1 
HETATM 1353 O O   . HOH B 2 .   ? -13.880 -12.630 -25.975 1.00 20.55 ? 198 HOH A O   1 
HETATM 1354 O O   . HOH B 2 .   ? -19.026 -1.959  -18.710 1.00 47.86 ? 199 HOH A O   1 
HETATM 1355 O O   . HOH B 2 .   ? -2.305  5.309   -3.842  1.00 33.70 ? 200 HOH A O   1 
HETATM 1356 O O   . HOH B 2 .   ? -23.617 -2.501  -9.427  1.00 26.36 ? 201 HOH A O   1 
HETATM 1357 O O   . HOH B 2 .   ? -16.561 -6.412  -18.690 1.00 28.96 ? 202 HOH A O   1 
HETATM 1358 O O   . HOH B 2 .   ? -16.588 -13.342 -2.097  1.00 36.50 ? 203 HOH A O   1 
HETATM 1359 O O   . HOH B 2 .   ? 5.517   7.456   18.578  1.00 31.30 ? 204 HOH A O   1 
HETATM 1360 O O   . HOH B 2 .   ? -18.099 -13.631 -17.752 1.00 27.27 ? 205 HOH A O   1 
HETATM 1361 O O   . HOH B 2 .   ? -18.802 -10.622 -4.489  1.00 30.80 ? 206 HOH A O   1 
HETATM 1362 O O   . HOH B 2 .   ? 15.594  13.696  7.002   1.00 52.16 ? 207 HOH A O   1 
HETATM 1363 O O   . HOH B 2 .   ? 7.958   14.356  6.740   1.00 19.17 ? 208 HOH A O   1 
HETATM 1364 O O   . HOH B 2 .   ? 26.372  -1.104  15.941  1.00 27.95 ? 209 HOH A O   1 
HETATM 1365 O O   . HOH B 2 .   ? -5.958  -6.783  6.163   1.00 31.21 ? 210 HOH A O   1 
HETATM 1366 O O   . HOH B 2 .   ? 26.203  7.414   9.596   1.00 32.96 ? 211 HOH A O   1 
HETATM 1367 O O   . HOH B 2 .   ? 9.137   5.775   -1.677  1.00 35.39 ? 212 HOH A O   1 
HETATM 1368 O O   . HOH B 2 .   ? -7.583  7.260   4.968   1.00 22.04 ? 213 HOH A O   1 
HETATM 1369 O O   . HOH B 2 .   ? -13.875 -4.254  -19.752 1.00 26.85 ? 214 HOH A O   1 
HETATM 1370 O O   . HOH B 2 .   ? -2.009  -9.416  -2.657  1.00 22.91 ? 215 HOH A O   1 
HETATM 1371 O O   . HOH B 2 .   ? -10.578 6.512   -12.399 1.00 30.41 ? 216 HOH A O   1 
HETATM 1372 O O   . HOH B 2 .   ? -0.331  -2.902  13.997  1.00 28.75 ? 217 HOH A O   1 
HETATM 1373 O O   . HOH B 2 .   ? -13.426 -12.237 -0.852  1.00 24.41 ? 218 HOH A O   1 
HETATM 1374 O O   . HOH B 2 .   ? 27.804  -0.138  22.907  1.00 44.95 ? 219 HOH A O   1 
HETATM 1375 O O   . HOH B 2 .   ? -20.609 7.669   -1.752  1.00 24.44 ? 220 HOH A O   1 
HETATM 1376 O O   . HOH B 2 .   ? 9.802   -6.418  1.252   1.00 24.53 ? 221 HOH A O   1 
HETATM 1377 O O   . HOH B 2 .   ? -3.473  -14.636 -12.795 1.00 51.40 ? 222 HOH A O   1 
HETATM 1378 O O   . HOH B 2 .   ? -9.942  -2.849  -21.732 1.00 25.62 ? 223 HOH A O   1 
HETATM 1379 O O   . HOH B 2 .   ? -11.271 12.176  -10.348 1.00 31.54 ? 224 HOH A O   1 
HETATM 1380 O O   . HOH B 2 .   ? -11.482 3.117   5.974   1.00 27.62 ? 225 HOH A O   1 
HETATM 1381 O O   . HOH B 2 .   ? -4.338  4.245   -4.964  1.00 26.34 ? 226 HOH A O   1 
HETATM 1382 O O   . HOH B 2 .   ? 18.843  9.971   7.803   1.00 39.16 ? 227 HOH A O   1 
HETATM 1383 O O   . HOH B 2 .   ? 10.761  -11.113 11.890  1.00 80.86 ? 228 HOH A O   1 
HETATM 1384 O O   . HOH B 2 .   ? -14.366 -2.720  -29.970 1.00 51.90 ? 229 HOH A O   1 
HETATM 1385 O O   . HOH B 2 .   ? -9.153  9.516   6.825   1.00 33.24 ? 230 HOH A O   1 
HETATM 1386 O O   . HOH B 2 .   ? -20.537 2.359   -6.453  1.00 24.34 ? 231 HOH A O   1 
HETATM 1387 O O   . HOH B 2 .   ? -21.979 -3.849  -11.243 1.00 22.93 ? 232 HOH A O   1 
HETATM 1388 O O   . HOH B 2 .   ? -8.404  9.589   -14.995 1.00 27.93 ? 233 HOH A O   1 
HETATM 1389 O O   . HOH B 2 .   ? -3.415  3.007   8.159   1.00 31.52 ? 234 HOH A O   1 
HETATM 1390 O O   . HOH B 2 .   ? 1.313   11.219  7.921   1.00 22.57 ? 235 HOH A O   1 
HETATM 1391 O O   . HOH B 2 .   ? -14.501 -5.777  5.982   1.00 48.68 ? 236 HOH A O   1 
HETATM 1392 O O   . HOH B 2 .   ? -16.043 -9.751  -23.148 1.00 44.14 ? 237 HOH A O   1 
HETATM 1393 O O   . HOH B 2 .   ? 2.754   12.028  14.694  1.00 31.34 ? 238 HOH A O   1 
HETATM 1394 O O   . HOH B 2 .   ? 17.750  6.795   15.985  1.00 27.13 ? 239 HOH A O   1 
HETATM 1395 O O   . HOH B 2 .   ? 1.830   -8.301  -3.245  1.00 41.28 ? 240 HOH A O   1 
HETATM 1396 O O   . HOH B 2 .   ? -5.400  3.458   13.248  1.00 33.41 ? 241 HOH A O   1 
HETATM 1397 O O   . HOH B 2 .   ? -14.817 7.887   8.380   1.00 50.47 ? 242 HOH A O   1 
HETATM 1398 O O   . HOH B 2 .   ? -15.570 -2.844  5.714   1.00 48.59 ? 243 HOH A O   1 
HETATM 1399 O O   . HOH B 2 .   ? -2.426  -1.515  -22.337 1.00 34.69 ? 244 HOH A O   1 
HETATM 1400 O O   . HOH B 2 .   ? 2.812   -11.812 15.716  1.00 62.14 ? 245 HOH A O   1 
HETATM 1401 O O   . HOH B 2 .   ? 2.772   -2.779  17.069  1.00 36.57 ? 246 HOH A O   1 
HETATM 1402 O O   . HOH B 2 .   ? 9.572   -10.780 9.024   1.00 50.60 ? 247 HOH A O   1 
HETATM 1403 O O   . HOH B 2 .   ? 8.008   18.880  15.981  1.00 55.21 ? 248 HOH A O   1 
HETATM 1404 O O   . HOH B 2 .   ? 2.262   3.822   -3.648  1.00 44.21 ? 249 HOH A O   1 
HETATM 1405 O O   . HOH B 2 .   ? 12.107  19.897  15.059  1.00 77.57 ? 250 HOH A O   1 
HETATM 1406 O O   . HOH B 2 .   ? -11.680 -1.602  7.552   1.00 31.38 ? 251 HOH A O   1 
HETATM 1407 O O   . HOH B 2 .   ? -0.202  1.491   -11.305 1.00 34.10 ? 252 HOH A O   1 
HETATM 1408 O O   . HOH B 2 .   ? 13.367  -3.150  22.290  1.00 70.88 ? 253 HOH A O   1 
HETATM 1409 O O   . HOH B 2 .   ? -1.400  -1.450  -1.983  1.00 18.28 ? 254 HOH A O   1 
HETATM 1410 O O   . HOH B 2 .   ? 8.269   -12.550 12.323  1.00 43.69 ? 255 HOH A O   1 
HETATM 1411 O O   . HOH B 2 .   ? 8.325   11.595  3.803   1.00 32.06 ? 256 HOH A O   1 
HETATM 1412 O O   . HOH B 2 .   ? -11.481 -2.847  -31.772 1.00 62.40 ? 257 HOH A O   1 
HETATM 1413 O O   . HOH B 2 .   ? 11.697  -6.465  22.409  1.00 68.82 ? 258 HOH A O   1 
HETATM 1414 O O   . HOH B 2 .   ? -3.674  -15.835 -4.537  1.00 65.04 ? 259 HOH A O   1 
HETATM 1415 O O   . HOH B 2 .   ? 6.932   -9.126  6.102   1.00 30.84 ? 260 HOH A O   1 
HETATM 1416 O O   . HOH B 2 .   ? -4.270  5.764   -0.904  1.00 40.12 ? 261 HOH A O   1 
HETATM 1417 O O   . HOH B 2 .   ? 14.537  14.769  10.463  1.00 29.49 ? 262 HOH A O   1 
HETATM 1418 O O   . HOH B 2 .   ? -13.419 10.766  3.583   1.00 40.90 ? 263 HOH A O   1 
HETATM 1419 O O   . HOH B 2 .   ? 21.998  -1.566  14.440  1.00 51.34 ? 264 HOH A O   1 
HETATM 1420 O O   . HOH B 2 .   ? 4.012   -8.879  18.033  1.00 69.63 ? 265 HOH A O   1 
HETATM 1421 O O   . HOH B 2 .   ? -12.043 -12.767 -20.577 1.00 27.67 ? 266 HOH A O   1 
HETATM 1422 O O   . HOH B 2 .   ? 15.813  -8.191  10.153  1.00 62.43 ? 267 HOH A O   1 
HETATM 1423 O O   . HOH B 2 .   ? 5.360   -9.379  15.385  1.00 55.76 ? 268 HOH A O   1 
HETATM 1424 O O   . HOH B 2 .   ? 1.491   1.352   24.447  1.00 78.17 ? 269 HOH A O   1 
HETATM 1425 O O   . HOH B 2 .   ? 0.488   9.259   9.684   1.00 26.77 ? 270 HOH A O   1 
HETATM 1426 O O   . HOH B 2 .   ? 23.387  -1.451  12.025  1.00 30.83 ? 271 HOH A O   1 
HETATM 1427 O O   . HOH B 2 .   ? 2.503   -8.547  15.031  1.00 56.00 ? 272 HOH A O   1 
HETATM 1428 O O   . HOH B 2 .   ? 2.137   -3.832  14.707  1.00 29.55 ? 273 HOH A O   1 
HETATM 1429 O O   . HOH B 2 .   ? 7.108   15.037  0.988   1.00 37.99 ? 274 HOH A O   1 
HETATM 1430 O O   . HOH B 2 .   ? -22.373 -2.204  -13.128 1.00 31.71 ? 275 HOH A O   1 
HETATM 1431 O O   . HOH B 2 .   ? -14.282 4.372   8.130   1.00 44.51 ? 276 HOH A O   1 
HETATM 1432 O O   . HOH B 2 .   ? 26.333  7.739   14.386  1.00 52.68 ? 277 HOH A O   1 
HETATM 1433 O O   . HOH B 2 .   ? -15.944 -15.061 -5.660  1.00 20.25 ? 278 HOH A O   1 
HETATM 1434 O O   . HOH B 2 .   ? -2.536  -7.967  9.037   1.00 33.03 ? 279 HOH A O   1 
HETATM 1435 O O   . HOH B 2 .   ? -5.809  9.103   -13.487 1.00 39.19 ? 280 HOH A O   1 
HETATM 1436 O O   . HOH B 2 .   ? -5.181  -6.706  9.683   1.00 69.74 ? 281 HOH A O   1 
HETATM 1437 O O   . HOH B 2 .   ? 10.886  -7.321  3.504   1.00 62.16 ? 282 HOH A O   1 
HETATM 1438 O O   . HOH B 2 .   ? -23.395 -5.101  -20.033 1.00 44.14 ? 283 HOH A O   1 
HETATM 1439 O O   . HOH B 2 .   ? 16.711  7.897   1.453   1.00 61.80 ? 284 HOH A O   1 
HETATM 1440 O O   . HOH B 2 .   ? 6.456   9.601   3.028   1.00 27.91 ? 285 HOH A O   1 
HETATM 1441 O O   . HOH B 2 .   ? -3.611  -11.449 -3.518  1.00 37.32 ? 286 HOH A O   1 
HETATM 1442 O O   . HOH B 2 .   ? -19.777 -1.134  -15.284 1.00 52.89 ? 287 HOH A O   1 
HETATM 1443 O O   . HOH B 2 .   ? 18.381  13.626  2.478   1.00 74.88 ? 288 HOH A O   1 
HETATM 1444 O O   . HOH B 2 .   ? 0.156   -2.284  -21.857 1.00 27.76 ? 289 HOH A O   1 
HETATM 1445 O O   . HOH B 2 .   ? 0.692   20.990  2.521   1.00 36.92 ? 290 HOH A O   1 
HETATM 1446 O O   . HOH B 2 .   ? 21.764  11.460  13.432  1.00 40.70 ? 291 HOH A O   1 
HETATM 1447 O O   . HOH B 2 .   ? -23.354 -3.260  -5.397  1.00 47.62 ? 292 HOH A O   1 
HETATM 1448 O O   . HOH B 2 .   ? -5.016  -4.399  4.898   1.00 55.47 ? 293 HOH A O   1 
HETATM 1449 O O   . HOH B 2 .   ? 30.241  7.030   15.837  1.00 37.00 ? 294 HOH A O   1 
HETATM 1450 O O   . HOH B 2 .   ? -21.654 4.524   -7.806  1.00 51.28 ? 295 HOH A O   1 
HETATM 1451 O O   . HOH B 2 .   ? -6.357  4.549   -14.086 1.00 36.94 ? 296 HOH A O   1 
HETATM 1452 O O   . HOH B 2 .   ? -5.317  -16.826 -7.844  1.00 59.12 ? 297 HOH A O   1 
HETATM 1453 O O   . HOH B 2 .   ? 0.207   -10.233 -1.709  1.00 41.15 ? 298 HOH A O   1 
HETATM 1454 O O   . HOH B 2 .   ? -18.890 -6.370  -19.548 1.00 52.33 ? 299 HOH A O   1 
HETATM 1455 O O   . HOH B 2 .   ? -19.790 -11.970 -15.196 1.00 32.82 ? 300 HOH A O   1 
HETATM 1456 O O   . HOH B 2 .   ? -1.823  -5.979  15.786  1.00 64.37 ? 301 HOH A O   1 
HETATM 1457 O O   . HOH B 2 .   ? -12.740 -3.323  5.757   1.00 28.51 ? 302 HOH A O   1 
HETATM 1458 O O   . HOH B 2 .   ? -0.547  -1.024  -8.961  1.00 43.50 ? 303 HOH A O   1 
HETATM 1459 O O   . HOH B 2 .   ? 4.739   19.523  -1.023  1.00 31.28 ? 304 HOH A O   1 
HETATM 1460 O O   . HOH B 2 .   ? -11.279 -10.710 -16.151 1.00 19.62 ? 305 HOH A O   1 
HETATM 1461 O O   . HOH B 2 .   ? -1.214  2.379   26.162  1.00 31.75 ? 306 HOH A O   1 
HETATM 1462 O O   . HOH B 2 .   ? -1.755  -10.970 12.236  1.00 43.45 ? 307 HOH A O   1 
HETATM 1463 O O   . HOH B 2 .   ? -22.196 8.950   0.243   1.00 30.80 ? 308 HOH A O   1 
HETATM 1464 O O   . HOH B 2 .   ? 8.506   -9.318  17.380  1.00 48.37 ? 309 HOH A O   1 
HETATM 1465 O O   . HOH B 2 .   ? -6.748  6.449   8.356   1.00 38.80 ? 310 HOH A O   1 
HETATM 1466 O O   . HOH B 2 .   ? 9.549   -9.275  4.732   1.00 34.98 ? 311 HOH A O   1 
HETATM 1467 O O   . HOH B 2 .   ? -13.901 -9.842  0.163   1.00 39.39 ? 312 HOH A O   1 
HETATM 1468 O O   . HOH B 2 .   ? 6.567   14.163  18.170  1.00 58.76 ? 313 HOH A O   1 
HETATM 1469 O O   . HOH B 2 .   ? 21.927  6.400   5.516   1.00 56.39 ? 314 HOH A O   1 
HETATM 1470 O O   . HOH B 2 .   ? -15.508 12.055  -6.288  1.00 54.82 ? 315 HOH A O   1 
HETATM 1471 O O   . HOH B 2 .   ? -25.222 -2.894  -20.580 1.00 48.57 ? 316 HOH A O   1 
HETATM 1472 O O   . HOH B 2 .   ? 6.092   -12.073 17.618  1.00 46.81 ? 317 HOH A O   1 
HETATM 1473 O O   . HOH B 2 .   ? -11.769 17.336  -6.858  1.00 50.75 ? 318 HOH A O   1 
HETATM 1474 O O   . HOH B 2 .   ? 19.601  8.243   1.984   1.00 48.24 ? 319 HOH A O   1 
HETATM 1475 O O   . HOH B 2 .   ? 4.623   -5.424  -9.663  1.00 62.07 ? 320 HOH A O   1 
HETATM 1476 O O   . HOH B 2 .   ? 3.171   11.906  10.654  1.00 23.85 ? 321 HOH A O   1 
HETATM 1477 O O   . HOH B 2 .   ? 11.899  -9.028  15.354  1.00 61.90 ? 322 HOH A O   1 
HETATM 1478 O O   . HOH B 2 .   ? 1.844   -11.721 -7.480  1.00 56.90 ? 323 HOH A O   1 
HETATM 1479 O O   . HOH B 2 .   ? -0.660  19.557  5.302   1.00 50.18 ? 324 HOH A O   1 
HETATM 1480 O O   . HOH B 2 .   ? 21.786  11.343  7.434   1.00 71.25 ? 325 HOH A O   1 
HETATM 1481 O O   . HOH B 2 .   ? -4.712  17.109  -5.506  1.00 66.94 ? 326 HOH A O   1 
HETATM 1482 O O   . HOH B 2 .   ? -2.457  -1.432  -18.422 1.00 48.86 ? 327 HOH A O   1 
HETATM 1483 O O   . HOH B 2 .   ? 19.569  -1.908  16.913  1.00 66.37 ? 328 HOH A O   1 
HETATM 1484 O O   . HOH B 2 .   ? -16.026 -6.232  -23.788 1.00 47.63 ? 329 HOH A O   1 
HETATM 1485 O O   . HOH B 2 .   ? 11.838  14.252  3.859   1.00 46.45 ? 330 HOH A O   1 
HETATM 1486 O O   . HOH B 2 .   ? -5.667  0.884   10.548  1.00 61.11 ? 331 HOH A O   1 
HETATM 1487 O O   . HOH B 2 .   ? -12.851 14.099  -4.383  1.00 56.60 ? 332 HOH A O   1 
HETATM 1488 O O   . HOH B 2 .   ? 12.572  3.842   -2.591  1.00 52.12 ? 333 HOH A O   1 
HETATM 1489 O O   . HOH B 2 .   ? 14.911  1.350   20.848  1.00 38.25 ? 334 HOH A O   1 
HETATM 1490 O O   . HOH B 2 .   ? -5.259  -9.178  -30.162 1.00 24.33 ? 335 HOH A O   1 
HETATM 1491 O O   . HOH B 2 .   ? -0.630  6.645   -5.323  1.00 40.28 ? 336 HOH A O   1 
HETATM 1492 O O   . HOH B 2 .   ? 14.308  -4.833  17.504  1.00 40.50 ? 337 HOH A O   1 
HETATM 1493 O O   . HOH B 2 .   ? -18.381 -9.403  3.627   1.00 49.58 ? 338 HOH A O   1 
HETATM 1494 O O   . HOH B 2 .   ? -21.973 -12.939 -17.870 1.00 49.01 ? 339 HOH A O   1 
HETATM 1495 O O   . HOH B 2 .   ? -27.361 -5.752  -15.697 1.00 70.51 ? 340 HOH A O   1 
HETATM 1496 O O   . HOH B 2 .   ? -10.247 14.324  -8.056  1.00 32.95 ? 341 HOH A O   1 
HETATM 1497 O O   . HOH B 2 .   ? -10.016 1.146   9.778   1.00 52.50 ? 342 HOH A O   1 
HETATM 1498 O O   . HOH B 2 .   ? -7.688  -18.009 -6.477  1.00 45.02 ? 343 HOH A O   1 
HETATM 1499 O O   . HOH B 2 .   ? 5.191   -9.085  -3.745  1.00 44.01 ? 344 HOH A O   1 
HETATM 1500 O O   . HOH B 2 .   ? 12.095  -4.655  0.726   1.00 39.01 ? 345 HOH A O   1 
HETATM 1501 O O   . HOH B 2 .   ? -11.578 -15.152 3.969   1.00 58.04 ? 346 HOH A O   1 
HETATM 1502 O O   . HOH B 2 .   ? 12.868  17.373  11.946  1.00 40.46 ? 347 HOH A O   1 
HETATM 1503 O O   . HOH B 2 .   ? -20.209 9.668   -3.354  1.00 58.01 ? 348 HOH A O   1 
HETATM 1504 O O   . HOH B 2 .   ? -1.916  -7.458  -20.215 1.00 28.42 ? 349 HOH A O   1 
HETATM 1505 O O   . HOH B 2 .   ? -23.615 1.070   -8.726  1.00 37.39 ? 350 HOH A O   1 
HETATM 1506 O O   . HOH B 2 .   ? 11.583  -9.882  7.155   1.00 42.06 ? 351 HOH A O   1 
HETATM 1507 O O   . HOH B 2 .   ? -1.671  -2.947  5.789   1.00 54.41 ? 352 HOH A O   1 
HETATM 1508 O O   . HOH B 2 .   ? 11.867  -5.715  15.532  1.00 35.32 ? 353 HOH A O   1 
# 
